data_8GB5
#
_entry.id   8GB5
#
_cell.length_a   92.485
_cell.length_b   105.824
_cell.length_c   118.179
_cell.angle_alpha   83.08
_cell.angle_beta   67.47
_cell.angle_gamma   64.04
#
_symmetry.space_group_name_H-M   'P 1'
#
loop_
_entity.id
_entity.type
_entity.pdbx_description
1 polymer 'Spike protein S1'
2 polymer '25F9 Heavy chain'
3 polymer '25F9 Light chain'
4 branched beta-D-mannopyranose-(1-4)-2-acetamido-2-deoxy-beta-D-glucopyranose-(1-4)-2-acetamido-2-deoxy-beta-D-glucopyranose
5 branched alpha-D-mannopyranose-(1-3)-[alpha-D-mannopyranose-(1-6)]beta-D-mannopyranose-(1-4)-2-acetamido-2-deoxy-beta-D-glucopyranose-(1-4)-2-acetamido-2-deoxy-beta-D-glucopyranose
6 branched beta-D-mannopyranose-(1-4)-2-acetamido-2-deoxy-beta-D-glucopyranose-(1-4)-[alpha-L-fucopyranose-(1-6)]2-acetamido-2-deoxy-beta-D-glucopyranose
7 non-polymer 'SULFATE ION'
8 non-polymer BICINE
9 non-polymer GLYCEROL
10 water water
#
loop_
_entity_poly.entity_id
_entity_poly.type
_entity_poly.pdbx_seq_one_letter_code
_entity_poly.pdbx_strand_id
1 'polypeptide(L)'
;TNLCPFGEVFNATRFASVYAWNRKRISNCVADYSVLYNSASFSTFKCYGVSPTKLNDLCFTNVYADSFVIRGDEVRQIAP
GQTGKIADYNYKLPDDFTGCVIAWNSNNLDSKVGGNYNYLYRLFRKSNLKPFERDISTEIYQAGSTPCNGVEGFNCYFPL
QSYGFQPTNGVGYQPYRVVVLSFELLHAPATVCGPKKSGHHHHHH
;
A,D,G,J
2 'polypeptide(L)'
;EVQLVESGGGLVQPGGSLRLSCSASGFRFSDYWINWVRQAPGKGLEWVGFIKTKADFGTPAYAESVKGRFSISRDDSKNT
VYLQMNSLKTEDTAVYYCTRDRGILEWLIIEAGWFDVWGPGVLVTVSSASTKGPSVFPLAPSSKSTSGGTAALGCLVKDY
FPEPVTVSWNSGALTSGVHTFPAVLQSSGLYSLSSVVTVPSSSLGTQTYICNVNHKPSNTKVDKRVEPKSC
;
B,F,I,L
3 'polypeptide(L)'
;QSVLTQPPSASGAPGQRVTISCTGSSSNIGAGHYVSWYQQLPGTAPKLLIHENDKRPSGVSDRFSGSRSGASASLTITGL
QSGDEADYYCSVWDRSLNTLFGGGTRVTVLGQPKAAPSVTLFPPSSEELQANKATLVCLISDFYPGAVTVAWKADSSPVK
AGVETTTPSKQSNNKYAASSYLSLTPEQWKSHRSYSCQVTHEGSTVEKTVAPTECS
;
C,E,H,K
#
# COMPACT_ATOMS: atom_id res chain seq x y z
N THR A 1 62.49 52.67 8.36
CA THR A 1 63.10 51.61 7.57
C THR A 1 62.89 50.24 8.22
N ASN A 2 63.46 49.20 7.58
CA ASN A 2 63.42 47.82 8.07
C ASN A 2 62.02 47.22 8.02
N LEU A 3 61.95 45.92 7.80
CA LEU A 3 60.67 45.26 7.57
C LEU A 3 59.77 45.34 8.80
N CYS A 4 58.47 45.38 8.55
CA CYS A 4 57.51 45.51 9.65
C CYS A 4 57.46 44.21 10.45
N PRO A 5 57.49 44.29 11.78
CA PRO A 5 57.55 43.06 12.63
C PRO A 5 56.19 42.37 12.79
N PHE A 6 55.79 41.66 11.75
CA PHE A 6 54.57 40.87 11.79
C PHE A 6 54.74 39.54 12.49
N GLY A 7 55.98 39.14 12.81
CA GLY A 7 56.20 37.82 13.36
C GLY A 7 55.54 37.61 14.70
N GLU A 8 55.69 38.58 15.60
CA GLU A 8 55.17 38.41 16.96
C GLU A 8 53.66 38.44 17.03
N VAL A 9 52.98 38.80 15.93
CA VAL A 9 51.53 38.79 15.90
C VAL A 9 50.99 37.48 15.33
N PHE A 10 51.57 37.00 14.24
CA PHE A 10 51.09 35.79 13.58
C PHE A 10 51.74 34.52 14.13
N ASN A 11 53.02 34.57 14.46
CA ASN A 11 53.75 33.41 14.96
C ASN A 11 53.67 33.27 16.47
N ALA A 12 52.89 34.12 17.15
CA ALA A 12 52.85 34.11 18.60
C ALA A 12 52.37 32.77 19.12
N THR A 13 52.94 32.34 20.25
CA THR A 13 52.59 31.06 20.83
C THR A 13 51.13 31.01 21.27
N ARG A 14 50.68 32.07 21.94
CA ARG A 14 49.33 32.12 22.50
C ARG A 14 48.50 33.17 21.79
N PHE A 15 47.20 32.87 21.65
CA PHE A 15 46.22 33.80 21.10
C PHE A 15 45.12 34.01 22.12
N ALA A 16 44.59 35.24 22.14
CA ALA A 16 43.55 35.58 23.09
C ALA A 16 42.20 35.03 22.66
N SER A 17 41.27 35.01 23.60
CA SER A 17 39.89 34.66 23.29
C SER A 17 39.23 35.81 22.51
N VAL A 18 38.14 35.47 21.83
CA VAL A 18 37.48 36.45 20.96
C VAL A 18 36.91 37.60 21.77
N TYR A 19 36.42 37.34 22.98
CA TYR A 19 35.85 38.40 23.79
C TYR A 19 36.90 39.28 24.44
N ALA A 20 38.16 38.84 24.45
CA ALA A 20 39.26 39.65 24.99
C ALA A 20 40.34 39.78 23.93
N TRP A 21 39.94 40.09 22.71
CA TRP A 21 40.85 40.12 21.56
C TRP A 21 42.01 41.06 21.81
N ASN A 22 43.20 40.67 21.35
CA ASN A 22 44.40 41.46 21.58
C ASN A 22 44.63 42.45 20.44
N ARG A 23 45.14 43.63 20.80
CA ARG A 23 45.42 44.68 19.83
C ARG A 23 46.89 45.08 19.91
N LYS A 24 47.51 45.26 18.74
CA LYS A 24 48.91 45.63 18.62
C LYS A 24 49.03 46.78 17.63
N ARG A 25 49.80 47.80 18.00
CA ARG A 25 50.05 48.95 17.14
C ARG A 25 51.35 48.74 16.39
N ILE A 26 51.31 48.90 15.06
CA ILE A 26 52.48 48.75 14.21
C ILE A 26 52.68 50.04 13.44
N SER A 27 53.92 50.54 13.44
CA SER A 27 54.26 51.81 12.83
C SER A 27 55.77 51.86 12.65
N ASN A 28 56.22 52.86 11.88
CA ASN A 28 57.64 53.12 11.66
C ASN A 28 58.36 51.92 11.05
N CYS A 29 57.77 51.35 10.02
CA CYS A 29 58.40 50.25 9.30
C CYS A 29 57.78 50.13 7.92
N VAL A 30 58.48 49.44 7.03
CA VAL A 30 57.98 49.15 5.69
C VAL A 30 57.27 47.80 5.71
N ALA A 31 56.08 47.76 5.13
CA ALA A 31 55.25 46.56 5.13
C ALA A 31 55.26 45.94 3.73
N ASP A 32 55.72 44.70 3.63
CA ASP A 32 55.73 43.95 2.38
C ASP A 32 54.67 42.85 2.51
N TYR A 33 53.48 43.12 1.97
CA TYR A 33 52.37 42.19 2.14
C TYR A 33 52.51 40.93 1.29
N SER A 34 53.32 40.98 0.22
CA SER A 34 53.58 39.76 -0.53
C SER A 34 54.33 38.74 0.32
N VAL A 35 55.34 39.20 1.07
CA VAL A 35 56.08 38.32 1.96
C VAL A 35 55.17 37.76 3.04
N LEU A 36 54.30 38.61 3.60
CA LEU A 36 53.36 38.13 4.61
C LEU A 36 52.40 37.10 4.03
N TYR A 37 51.93 37.32 2.81
CA TYR A 37 51.02 36.37 2.18
C TYR A 37 51.70 35.04 1.92
N ASN A 38 52.94 35.06 1.46
CA ASN A 38 53.66 33.83 1.14
C ASN A 38 54.39 33.24 2.35
N SER A 39 54.29 33.88 3.52
CA SER A 39 54.97 33.37 4.71
C SER A 39 54.38 32.07 5.21
N ALA A 40 53.14 31.76 4.84
CA ALA A 40 52.48 30.53 5.30
C ALA A 40 51.35 30.21 4.32
N SER A 41 50.53 29.23 4.68
CA SER A 41 49.37 28.84 3.87
C SER A 41 48.11 29.21 4.66
N PHE A 42 47.60 30.42 4.40
CA PHE A 42 46.43 30.90 5.10
C PHE A 42 45.15 30.37 4.46
N SER A 43 44.10 30.29 5.26
CA SER A 43 42.81 29.85 4.77
C SER A 43 41.98 30.99 4.18
N THR A 44 42.14 32.21 4.71
CA THR A 44 41.42 33.37 4.22
C THR A 44 42.34 34.59 4.27
N PHE A 45 42.39 35.33 3.16
CA PHE A 45 43.15 36.58 3.06
C PHE A 45 42.31 37.52 2.20
N LYS A 46 41.47 38.33 2.83
CA LYS A 46 40.50 39.16 2.12
C LYS A 46 40.64 40.60 2.57
N CYS A 47 40.79 41.51 1.60
CA CYS A 47 40.99 42.93 1.90
C CYS A 47 39.74 43.72 1.53
N TYR A 48 39.26 44.50 2.49
CA TYR A 48 38.05 45.30 2.34
C TYR A 48 38.42 46.77 2.23
N GLY A 49 37.83 47.45 1.23
CA GLY A 49 37.99 48.88 1.08
C GLY A 49 39.27 49.31 0.38
N VAL A 50 40.20 48.39 0.14
CA VAL A 50 41.46 48.71 -0.51
C VAL A 50 41.79 47.59 -1.50
N SER A 51 42.24 47.98 -2.68
CA SER A 51 42.62 46.99 -3.69
C SER A 51 43.90 46.28 -3.28
N PRO A 52 43.96 44.96 -3.37
CA PRO A 52 45.21 44.26 -3.01
C PRO A 52 46.33 44.46 -4.02
N THR A 53 46.01 44.76 -5.28
CA THR A 53 47.06 45.04 -6.26
C THR A 53 47.82 46.30 -5.87
N LYS A 54 47.13 47.32 -5.41
CA LYS A 54 47.76 48.56 -4.95
C LYS A 54 47.91 48.49 -3.43
N LEU A 55 48.85 47.66 -2.99
CA LEU A 55 49.11 47.49 -1.57
C LEU A 55 50.55 47.79 -1.17
N ASN A 56 51.51 47.43 -2.01
CA ASN A 56 52.91 47.75 -1.75
C ASN A 56 53.28 49.16 -2.18
N ASP A 57 52.28 49.99 -2.52
CA ASP A 57 52.52 51.34 -2.97
C ASP A 57 51.89 52.41 -2.07
N LEU A 58 51.17 52.01 -1.03
CA LEU A 58 50.42 52.96 -0.23
C LEU A 58 51.22 53.41 1.00
N CYS A 59 50.62 54.30 1.78
CA CYS A 59 51.21 54.79 3.02
C CYS A 59 50.07 55.06 3.99
N PHE A 60 50.32 54.77 5.27
CA PHE A 60 49.32 54.99 6.31
C PHE A 60 50.01 55.52 7.57
N THR A 61 49.23 56.23 8.39
CA THR A 61 49.75 56.73 9.65
C THR A 61 50.11 55.58 10.58
N ASN A 62 49.22 54.60 10.72
CA ASN A 62 49.44 53.47 11.61
C ASN A 62 48.69 52.25 11.08
N VAL A 63 49.05 51.08 11.60
CA VAL A 63 48.25 49.89 11.38
C VAL A 63 48.01 49.21 12.71
N TYR A 64 46.85 48.56 12.83
CA TYR A 64 46.47 47.90 14.07
C TYR A 64 46.14 46.45 13.78
N ALA A 65 46.78 45.54 14.51
CA ALA A 65 46.56 44.11 14.38
C ALA A 65 45.73 43.61 15.55
N ASP A 66 44.56 43.05 15.24
CA ASP A 66 43.68 42.48 16.25
C ASP A 66 43.68 40.97 16.07
N SER A 67 44.08 40.26 17.13
CA SER A 67 44.26 38.81 17.08
C SER A 67 43.32 38.13 18.07
N PHE A 68 42.73 37.02 17.63
CA PHE A 68 41.87 36.22 18.49
C PHE A 68 41.66 34.84 17.85
N VAL A 69 40.85 34.02 18.51
CA VAL A 69 40.55 32.66 18.08
C VAL A 69 39.04 32.47 18.09
N ILE A 70 38.51 31.95 16.97
CA ILE A 70 37.09 31.65 16.86
C ILE A 70 36.95 30.25 16.30
N ARG A 71 35.72 29.84 15.99
CA ARG A 71 35.50 28.57 15.29
C ARG A 71 35.25 28.83 13.82
N GLY A 72 35.34 27.77 13.03
CA GLY A 72 35.30 27.85 11.58
C GLY A 72 34.12 28.59 10.99
N ASP A 73 32.91 28.13 11.26
CA ASP A 73 31.73 28.72 10.63
C ASP A 73 31.46 30.14 11.12
N GLU A 74 32.15 30.60 12.15
CA GLU A 74 32.05 31.98 12.61
C GLU A 74 32.95 32.93 11.83
N VAL A 75 33.83 32.41 10.97
CA VAL A 75 34.74 33.29 10.23
C VAL A 75 33.96 34.24 9.33
N ARG A 76 32.79 33.81 8.85
CA ARG A 76 31.96 34.69 8.03
C ARG A 76 31.52 35.94 8.79
N GLN A 77 31.49 35.90 10.12
CA GLN A 77 31.08 37.06 10.91
C GLN A 77 32.16 38.10 11.04
N ILE A 78 33.40 37.80 10.67
CA ILE A 78 34.48 38.79 10.70
C ILE A 78 34.49 39.48 9.34
N ALA A 79 33.61 40.47 9.19
CA ALA A 79 33.46 41.23 7.97
C ALA A 79 32.51 42.40 8.23
N PRO A 80 32.61 43.50 7.48
CA PRO A 80 31.67 44.61 7.67
C PRO A 80 30.24 44.18 7.43
N GLY A 81 29.33 44.70 8.26
CA GLY A 81 27.92 44.42 8.10
C GLY A 81 27.52 42.97 8.29
N GLN A 82 28.08 42.31 9.30
CA GLN A 82 27.75 40.93 9.62
C GLN A 82 27.08 40.86 10.98
N THR A 83 26.18 39.89 11.13
CA THR A 83 25.46 39.67 12.38
C THR A 83 25.77 38.27 12.91
N GLY A 84 25.40 38.05 14.16
CA GLY A 84 25.69 36.81 14.86
C GLY A 84 26.22 37.10 16.25
N LYS A 85 26.45 36.00 16.98
CA LYS A 85 26.93 36.14 18.36
C LYS A 85 28.29 36.84 18.40
N ILE A 86 29.20 36.42 17.54
CA ILE A 86 30.55 37.00 17.54
C ILE A 86 30.51 38.44 17.05
N ALA A 87 29.74 38.70 15.99
CA ALA A 87 29.72 40.03 15.39
C ALA A 87 28.93 41.04 16.22
N ASP A 88 28.19 40.59 17.24
CA ASP A 88 27.41 41.50 18.07
C ASP A 88 27.90 41.61 19.50
N TYR A 89 28.46 40.54 20.07
CA TYR A 89 28.84 40.54 21.47
C TYR A 89 30.33 40.47 21.73
N ASN A 90 31.13 40.10 20.73
CA ASN A 90 32.56 39.89 20.94
C ASN A 90 33.43 40.83 20.13
N TYR A 91 33.24 40.90 18.81
CA TYR A 91 34.10 41.71 17.95
C TYR A 91 33.26 42.28 16.82
N LYS A 92 33.30 43.60 16.66
CA LYS A 92 32.49 44.31 15.68
C LYS A 92 33.37 45.15 14.76
N LEU A 93 33.07 45.11 13.47
CA LEU A 93 33.73 45.93 12.45
C LEU A 93 32.77 46.98 11.90
N PRO A 94 33.27 48.15 11.50
CA PRO A 94 32.40 49.17 10.92
C PRO A 94 32.01 48.83 9.50
N ASP A 95 30.93 49.47 9.04
CA ASP A 95 30.47 49.26 7.67
C ASP A 95 31.50 49.73 6.66
N ASP A 96 32.23 50.80 6.98
CA ASP A 96 33.24 51.37 6.10
C ASP A 96 34.65 50.92 6.49
N PHE A 97 34.79 49.69 6.93
CA PHE A 97 36.10 49.17 7.31
C PHE A 97 37.06 49.17 6.12
N THR A 98 38.27 49.64 6.36
CA THR A 98 39.34 49.60 5.37
C THR A 98 40.53 48.86 5.97
N GLY A 99 40.89 47.73 5.37
CA GLY A 99 41.95 46.90 5.93
C GLY A 99 41.93 45.53 5.30
N CYS A 100 42.49 44.56 6.02
CA CYS A 100 42.55 43.19 5.54
C CYS A 100 42.35 42.21 6.68
N VAL A 101 41.54 41.18 6.43
CA VAL A 101 41.28 40.11 7.40
C VAL A 101 42.00 38.86 6.94
N ILE A 102 42.76 38.25 7.85
CA ILE A 102 43.48 37.01 7.59
C ILE A 102 43.06 35.99 8.63
N ALA A 103 42.87 34.75 8.19
CA ALA A 103 42.44 33.69 9.09
C ALA A 103 43.06 32.38 8.63
N TRP A 104 43.44 31.54 9.60
CA TRP A 104 44.00 30.24 9.24
C TRP A 104 43.60 29.19 10.28
N ASN A 105 43.53 27.95 9.82
CA ASN A 105 43.16 26.83 10.68
C ASN A 105 44.27 26.56 11.69
N SER A 106 43.87 26.28 12.93
CA SER A 106 44.81 26.05 14.03
C SER A 106 44.37 24.87 14.88
N ASN A 107 43.97 23.78 14.23
CA ASN A 107 43.56 22.59 14.98
C ASN A 107 44.74 21.97 15.71
N ASN A 108 45.93 22.01 15.11
CA ASN A 108 47.10 21.39 15.72
C ASN A 108 47.60 22.14 16.95
N LEU A 109 47.09 23.34 17.21
CA LEU A 109 47.55 24.14 18.34
C LEU A 109 46.48 24.39 19.40
N ASP A 110 45.20 24.41 19.02
CA ASP A 110 44.13 24.80 19.94
C ASP A 110 43.08 23.71 20.09
N SER A 111 43.45 22.45 19.86
CA SER A 111 42.55 21.33 20.05
C SER A 111 43.21 20.31 20.97
N LYS A 112 42.52 19.94 22.03
CA LYS A 112 43.01 18.98 23.01
C LYS A 112 42.00 17.87 23.20
N VAL A 113 42.50 16.71 23.63
CA VAL A 113 41.62 15.59 23.92
C VAL A 113 40.72 15.94 25.09
N GLY A 114 39.41 15.70 24.92
CA GLY A 114 38.43 16.15 25.88
C GLY A 114 38.00 17.59 25.73
N GLY A 115 38.49 18.28 24.71
CA GLY A 115 38.12 19.66 24.46
C GLY A 115 39.05 20.64 25.16
N ASN A 116 39.16 21.83 24.55
CA ASN A 116 39.92 22.94 25.14
C ASN A 116 38.93 23.95 25.68
N TYR A 117 38.86 24.06 27.01
CA TYR A 117 37.93 24.94 27.68
C TYR A 117 38.55 26.27 28.07
N ASN A 118 39.81 26.52 27.69
CA ASN A 118 40.47 27.78 27.99
C ASN A 118 39.99 28.93 27.12
N TYR A 119 39.27 28.65 26.04
CA TYR A 119 38.77 29.68 25.13
C TYR A 119 37.29 29.91 25.39
N LEU A 120 36.93 31.16 25.64
CA LEU A 120 35.56 31.54 25.96
C LEU A 120 35.04 32.56 24.96
N TYR A 121 33.72 32.72 24.96
CA TYR A 121 33.08 33.76 24.15
C TYR A 121 31.85 34.26 24.90
N ARG A 122 31.53 35.54 24.69
CA ARG A 122 30.37 36.13 25.33
C ARG A 122 29.09 35.61 24.69
N LEU A 123 28.13 35.23 25.53
CA LEU A 123 26.86 34.67 25.07
C LEU A 123 25.68 35.62 25.23
N PHE A 124 25.58 36.31 26.37
CA PHE A 124 24.46 37.21 26.64
C PHE A 124 24.99 38.62 26.83
N ARG A 125 24.25 39.59 26.30
CA ARG A 125 24.57 41.00 26.50
C ARG A 125 23.31 41.83 26.32
N LYS A 126 23.24 42.94 27.05
CA LYS A 126 22.06 43.80 26.97
C LYS A 126 22.00 44.57 25.65
N SER A 127 23.16 44.98 25.13
CA SER A 127 23.22 45.79 23.92
C SER A 127 24.37 45.32 23.05
N ASN A 128 24.25 45.62 21.76
CA ASN A 128 25.29 45.24 20.80
C ASN A 128 26.56 46.07 21.03
N LEU A 129 27.67 45.55 20.52
CA LEU A 129 28.94 46.25 20.60
C LEU A 129 29.06 47.31 19.52
N LYS A 130 29.58 48.48 19.91
CA LYS A 130 29.97 49.47 18.92
C LYS A 130 31.19 48.96 18.15
N PRO A 131 31.44 49.50 16.95
CA PRO A 131 32.59 49.04 16.18
C PRO A 131 33.88 49.19 16.96
N PHE A 132 34.71 48.15 16.90
CA PHE A 132 36.00 48.08 17.60
C PHE A 132 35.86 48.26 19.11
N GLU A 133 34.75 47.80 19.67
CA GLU A 133 34.56 47.81 21.12
C GLU A 133 35.06 46.49 21.71
N ARG A 134 35.68 46.59 22.88
CA ARG A 134 36.17 45.43 23.60
C ARG A 134 35.49 45.37 24.96
N ASP A 135 34.80 44.27 25.24
CA ASP A 135 34.06 44.08 26.48
C ASP A 135 34.67 42.89 27.22
N ILE A 136 35.09 43.12 28.46
CA ILE A 136 35.62 42.07 29.32
C ILE A 136 34.84 41.94 30.61
N SER A 137 33.66 42.54 30.69
CA SER A 137 32.85 42.49 31.89
C SER A 137 32.37 41.07 32.16
N THR A 138 32.26 40.73 33.44
CA THR A 138 31.84 39.41 33.88
C THR A 138 30.60 39.45 34.76
N GLU A 139 29.84 40.54 34.70
CA GLU A 139 28.65 40.68 35.54
C GLU A 139 27.59 39.65 35.17
N ILE A 140 26.82 39.23 36.17
CA ILE A 140 25.75 38.26 35.95
C ILE A 140 24.67 38.88 35.08
N TYR A 141 24.24 38.14 34.05
CA TYR A 141 23.24 38.62 33.10
C TYR A 141 21.84 38.36 33.64
N GLN A 142 21.01 39.40 33.61
CA GLN A 142 19.64 39.30 34.09
C GLN A 142 18.72 38.91 32.94
N ALA A 143 18.03 37.78 33.09
CA ALA A 143 17.15 37.26 32.05
C ALA A 143 15.68 37.55 32.31
N GLY A 144 15.21 37.32 33.54
CA GLY A 144 13.83 37.54 33.89
C GLY A 144 13.57 38.91 34.49
N SER A 145 12.35 39.08 35.00
CA SER A 145 11.97 40.32 35.66
C SER A 145 12.57 40.46 37.04
N THR A 146 12.94 39.36 37.68
CA THR A 146 13.51 39.44 39.02
C THR A 146 14.93 40.01 38.97
N PRO A 147 15.33 40.81 39.95
CA PRO A 147 16.71 41.28 40.00
C PRO A 147 17.68 40.14 40.26
N CYS A 148 18.91 40.32 39.78
CA CYS A 148 19.95 39.30 39.92
C CYS A 148 20.78 39.48 41.18
N ASN A 149 21.18 40.70 41.49
CA ASN A 149 21.99 41.02 42.66
C ASN A 149 23.33 40.28 42.65
N GLY A 150 23.82 39.96 41.44
CA GLY A 150 25.12 39.31 41.31
C GLY A 150 25.21 37.95 41.95
N VAL A 151 24.15 37.15 41.84
CA VAL A 151 24.11 35.80 42.38
C VAL A 151 23.79 34.83 41.24
N GLU A 152 24.63 33.80 41.09
CA GLU A 152 24.48 32.84 40.00
C GLU A 152 23.34 31.88 40.33
N GLY A 153 22.13 32.31 40.01
CA GLY A 153 20.96 31.45 40.08
C GLY A 153 20.40 31.18 38.71
N PHE A 154 19.10 30.91 38.61
CA PHE A 154 18.46 30.84 37.31
C PHE A 154 17.78 32.17 36.99
N ASN A 155 17.61 32.43 35.70
CA ASN A 155 17.33 33.74 35.14
C ASN A 155 18.46 34.72 35.44
N CYS A 156 19.59 34.22 35.93
CA CYS A 156 20.80 35.00 36.21
C CYS A 156 21.97 34.19 35.66
N TYR A 157 22.28 34.41 34.39
CA TYR A 157 23.25 33.59 33.67
C TYR A 157 24.62 34.24 33.67
N PHE A 158 25.66 33.40 33.69
CA PHE A 158 27.00 33.87 33.44
C PHE A 158 27.15 34.19 31.95
N PRO A 159 27.76 35.33 31.59
CA PRO A 159 27.73 35.77 30.19
C PRO A 159 28.72 35.08 29.27
N LEU A 160 29.62 34.25 29.79
CA LEU A 160 30.65 33.63 28.99
C LEU A 160 30.44 32.12 28.90
N GLN A 161 30.78 31.55 27.74
CA GLN A 161 30.61 30.13 27.47
C GLN A 161 31.89 29.59 26.81
N SER A 162 32.23 28.34 27.14
CA SER A 162 33.40 27.69 26.58
C SER A 162 33.10 27.12 25.19
N TYR A 163 34.16 26.97 24.40
CA TYR A 163 34.04 26.41 23.07
C TYR A 163 34.16 24.88 23.07
N GLY A 164 35.17 24.36 23.76
CA GLY A 164 35.41 22.92 23.78
C GLY A 164 35.90 22.39 22.45
N PHE A 165 37.05 22.87 22.00
CA PHE A 165 37.57 22.49 20.69
C PHE A 165 38.11 21.06 20.74
N GLN A 166 37.64 20.22 19.82
CA GLN A 166 38.00 18.81 19.80
C GLN A 166 38.54 18.41 18.44
N PRO A 167 39.59 17.58 18.39
CA PRO A 167 40.35 17.41 17.15
C PRO A 167 39.60 16.69 16.03
N THR A 168 38.92 15.59 16.34
CA THR A 168 38.31 14.76 15.31
C THR A 168 37.11 15.43 14.64
N ASN A 169 36.63 16.55 15.17
CA ASN A 169 35.47 17.22 14.61
C ASN A 169 35.74 17.68 13.18
N GLY A 170 34.65 18.02 12.48
CA GLY A 170 34.78 18.62 11.17
C GLY A 170 35.36 20.01 11.24
N VAL A 171 35.79 20.51 10.07
CA VAL A 171 36.50 21.78 10.03
C VAL A 171 35.63 22.94 10.47
N GLY A 172 34.31 22.79 10.41
CA GLY A 172 33.42 23.87 10.80
C GLY A 172 33.54 24.23 12.27
N TYR A 173 33.77 23.22 13.12
CA TYR A 173 33.90 23.44 14.56
C TYR A 173 35.35 23.57 15.01
N GLN A 174 36.31 23.47 14.10
CA GLN A 174 37.71 23.51 14.50
C GLN A 174 38.15 24.96 14.79
N PRO A 175 39.09 25.13 15.73
CA PRO A 175 39.54 26.48 16.06
C PRO A 175 40.35 27.12 14.93
N TYR A 176 40.05 28.39 14.67
CA TYR A 176 40.72 29.19 13.66
C TYR A 176 41.31 30.42 14.31
N ARG A 177 42.53 30.77 13.92
CA ARG A 177 43.21 31.97 14.40
C ARG A 177 42.98 33.10 13.41
N VAL A 178 42.52 34.25 13.91
CA VAL A 178 42.11 35.38 13.09
C VAL A 178 42.94 36.60 13.48
N VAL A 179 43.50 37.26 12.47
CA VAL A 179 44.22 38.52 12.63
C VAL A 179 43.64 39.53 11.64
N VAL A 180 43.18 40.66 12.16
CA VAL A 180 42.58 41.72 11.36
C VAL A 180 43.50 42.93 11.39
N LEU A 181 43.87 43.42 10.21
CA LEU A 181 44.72 44.59 10.07
C LEU A 181 43.84 45.77 9.67
N SER A 182 43.85 46.81 10.50
CA SER A 182 43.11 48.04 10.25
C SER A 182 44.09 49.16 9.95
N PHE A 183 43.84 49.90 8.87
CA PHE A 183 44.73 50.94 8.39
C PHE A 183 44.23 52.30 8.87
N GLU A 184 45.08 53.05 9.56
CA GLU A 184 44.74 54.38 10.06
C GLU A 184 45.53 55.40 9.26
N LEU A 185 44.81 56.31 8.60
CA LEU A 185 45.38 57.37 7.79
C LEU A 185 44.88 58.70 8.31
N LEU A 186 45.76 59.47 8.95
CA LEU A 186 45.42 60.75 9.55
C LEU A 186 46.32 61.83 8.96
N HIS A 187 46.06 63.08 9.37
CA HIS A 187 46.88 64.22 8.96
C HIS A 187 48.17 64.21 9.77
N ALA A 188 49.01 63.22 9.47
CA ALA A 188 50.24 62.97 10.22
C ALA A 188 51.21 62.26 9.29
N PRO A 189 52.51 62.28 9.60
CA PRO A 189 53.47 61.58 8.75
C PRO A 189 53.19 60.08 8.72
N ALA A 190 53.06 59.54 7.51
CA ALA A 190 52.75 58.12 7.32
C ALA A 190 53.98 57.29 7.66
N THR A 191 53.89 56.51 8.73
CA THR A 191 55.00 55.71 9.22
C THR A 191 55.02 54.29 8.67
N VAL A 192 54.02 53.89 7.89
CA VAL A 192 53.96 52.56 7.30
C VAL A 192 53.74 52.72 5.80
N CYS A 193 54.67 52.19 5.01
CA CYS A 193 54.59 52.28 3.55
C CYS A 193 55.15 51.01 2.94
N GLY A 194 54.85 50.81 1.67
CA GLY A 194 55.41 49.70 0.92
C GLY A 194 56.82 49.97 0.48
N PRO A 195 57.46 48.95 -0.10
CA PRO A 195 58.83 49.07 -0.59
C PRO A 195 58.92 49.70 -1.97
N GLU B 1 17.22 31.96 -15.02
CA GLU B 1 18.08 30.91 -15.55
C GLU B 1 19.56 31.30 -15.41
N VAL B 2 20.16 30.92 -14.28
CA VAL B 2 21.58 31.19 -14.05
C VAL B 2 22.39 30.25 -14.93
N GLN B 3 23.31 30.82 -15.72
CA GLN B 3 24.03 30.05 -16.72
C GLN B 3 25.52 30.37 -16.70
N LEU B 4 26.32 29.36 -17.07
CA LEU B 4 27.72 29.53 -17.41
C LEU B 4 27.95 28.81 -18.73
N VAL B 5 28.53 29.50 -19.70
CA VAL B 5 28.71 28.94 -21.05
C VAL B 5 30.16 29.11 -21.47
N GLU B 6 30.77 28.02 -21.92
CA GLU B 6 32.14 28.05 -22.45
C GLU B 6 32.11 28.03 -23.97
N SER B 7 33.18 28.59 -24.56
CA SER B 7 33.27 28.66 -26.00
C SER B 7 34.74 28.83 -26.41
N GLY B 8 35.02 28.46 -27.66
CA GLY B 8 36.34 28.65 -28.22
C GLY B 8 37.17 27.38 -28.36
N GLY B 9 36.52 26.24 -28.50
CA GLY B 9 37.19 24.97 -28.58
C GLY B 9 37.30 24.44 -30.01
N GLY B 10 37.73 23.18 -30.11
CA GLY B 10 37.91 22.56 -31.40
C GLY B 10 39.21 21.81 -31.56
N LEU B 11 39.76 21.80 -32.77
CA LEU B 11 40.95 21.03 -33.11
C LEU B 11 42.18 21.93 -33.13
N VAL B 12 43.21 21.54 -32.39
CA VAL B 12 44.47 22.28 -32.33
C VAL B 12 45.61 21.31 -32.62
N GLN B 13 46.65 21.82 -33.27
CA GLN B 13 47.83 21.03 -33.56
C GLN B 13 48.67 20.83 -32.31
N PRO B 14 49.41 19.72 -32.22
CA PRO B 14 50.34 19.53 -31.10
C PRO B 14 51.37 20.65 -31.04
N GLY B 15 51.34 21.41 -29.95
CA GLY B 15 52.18 22.56 -29.78
C GLY B 15 51.50 23.90 -30.02
N GLY B 16 50.27 23.89 -30.51
CA GLY B 16 49.55 25.12 -30.77
C GLY B 16 49.00 25.76 -29.50
N SER B 17 48.25 26.83 -29.69
CA SER B 17 47.66 27.59 -28.60
C SER B 17 46.18 27.82 -28.87
N LEU B 18 45.42 27.99 -27.79
CA LEU B 18 43.98 28.22 -27.91
C LEU B 18 43.48 28.89 -26.64
N ARG B 19 42.49 29.78 -26.79
CA ARG B 19 41.90 30.49 -25.67
C ARG B 19 40.43 30.11 -25.55
N LEU B 20 40.06 29.58 -24.38
CA LEU B 20 38.67 29.28 -24.06
C LEU B 20 38.10 30.40 -23.20
N SER B 21 36.85 30.76 -23.45
CA SER B 21 36.18 31.81 -22.69
C SER B 21 34.93 31.26 -22.04
N CYS B 22 34.70 31.64 -20.79
CA CYS B 22 33.52 31.22 -20.03
C CYS B 22 32.78 32.47 -19.58
N SER B 23 31.54 32.62 -20.06
CA SER B 23 30.71 33.77 -19.77
C SER B 23 29.57 33.39 -18.85
N ALA B 24 29.25 34.27 -17.91
CA ALA B 24 28.21 34.06 -16.92
C ALA B 24 26.91 34.75 -17.33
N SER B 25 25.82 34.37 -16.67
CA SER B 25 24.53 35.00 -16.94
C SER B 25 23.64 34.83 -15.72
N GLY B 26 23.39 35.92 -15.01
CA GLY B 26 22.36 35.98 -14.00
C GLY B 26 22.80 35.98 -12.54
N PHE B 27 24.02 36.40 -12.23
CA PHE B 27 24.46 36.44 -10.83
C PHE B 27 25.64 37.39 -10.70
N ARG B 28 26.00 37.66 -9.44
CA ARG B 28 27.11 38.54 -9.11
C ARG B 28 28.44 37.88 -9.45
N PHE B 29 28.95 38.13 -10.65
CA PHE B 29 30.11 37.39 -11.15
C PHE B 29 31.40 37.78 -10.45
N SER B 30 31.46 38.96 -9.83
CA SER B 30 32.68 39.43 -9.18
C SER B 30 32.84 38.90 -7.77
N ASP B 31 31.88 38.10 -7.27
CA ASP B 31 31.90 37.64 -5.89
C ASP B 31 32.22 36.17 -5.75
N TYR B 32 32.43 35.45 -6.85
CA TYR B 32 32.64 34.01 -6.83
C TYR B 32 34.00 33.65 -7.38
N TRP B 33 34.59 32.60 -6.81
CA TRP B 33 35.79 32.01 -7.38
C TRP B 33 35.40 31.10 -8.53
N ILE B 34 36.23 31.05 -9.56
CA ILE B 34 35.93 30.33 -10.80
C ILE B 34 36.93 29.20 -10.97
N ASN B 35 36.42 28.00 -11.27
CA ASN B 35 37.24 26.80 -11.41
C ASN B 35 37.09 26.21 -12.80
N TRP B 36 38.21 25.78 -13.36
CA TRP B 36 38.26 25.02 -14.61
C TRP B 36 38.59 23.57 -14.28
N VAL B 37 37.74 22.65 -14.75
CA VAL B 37 37.90 21.22 -14.52
C VAL B 37 37.73 20.49 -15.84
N ARG B 38 38.68 19.63 -16.18
CA ARG B 38 38.61 18.91 -17.46
C ARG B 38 38.37 17.43 -17.24
N GLN B 39 37.96 16.76 -18.31
CA GLN B 39 37.67 15.33 -18.31
C GLN B 39 38.11 14.75 -19.64
N ALA B 40 39.04 13.81 -19.60
CA ALA B 40 39.48 13.13 -20.81
C ALA B 40 38.36 12.24 -21.35
N PRO B 41 38.38 11.95 -22.66
CA PRO B 41 37.34 11.08 -23.24
C PRO B 41 37.30 9.72 -22.57
N GLY B 42 36.20 9.42 -21.90
CA GLY B 42 36.06 8.16 -21.20
C GLY B 42 36.84 8.03 -19.93
N LYS B 43 37.23 9.15 -19.31
CA LYS B 43 37.98 9.10 -18.06
C LYS B 43 37.29 9.92 -16.98
N GLY B 44 37.94 10.08 -15.84
CA GLY B 44 37.36 10.81 -14.73
C GLY B 44 37.56 12.31 -14.85
N LEU B 45 37.17 13.01 -13.79
CA LEU B 45 37.24 14.47 -13.76
C LEU B 45 38.55 14.90 -13.10
N GLU B 46 39.29 15.77 -13.76
CA GLU B 46 40.55 16.30 -13.24
C GLU B 46 40.44 17.81 -13.07
N TRP B 47 40.73 18.29 -11.87
CA TRP B 47 40.74 19.72 -11.62
C TRP B 47 41.93 20.36 -12.34
N VAL B 48 41.66 21.42 -13.10
CA VAL B 48 42.69 22.12 -13.86
C VAL B 48 43.19 23.35 -13.11
N GLY B 49 42.29 24.21 -12.66
CA GLY B 49 42.75 25.41 -11.98
C GLY B 49 41.60 26.20 -11.40
N PHE B 50 41.96 27.28 -10.70
CA PHE B 50 40.96 28.17 -10.13
C PHE B 50 41.53 29.58 -10.03
N ILE B 51 40.60 30.54 -9.95
CA ILE B 51 40.93 31.95 -9.80
C ILE B 51 40.00 32.56 -8.77
N LYS B 52 40.54 33.45 -7.94
CA LYS B 52 39.79 34.09 -6.86
C LYS B 52 39.14 35.38 -7.36
N THR B 53 38.64 36.19 -6.43
CA THR B 53 37.98 37.43 -6.77
C THR B 53 38.95 38.60 -6.72
N LYS B 54 38.43 39.81 -6.92
CA LYS B 54 39.28 40.99 -6.96
C LYS B 54 39.83 41.33 -5.58
N ALA B 55 39.00 41.25 -4.54
CA ALA B 55 39.38 41.67 -3.20
C ALA B 55 40.10 40.58 -2.43
N ASP B 56 40.62 39.55 -3.10
CA ASP B 56 41.32 38.45 -2.46
C ASP B 56 42.80 38.54 -2.82
N PHE B 57 43.65 38.52 -1.79
CA PHE B 57 45.09 38.52 -2.00
C PHE B 57 45.53 37.13 -2.47
N GLY B 58 46.07 37.06 -3.68
CA GLY B 58 46.53 35.79 -4.21
C GLY B 58 46.58 35.82 -5.72
N THR B 59 47.06 34.71 -6.26
CA THR B 59 47.18 34.50 -7.69
C THR B 59 46.55 33.17 -8.06
N PRO B 60 46.10 33.01 -9.30
CA PRO B 60 45.49 31.73 -9.69
C PRO B 60 46.44 30.57 -9.52
N ALA B 61 45.90 29.44 -9.07
CA ALA B 61 46.67 28.22 -8.86
C ALA B 61 46.28 27.19 -9.92
N TYR B 62 47.28 26.44 -10.40
CA TYR B 62 47.10 25.53 -11.52
C TYR B 62 47.48 24.12 -11.10
N ALA B 63 47.19 23.17 -11.98
CA ALA B 63 47.59 21.78 -11.76
C ALA B 63 49.05 21.59 -12.15
N GLU B 64 49.70 20.61 -11.52
CA GLU B 64 51.10 20.37 -11.77
C GLU B 64 51.37 19.88 -13.19
N SER B 65 50.39 19.28 -13.85
CA SER B 65 50.57 18.82 -15.22
C SER B 65 50.46 19.95 -16.22
N VAL B 66 49.91 21.10 -15.84
CA VAL B 66 49.72 22.22 -16.72
C VAL B 66 50.37 23.49 -16.19
N LYS B 67 51.09 23.40 -15.07
CA LYS B 67 51.72 24.58 -14.49
C LYS B 67 52.83 25.07 -15.41
N GLY B 68 52.79 26.36 -15.74
CA GLY B 68 53.73 26.94 -16.67
C GLY B 68 53.29 26.92 -18.11
N ARG B 69 52.19 26.23 -18.44
CA ARG B 69 51.65 26.20 -19.78
C ARG B 69 50.25 26.79 -19.89
N PHE B 70 49.44 26.70 -18.84
CA PHE B 70 48.08 27.22 -18.84
C PHE B 70 48.00 28.50 -18.02
N SER B 71 47.14 29.41 -18.44
CA SER B 71 46.93 30.67 -17.74
C SER B 71 45.44 30.91 -17.55
N ILE B 72 45.06 31.37 -16.37
CA ILE B 72 43.66 31.67 -16.05
C ILE B 72 43.58 33.13 -15.66
N SER B 73 42.74 33.89 -16.36
CA SER B 73 42.50 35.29 -16.05
C SER B 73 41.01 35.55 -16.08
N ARG B 74 40.61 36.76 -15.69
CA ARG B 74 39.20 37.13 -15.67
C ARG B 74 39.03 38.59 -16.06
N ASP B 75 37.85 38.89 -16.61
CA ASP B 75 37.42 40.25 -16.92
C ASP B 75 36.03 40.43 -16.33
N ASP B 76 35.95 41.26 -15.29
CA ASP B 76 34.68 41.50 -14.62
C ASP B 76 33.78 42.44 -15.41
N SER B 77 34.37 43.39 -16.14
CA SER B 77 33.56 44.30 -16.95
C SER B 77 32.80 43.58 -18.04
N LYS B 78 33.28 42.41 -18.47
CA LYS B 78 32.61 41.61 -19.48
C LYS B 78 32.10 40.28 -18.94
N ASN B 79 32.33 40.00 -17.67
CA ASN B 79 31.85 38.76 -17.02
C ASN B 79 32.37 37.52 -17.76
N THR B 80 33.68 37.47 -17.96
CA THR B 80 34.26 36.35 -18.72
C THR B 80 35.59 35.92 -18.13
N VAL B 81 35.72 34.63 -17.86
CA VAL B 81 36.96 34.03 -17.41
C VAL B 81 37.64 33.35 -18.60
N TYR B 82 38.92 33.64 -18.78
CA TYR B 82 39.68 33.16 -19.93
C TYR B 82 40.70 32.12 -19.46
N LEU B 83 40.75 31.01 -20.19
CA LEU B 83 41.75 29.96 -20.01
C LEU B 83 42.58 29.88 -21.28
N GLN B 84 43.83 30.33 -21.20
CA GLN B 84 44.77 30.32 -22.32
C GLN B 84 45.64 29.08 -22.21
N MET B 85 45.77 28.34 -23.32
CA MET B 85 46.53 27.10 -23.38
C MET B 85 47.62 27.27 -24.43
N ASN B 86 48.87 27.13 -24.01
CA ASN B 86 50.03 27.28 -24.88
C ASN B 86 50.88 26.02 -24.80
N SER B 87 51.62 25.75 -25.88
CA SER B 87 52.44 24.55 -26.01
C SER B 87 51.60 23.30 -25.73
N LEU B 88 50.47 23.21 -26.43
CA LEU B 88 49.52 22.14 -26.20
C LEU B 88 50.11 20.78 -26.53
N LYS B 89 49.79 19.79 -25.72
CA LYS B 89 50.20 18.41 -25.93
C LYS B 89 48.99 17.57 -26.29
N THR B 90 49.25 16.39 -26.86
CA THR B 90 48.16 15.47 -27.18
C THR B 90 47.44 14.98 -25.93
N GLU B 91 48.08 15.06 -24.77
CA GLU B 91 47.46 14.64 -23.52
C GLU B 91 46.35 15.58 -23.08
N ASP B 92 46.24 16.77 -23.67
CA ASP B 92 45.28 17.77 -23.24
C ASP B 92 43.91 17.61 -23.90
N THR B 93 43.75 16.68 -24.84
CA THR B 93 42.47 16.45 -25.49
C THR B 93 41.42 16.02 -24.48
N ALA B 94 40.42 16.87 -24.25
CA ALA B 94 39.44 16.62 -23.20
C ALA B 94 38.27 17.58 -23.35
N VAL B 95 37.24 17.35 -22.53
CA VAL B 95 36.11 18.27 -22.39
C VAL B 95 36.36 19.13 -21.17
N TYR B 96 36.33 20.44 -21.35
CA TYR B 96 36.62 21.39 -20.30
C TYR B 96 35.32 22.00 -19.78
N TYR B 97 35.24 22.16 -18.46
CA TYR B 97 34.07 22.67 -17.77
C TYR B 97 34.46 23.87 -16.92
N CYS B 98 33.61 24.90 -16.95
CA CYS B 98 33.76 26.11 -16.16
C CYS B 98 32.70 26.14 -15.09
N THR B 99 33.11 26.32 -13.84
CA THR B 99 32.18 26.27 -12.71
C THR B 99 32.53 27.36 -11.71
N ARG B 100 31.63 27.56 -10.74
CA ARG B 100 31.79 28.55 -9.70
C ARG B 100 31.84 27.86 -8.34
N ASP B 101 32.45 28.53 -7.37
CA ASP B 101 32.66 27.97 -6.04
C ASP B 101 31.76 28.68 -5.02
N ARG B 102 30.65 28.03 -4.66
CA ARG B 102 29.91 28.45 -3.48
C ARG B 102 30.53 27.79 -2.25
N GLY B 103 30.03 28.20 -1.08
CA GLY B 103 30.65 27.75 0.16
C GLY B 103 31.84 28.61 0.53
N ILE B 104 32.74 28.85 -0.43
CA ILE B 104 33.75 29.89 -0.26
C ILE B 104 33.07 31.24 -0.11
N LEU B 105 31.94 31.43 -0.80
CA LEU B 105 31.18 32.67 -0.64
C LEU B 105 30.55 32.77 0.75
N GLU B 106 30.03 31.67 1.27
CA GLU B 106 29.35 31.69 2.56
C GLU B 106 30.29 31.53 3.75
N TRP B 107 31.24 30.60 3.67
CA TRP B 107 32.11 30.30 4.81
C TRP B 107 33.45 31.01 4.74
N LEU B 108 33.90 31.42 3.54
CA LEU B 108 35.12 32.20 3.37
C LEU B 108 36.37 31.47 3.86
N ILE B 109 36.35 30.14 3.83
CA ILE B 109 37.50 29.32 4.19
C ILE B 109 37.70 28.27 3.13
N ILE B 110 38.96 28.03 2.76
CA ILE B 110 39.28 27.10 1.68
C ILE B 110 38.87 25.67 2.00
N GLU B 111 38.78 25.33 3.29
CA GLU B 111 38.47 23.96 3.67
C GLU B 111 37.03 23.58 3.35
N ALA B 112 36.13 24.56 3.28
CA ALA B 112 34.72 24.33 2.97
C ALA B 112 34.40 24.95 1.61
N GLY B 113 33.83 24.16 0.73
CA GLY B 113 33.48 24.67 -0.58
C GLY B 113 32.91 23.55 -1.44
N TRP B 114 32.17 23.96 -2.46
CA TRP B 114 31.55 23.03 -3.39
C TRP B 114 31.20 23.77 -4.67
N PHE B 115 30.94 23.01 -5.72
CA PHE B 115 30.57 23.54 -7.02
C PHE B 115 29.08 23.28 -7.24
N ASP B 116 28.32 24.34 -7.47
CA ASP B 116 26.87 24.24 -7.64
C ASP B 116 26.41 24.46 -9.07
N VAL B 117 27.11 25.29 -9.84
CA VAL B 117 26.72 25.62 -11.22
C VAL B 117 27.82 25.14 -12.15
N TRP B 118 27.44 24.38 -13.18
CA TRP B 118 28.38 23.83 -14.14
C TRP B 118 27.96 24.20 -15.55
N GLY B 119 28.94 24.39 -16.41
CA GLY B 119 28.69 24.68 -17.80
C GLY B 119 28.59 23.42 -18.63
N PRO B 120 28.03 23.55 -19.84
CA PRO B 120 27.90 22.36 -20.71
C PRO B 120 29.21 21.70 -21.06
N GLY B 121 30.29 22.46 -21.17
CA GLY B 121 31.58 21.91 -21.51
C GLY B 121 31.94 22.15 -22.97
N VAL B 122 33.25 22.20 -23.23
CA VAL B 122 33.77 22.48 -24.56
C VAL B 122 34.86 21.46 -24.89
N LEU B 123 34.80 20.89 -26.08
CA LEU B 123 35.74 19.86 -26.50
C LEU B 123 36.99 20.45 -27.11
N VAL B 124 38.15 19.94 -26.72
CA VAL B 124 39.43 20.33 -27.28
C VAL B 124 40.16 19.05 -27.70
N THR B 125 40.49 18.95 -28.99
CA THR B 125 41.16 17.79 -29.55
C THR B 125 42.51 18.23 -30.08
N VAL B 126 43.58 17.59 -29.61
CA VAL B 126 44.94 17.89 -30.03
C VAL B 126 45.47 16.68 -30.79
N SER B 127 45.56 16.81 -32.11
CA SER B 127 46.02 15.70 -32.93
C SER B 127 46.61 16.23 -34.23
N SER B 128 47.47 15.42 -34.83
CA SER B 128 48.05 15.68 -36.14
C SER B 128 47.85 14.49 -37.07
N ALA B 129 46.79 13.73 -36.85
CA ALA B 129 46.54 12.51 -37.59
C ALA B 129 46.02 12.82 -38.99
N SER B 130 46.12 11.82 -39.86
CA SER B 130 45.64 11.92 -41.23
C SER B 130 45.34 10.52 -41.73
N THR B 131 44.64 10.45 -42.86
CA THR B 131 44.29 9.17 -43.46
C THR B 131 45.54 8.32 -43.66
N LYS B 132 45.57 7.16 -42.99
CA LYS B 132 46.75 6.30 -43.00
C LYS B 132 46.31 4.84 -42.97
N GLY B 133 47.06 3.99 -43.67
CA GLY B 133 46.81 2.57 -43.68
C GLY B 133 47.24 1.90 -42.39
N PRO B 134 46.65 0.75 -42.10
CA PRO B 134 46.96 0.06 -40.84
C PRO B 134 48.16 -0.86 -40.94
N SER B 135 48.54 -1.45 -39.80
CA SER B 135 49.54 -2.51 -39.74
C SER B 135 48.85 -3.74 -39.18
N VAL B 136 48.92 -4.85 -39.91
CA VAL B 136 48.21 -6.08 -39.57
C VAL B 136 49.24 -7.13 -39.18
N PHE B 137 49.08 -7.68 -37.98
CA PHE B 137 49.99 -8.72 -37.49
C PHE B 137 49.18 -9.91 -36.98
N PRO B 138 49.49 -11.12 -37.44
CA PRO B 138 48.79 -12.30 -36.92
C PRO B 138 49.20 -12.60 -35.50
N LEU B 139 48.28 -13.25 -34.77
CA LEU B 139 48.49 -13.63 -33.37
C LEU B 139 48.23 -15.13 -33.28
N ALA B 140 49.32 -15.90 -33.21
CA ALA B 140 49.30 -17.34 -33.12
C ALA B 140 49.05 -17.78 -31.68
N PRO B 141 48.52 -18.99 -31.49
CA PRO B 141 48.20 -19.46 -30.14
C PRO B 141 49.36 -20.17 -29.46
N SER B 142 49.30 -20.17 -28.13
CA SER B 142 50.18 -20.97 -27.29
C SER B 142 49.51 -22.32 -27.03
N SER B 143 50.01 -23.06 -26.04
CA SER B 143 49.39 -24.31 -25.62
C SER B 143 48.14 -24.09 -24.77
N LYS B 144 47.57 -22.88 -24.80
CA LYS B 144 46.39 -22.51 -24.03
C LYS B 144 45.17 -23.17 -24.64
N SER B 145 44.96 -24.44 -24.31
CA SER B 145 43.82 -25.20 -24.80
C SER B 145 42.75 -25.38 -23.71
N THR B 150 40.43 -26.63 -27.92
CA THR B 150 40.35 -25.50 -28.82
C THR B 150 41.50 -24.51 -28.59
N ALA B 151 41.65 -23.56 -29.51
CA ALA B 151 42.69 -22.55 -29.43
C ALA B 151 42.12 -21.22 -29.89
N ALA B 152 42.85 -20.15 -29.58
CA ALA B 152 42.44 -18.78 -29.90
C ALA B 152 43.41 -18.20 -30.92
N LEU B 153 42.92 -17.99 -32.14
CA LEU B 153 43.67 -17.30 -33.19
C LEU B 153 43.27 -15.83 -33.15
N GLY B 154 44.17 -14.97 -33.64
CA GLY B 154 43.81 -13.56 -33.70
C GLY B 154 44.58 -12.82 -34.77
N CYS B 155 44.17 -11.58 -35.00
CA CYS B 155 44.99 -10.68 -35.78
C CYS B 155 44.73 -9.24 -35.33
N LEU B 156 45.82 -8.47 -35.30
CA LEU B 156 45.87 -7.13 -34.72
C LEU B 156 46.00 -6.10 -35.83
N VAL B 157 45.16 -5.06 -35.76
CA VAL B 157 45.15 -3.96 -36.71
C VAL B 157 45.52 -2.70 -35.93
N LYS B 158 46.72 -2.17 -36.17
CA LYS B 158 47.30 -1.11 -35.38
C LYS B 158 47.55 0.13 -36.23
N ASP B 159 47.36 1.31 -35.61
CA ASP B 159 47.79 2.59 -36.19
C ASP B 159 47.14 2.81 -37.55
N TYR B 160 45.81 2.92 -37.54
CA TYR B 160 45.04 3.19 -38.74
C TYR B 160 44.24 4.47 -38.56
N PHE B 161 43.75 5.00 -39.69
CA PHE B 161 42.93 6.20 -39.72
C PHE B 161 42.29 6.34 -41.09
N PRO B 162 41.03 6.77 -41.17
CA PRO B 162 40.15 7.05 -40.04
C PRO B 162 39.23 5.88 -39.69
N GLU B 163 38.28 6.13 -38.80
CA GLU B 163 37.27 5.15 -38.48
C GLU B 163 36.31 5.01 -39.67
N PRO B 164 35.75 3.79 -39.89
CA PRO B 164 36.09 2.54 -39.21
C PRO B 164 36.95 1.65 -40.11
N VAL B 165 37.16 0.40 -39.67
CA VAL B 165 37.82 -0.61 -40.49
C VAL B 165 37.11 -1.93 -40.26
N THR B 166 37.03 -2.74 -41.31
CA THR B 166 36.33 -4.02 -41.27
C THR B 166 37.31 -5.17 -41.40
N VAL B 167 37.05 -6.23 -40.64
CA VAL B 167 37.89 -7.42 -40.61
C VAL B 167 36.99 -8.66 -40.68
N SER B 168 37.37 -9.61 -41.52
CA SER B 168 36.67 -10.88 -41.66
C SER B 168 37.69 -12.01 -41.58
N TRP B 169 37.19 -13.25 -41.60
CA TRP B 169 38.06 -14.42 -41.55
C TRP B 169 37.65 -15.40 -42.64
N ASN B 170 38.64 -15.92 -43.35
CA ASN B 170 38.42 -16.90 -44.42
C ASN B 170 37.42 -16.39 -45.46
N SER B 171 37.52 -15.09 -45.77
CA SER B 171 36.65 -14.45 -46.76
C SER B 171 35.17 -14.65 -46.42
N GLY B 172 34.85 -14.58 -45.14
CA GLY B 172 33.48 -14.73 -44.67
C GLY B 172 33.01 -16.15 -44.47
N ALA B 173 33.84 -17.15 -44.79
CA ALA B 173 33.43 -18.52 -44.59
C ALA B 173 33.31 -18.87 -43.11
N LEU B 174 34.25 -18.38 -42.30
CA LEU B 174 34.28 -18.68 -40.87
C LEU B 174 33.66 -17.51 -40.11
N THR B 175 32.56 -17.79 -39.42
CA THR B 175 31.87 -16.77 -38.63
C THR B 175 31.64 -17.24 -37.21
N SER B 176 31.54 -18.55 -37.02
CA SER B 176 31.28 -19.11 -35.70
C SER B 176 32.51 -18.93 -34.81
N GLY B 177 32.35 -18.14 -33.74
CA GLY B 177 33.43 -17.90 -32.81
C GLY B 177 34.21 -16.62 -33.03
N VAL B 178 33.92 -15.88 -34.09
CA VAL B 178 34.64 -14.64 -34.38
C VAL B 178 34.14 -13.55 -33.45
N HIS B 179 35.06 -12.83 -32.83
CA HIS B 179 34.74 -11.73 -31.92
C HIS B 179 35.70 -10.58 -32.20
N THR B 180 35.16 -9.43 -32.58
CA THR B 180 35.95 -8.24 -32.88
C THR B 180 35.71 -7.20 -31.80
N PHE B 181 36.79 -6.74 -31.20
CA PHE B 181 36.71 -5.81 -30.09
C PHE B 181 36.67 -4.36 -30.58
N PRO B 182 36.10 -3.46 -29.78
CA PRO B 182 36.08 -2.05 -30.18
C PRO B 182 37.49 -1.47 -30.25
N ALA B 183 37.63 -0.43 -31.07
CA ALA B 183 38.92 0.19 -31.28
C ALA B 183 39.35 0.99 -30.05
N VAL B 184 40.66 1.18 -29.93
CA VAL B 184 41.24 2.00 -28.87
C VAL B 184 41.68 3.33 -29.47
N LEU B 185 41.54 4.41 -28.70
CA LEU B 185 42.00 5.73 -29.12
C LEU B 185 43.33 6.01 -28.43
N GLN B 186 44.40 6.03 -29.21
CA GLN B 186 45.72 6.27 -28.67
C GLN B 186 45.98 7.78 -28.57
N SER B 187 46.95 8.14 -27.73
CA SER B 187 47.30 9.55 -27.56
C SER B 187 47.79 10.17 -28.85
N SER B 188 48.38 9.36 -29.74
CA SER B 188 48.82 9.85 -31.03
C SER B 188 47.67 10.22 -31.96
N GLY B 189 46.44 9.85 -31.62
CA GLY B 189 45.30 10.09 -32.46
C GLY B 189 44.91 8.95 -33.38
N LEU B 190 45.77 7.94 -33.52
CA LEU B 190 45.49 6.78 -34.34
C LEU B 190 44.79 5.70 -33.52
N TYR B 191 44.09 4.81 -34.22
CA TYR B 191 43.26 3.79 -33.59
C TYR B 191 43.88 2.41 -33.78
N SER B 192 43.42 1.46 -32.96
CA SER B 192 43.88 0.09 -33.02
C SER B 192 42.80 -0.82 -32.47
N LEU B 193 42.79 -2.06 -32.98
CA LEU B 193 41.81 -3.05 -32.56
C LEU B 193 42.37 -4.43 -32.84
N SER B 194 41.71 -5.44 -32.27
CA SER B 194 42.12 -6.84 -32.43
C SER B 194 40.89 -7.70 -32.63
N SER B 195 41.05 -8.75 -33.45
CA SER B 195 39.97 -9.70 -33.68
C SER B 195 40.44 -11.10 -33.32
N VAL B 196 39.57 -11.88 -32.66
CA VAL B 196 39.94 -13.17 -32.11
C VAL B 196 38.87 -14.19 -32.47
N VAL B 197 39.28 -15.36 -32.93
CA VAL B 197 38.38 -16.46 -33.25
C VAL B 197 38.85 -17.71 -32.52
N THR B 198 37.91 -18.46 -31.95
CA THR B 198 38.20 -19.72 -31.28
C THR B 198 37.95 -20.87 -32.25
N VAL B 199 38.97 -21.69 -32.47
CA VAL B 199 38.90 -22.75 -33.47
C VAL B 199 39.27 -24.09 -32.82
N PRO B 200 38.78 -25.21 -33.34
CA PRO B 200 39.19 -26.51 -32.79
C PRO B 200 40.68 -26.76 -32.98
N SER B 201 41.26 -27.47 -32.02
CA SER B 201 42.69 -27.74 -32.07
C SER B 201 43.03 -28.78 -33.13
N SER B 202 42.18 -29.81 -33.27
CA SER B 202 42.47 -30.87 -34.24
C SER B 202 42.41 -30.37 -35.67
N SER B 203 41.52 -29.41 -35.96
CA SER B 203 41.40 -28.87 -37.31
C SER B 203 42.56 -27.97 -37.69
N LEU B 204 43.43 -27.62 -36.75
CA LEU B 204 44.52 -26.68 -37.05
C LEU B 204 45.53 -27.27 -38.02
N GLY B 205 45.65 -28.60 -38.08
CA GLY B 205 46.59 -29.22 -38.99
C GLY B 205 46.12 -29.32 -40.42
N THR B 206 44.81 -29.32 -40.65
CA THR B 206 44.24 -29.48 -41.98
C THR B 206 43.64 -28.19 -42.52
N GLN B 207 42.81 -27.50 -41.73
CA GLN B 207 42.15 -26.30 -42.19
C GLN B 207 43.05 -25.09 -42.02
N THR B 208 43.03 -24.21 -43.02
CA THR B 208 43.81 -22.98 -43.01
C THR B 208 42.93 -21.82 -42.56
N TYR B 209 43.51 -20.91 -41.78
CA TYR B 209 42.80 -19.76 -41.23
C TYR B 209 43.52 -18.47 -41.64
N ILE B 210 42.81 -17.59 -42.31
CA ILE B 210 43.35 -16.33 -42.80
C ILE B 210 42.42 -15.20 -42.37
N CYS B 211 42.98 -14.11 -41.87
CA CYS B 211 42.20 -12.93 -41.52
C CYS B 211 42.39 -11.88 -42.61
N ASN B 212 41.27 -11.28 -43.04
CA ASN B 212 41.24 -10.31 -44.13
C ASN B 212 40.78 -8.99 -43.57
N VAL B 213 41.67 -8.00 -43.59
CA VAL B 213 41.35 -6.64 -43.15
C VAL B 213 41.19 -5.77 -44.39
N ASN B 214 40.04 -5.09 -44.49
CA ASN B 214 39.74 -4.23 -45.62
C ASN B 214 39.53 -2.81 -45.10
N HIS B 215 40.55 -1.97 -45.26
CA HIS B 215 40.43 -0.56 -44.90
C HIS B 215 40.04 0.20 -46.16
N LYS B 216 38.74 0.45 -46.31
CA LYS B 216 38.22 1.17 -47.46
C LYS B 216 38.76 2.59 -47.58
N PRO B 217 38.83 3.41 -46.52
CA PRO B 217 39.24 4.81 -46.71
C PRO B 217 40.65 5.02 -47.21
N SER B 218 41.43 3.94 -47.40
CA SER B 218 42.81 4.05 -47.86
C SER B 218 43.13 3.05 -48.96
N ASN B 219 42.11 2.44 -49.56
CA ASN B 219 42.31 1.43 -50.61
C ASN B 219 43.23 0.31 -50.13
N THR B 220 43.02 -0.15 -48.90
CA THR B 220 43.91 -1.11 -48.27
C THR B 220 43.20 -2.45 -48.13
N LYS B 221 43.85 -3.52 -48.60
CA LYS B 221 43.39 -4.89 -48.37
C LYS B 221 44.58 -5.73 -47.95
N VAL B 222 44.50 -6.35 -46.77
CA VAL B 222 45.57 -7.17 -46.24
C VAL B 222 45.00 -8.52 -45.84
N ASP B 223 45.58 -9.59 -46.38
CA ASP B 223 45.16 -10.95 -46.06
C ASP B 223 46.36 -11.66 -45.44
N LYS B 224 46.21 -12.14 -44.21
CA LYS B 224 47.34 -12.77 -43.53
C LYS B 224 46.93 -14.05 -42.83
N ARG B 225 47.78 -15.07 -42.96
CA ARG B 225 47.58 -16.33 -42.27
C ARG B 225 48.01 -16.24 -40.82
N VAL B 226 47.42 -17.09 -39.98
CA VAL B 226 47.82 -17.23 -38.59
C VAL B 226 48.64 -18.51 -38.50
N GLU B 227 49.96 -18.37 -38.41
CA GLU B 227 50.86 -19.50 -38.42
C GLU B 227 51.52 -19.67 -37.06
N PRO B 228 51.34 -20.80 -36.38
CA PRO B 228 52.06 -21.03 -35.13
C PRO B 228 53.57 -21.00 -35.36
N LYS B 229 54.24 -20.10 -34.66
CA LYS B 229 55.67 -19.86 -34.84
C LYS B 229 56.46 -20.49 -33.71
N SER B 230 57.77 -20.59 -33.91
CA SER B 230 58.68 -21.18 -32.93
C SER B 230 60.03 -20.48 -33.05
N CYS B 231 61.04 -21.07 -32.43
CA CYS B 231 62.38 -20.49 -32.42
C CYS B 231 63.37 -21.39 -33.16
N SER C 2 46.55 12.52 -5.21
CA SER C 2 46.36 11.39 -4.32
C SER C 2 45.21 10.50 -4.80
N VAL C 3 44.41 11.05 -5.73
CA VAL C 3 43.19 10.46 -6.30
C VAL C 3 42.48 9.55 -5.30
N LEU C 4 41.46 10.10 -4.63
CA LEU C 4 40.72 9.34 -3.63
C LEU C 4 40.14 8.08 -4.25
N THR C 5 40.33 6.95 -3.57
CA THR C 5 39.95 5.67 -4.14
C THR C 5 38.44 5.49 -4.10
N GLN C 6 37.87 5.12 -5.24
CA GLN C 6 36.45 4.81 -5.35
C GLN C 6 36.28 3.45 -6.03
N PRO C 7 35.32 2.64 -5.58
CA PRO C 7 35.03 1.39 -6.27
C PRO C 7 34.59 1.65 -7.70
N PRO C 8 35.06 0.83 -8.65
CA PRO C 8 34.69 1.07 -10.06
C PRO C 8 33.20 0.93 -10.33
N SER C 9 32.46 0.21 -9.50
CA SER C 9 31.04 0.01 -9.72
C SER C 9 30.32 -0.23 -8.40
N ALA C 10 29.01 -0.05 -8.42
CA ALA C 10 28.14 -0.37 -7.30
C ALA C 10 26.81 -0.81 -7.88
N SER C 11 26.40 -2.04 -7.56
CA SER C 11 25.23 -2.65 -8.19
C SER C 11 24.14 -2.88 -7.14
N GLY C 12 22.94 -3.16 -7.63
CA GLY C 12 21.80 -3.43 -6.77
C GLY C 12 20.53 -3.76 -7.53
N ALA C 13 19.70 -4.62 -6.95
CA ALA C 13 18.40 -4.91 -7.53
C ALA C 13 17.48 -3.70 -7.37
N PRO C 14 16.48 -3.57 -8.23
CA PRO C 14 15.57 -2.41 -8.15
C PRO C 14 14.91 -2.31 -6.78
N GLY C 15 15.13 -1.17 -6.11
CA GLY C 15 14.63 -0.94 -4.79
C GLY C 15 15.62 -1.12 -3.66
N GLN C 16 16.88 -1.40 -3.98
CA GLN C 16 17.89 -1.68 -2.96
C GLN C 16 18.36 -0.40 -2.29
N ARG C 17 19.23 -0.57 -1.30
CA ARG C 17 19.99 0.51 -0.68
C ARG C 17 21.45 0.32 -1.09
N VAL C 18 21.96 1.24 -1.90
CA VAL C 18 23.30 1.16 -2.44
C VAL C 18 24.20 2.16 -1.70
N THR C 19 25.45 1.78 -1.50
CA THR C 19 26.41 2.64 -0.82
C THR C 19 27.68 2.77 -1.66
N ILE C 20 28.19 3.99 -1.75
CA ILE C 20 29.44 4.29 -2.45
C ILE C 20 30.41 4.90 -1.44
N SER C 21 31.64 4.42 -1.44
CA SER C 21 32.65 4.84 -0.47
C SER C 21 33.74 5.65 -1.15
N CYS C 22 34.23 6.67 -0.45
CA CYS C 22 35.35 7.48 -0.90
C CYS C 22 36.38 7.51 0.22
N THR C 23 37.57 6.98 -0.06
CA THR C 23 38.63 6.89 0.94
C THR C 23 39.71 7.91 0.62
N GLY C 24 40.12 8.69 1.63
CA GLY C 24 41.12 9.72 1.47
C GLY C 24 42.22 9.60 2.52
N SER C 25 43.12 10.57 2.47
CA SER C 25 44.23 10.66 3.40
C SER C 25 43.81 11.42 4.66
N SER C 26 44.68 11.39 5.67
CA SER C 26 44.45 12.24 6.84
C SER C 26 44.61 13.72 6.51
N SER C 27 45.21 14.03 5.37
CA SER C 27 45.40 15.42 4.99
C SER C 27 44.13 16.06 4.44
N ASN C 28 43.19 15.28 3.89
CA ASN C 28 41.96 15.84 3.37
C ASN C 28 40.73 15.40 4.14
N ILE C 29 40.39 14.11 4.14
CA ILE C 29 39.14 13.72 4.75
C ILE C 29 39.27 13.46 6.25
N GLY C 30 40.48 13.13 6.72
CA GLY C 30 40.74 13.01 8.14
C GLY C 30 40.95 14.32 8.86
N ALA C 31 40.92 15.44 8.14
CA ALA C 31 41.08 16.77 8.73
C ALA C 31 39.82 17.62 8.54
N GLY C 32 38.67 16.96 8.45
CA GLY C 32 37.39 17.61 8.25
C GLY C 32 37.08 17.93 6.80
N HIS C 33 37.59 19.06 6.29
CA HIS C 33 37.64 19.35 4.85
C HIS C 33 36.42 18.86 4.07
N TYR C 34 35.26 19.45 4.34
CA TYR C 34 33.97 18.94 3.86
C TYR C 34 34.04 18.38 2.45
N VAL C 35 33.46 17.19 2.29
CA VAL C 35 33.46 16.44 1.03
C VAL C 35 32.23 16.80 0.22
N SER C 36 32.36 16.75 -1.10
CA SER C 36 31.25 17.03 -2.00
C SER C 36 31.02 15.83 -2.92
N TRP C 37 29.74 15.56 -3.20
CA TRP C 37 29.34 14.45 -4.07
C TRP C 37 28.63 15.00 -5.29
N TYR C 38 29.05 14.57 -6.48
CA TYR C 38 28.53 15.03 -7.75
C TYR C 38 28.10 13.84 -8.60
N GLN C 39 27.13 14.08 -9.49
CA GLN C 39 26.55 13.08 -10.36
C GLN C 39 26.70 13.49 -11.81
N GLN C 40 27.06 12.53 -12.67
CA GLN C 40 27.22 12.76 -14.11
C GLN C 40 26.45 11.69 -14.86
N LEU C 41 25.41 12.11 -15.57
CA LEU C 41 24.68 11.22 -16.46
C LEU C 41 25.45 11.05 -17.76
N PRO C 42 25.18 9.99 -18.52
CA PRO C 42 25.88 9.79 -19.80
C PRO C 42 25.65 10.96 -20.75
N GLY C 43 26.73 11.66 -21.07
CA GLY C 43 26.70 12.75 -22.03
C GLY C 43 26.40 14.12 -21.47
N THR C 44 26.26 14.26 -20.16
CA THR C 44 25.92 15.53 -19.55
C THR C 44 27.04 16.01 -18.63
N ALA C 45 26.89 17.23 -18.14
CA ALA C 45 27.81 17.82 -17.19
C ALA C 45 27.50 17.33 -15.78
N PRO C 46 28.50 17.34 -14.89
CA PRO C 46 28.26 16.92 -13.51
C PRO C 46 27.27 17.82 -12.79
N LYS C 47 26.54 17.24 -11.85
CA LYS C 47 25.55 17.94 -11.05
C LYS C 47 25.86 17.72 -9.57
N LEU C 48 25.82 18.81 -8.80
CA LEU C 48 26.05 18.71 -7.36
C LEU C 48 24.94 17.93 -6.68
N LEU C 49 25.30 16.97 -5.84
CA LEU C 49 24.35 16.20 -5.05
C LEU C 49 24.48 16.47 -3.55
N ILE C 50 25.69 16.41 -3.01
CA ILE C 50 25.91 16.55 -1.58
C ILE C 50 27.03 17.56 -1.34
N HIS C 51 26.85 18.41 -0.33
CA HIS C 51 27.90 19.30 0.12
C HIS C 51 27.95 19.31 1.63
N GLU C 52 29.13 19.62 2.17
CA GLU C 52 29.39 19.59 3.63
C GLU C 52 29.11 18.22 4.22
N ASN C 53 29.26 17.17 3.39
CA ASN C 53 29.16 15.76 3.77
C ASN C 53 27.75 15.36 4.17
N ASP C 54 26.86 16.33 4.33
CA ASP C 54 25.54 16.03 4.88
C ASP C 54 24.39 16.74 4.21
N LYS C 55 24.59 17.87 3.55
CA LYS C 55 23.51 18.74 3.15
C LYS C 55 23.07 18.47 1.71
N ARG C 56 21.76 18.54 1.50
CA ARG C 56 21.15 18.32 0.19
C ARG C 56 20.64 19.64 -0.36
N PRO C 57 21.09 20.07 -1.54
CA PRO C 57 20.49 21.26 -2.15
C PRO C 57 19.02 21.02 -2.46
N SER C 58 18.25 22.11 -2.48
CA SER C 58 16.84 22.01 -2.82
C SER C 58 16.68 21.47 -4.24
N GLY C 59 15.69 20.61 -4.42
CA GLY C 59 15.47 19.94 -5.68
C GLY C 59 16.09 18.56 -5.76
N VAL C 60 17.23 18.35 -5.09
CA VAL C 60 17.83 17.03 -5.04
C VAL C 60 16.95 16.10 -4.21
N SER C 61 16.75 14.88 -4.72
CA SER C 61 15.91 13.92 -4.02
C SER C 61 16.50 13.55 -2.67
N ASP C 62 15.61 13.29 -1.70
CA ASP C 62 16.04 12.97 -0.34
C ASP C 62 16.44 11.51 -0.17
N ARG C 63 16.40 10.72 -1.25
CA ARG C 63 16.92 9.35 -1.19
C ARG C 63 18.44 9.30 -1.13
N PHE C 64 19.12 10.43 -1.31
CA PHE C 64 20.57 10.48 -1.26
C PHE C 64 21.02 11.05 0.08
N SER C 65 21.89 10.31 0.77
CA SER C 65 22.41 10.72 2.06
C SER C 65 23.93 10.63 2.05
N GLY C 66 24.55 11.42 2.92
CA GLY C 66 26.00 11.43 3.01
C GLY C 66 26.47 11.38 4.44
N SER C 67 27.64 10.77 4.64
CA SER C 67 28.22 10.67 5.97
C SER C 67 29.75 10.64 5.86
N ARG C 68 30.40 11.02 6.96
CA ARG C 68 31.86 10.97 7.06
C ARG C 68 32.25 10.24 8.32
N SER C 69 33.21 9.32 8.20
CA SER C 69 33.79 8.61 9.33
C SER C 69 35.30 8.60 9.16
N GLY C 70 36.01 9.22 10.09
CA GLY C 70 37.46 9.27 10.04
C GLY C 70 38.00 9.89 8.77
N ALA C 71 38.61 9.07 7.91
CA ALA C 71 39.17 9.52 6.64
C ALA C 71 38.40 8.94 5.45
N SER C 72 37.13 8.61 5.66
CA SER C 72 36.31 8.05 4.60
C SER C 72 34.94 8.73 4.59
N ALA C 73 34.29 8.68 3.45
CA ALA C 73 32.95 9.23 3.27
C ALA C 73 32.08 8.20 2.56
N SER C 74 30.78 8.28 2.82
CA SER C 74 29.82 7.34 2.27
C SER C 74 28.61 8.08 1.71
N LEU C 75 28.21 7.72 0.51
CA LEU C 75 26.99 8.22 -0.13
C LEU C 75 26.02 7.06 -0.29
N THR C 76 24.82 7.20 0.27
CA THR C 76 23.83 6.13 0.30
C THR C 76 22.62 6.54 -0.52
N ILE C 77 22.21 5.66 -1.43
CA ILE C 77 21.03 5.86 -2.27
C ILE C 77 20.01 4.80 -1.89
N THR C 78 18.87 5.24 -1.39
CA THR C 78 17.78 4.34 -1.02
C THR C 78 16.71 4.34 -2.10
N GLY C 79 16.05 3.20 -2.25
CA GLY C 79 15.05 3.06 -3.30
C GLY C 79 15.66 3.19 -4.68
N LEU C 80 16.50 2.22 -5.04
CA LEU C 80 17.23 2.30 -6.31
C LEU C 80 16.27 2.32 -7.49
N GLN C 81 16.53 3.21 -8.43
CA GLN C 81 15.70 3.39 -9.61
C GLN C 81 16.54 3.21 -10.86
N SER C 82 15.88 2.83 -11.96
CA SER C 82 16.57 2.69 -13.23
C SER C 82 17.11 4.03 -13.74
N GLY C 83 16.57 5.14 -13.26
CA GLY C 83 17.07 6.45 -13.63
C GLY C 83 18.28 6.91 -12.86
N ASP C 84 18.66 6.21 -11.80
CA ASP C 84 19.84 6.55 -11.02
C ASP C 84 21.12 6.04 -11.64
N GLU C 85 21.05 5.28 -12.73
CA GLU C 85 22.23 4.74 -13.39
C GLU C 85 23.05 5.89 -13.98
N ALA C 86 24.19 6.18 -13.36
CA ALA C 86 25.06 7.26 -13.78
C ALA C 86 26.44 7.03 -13.19
N ASP C 87 27.31 8.03 -13.29
CA ASP C 87 28.61 8.01 -12.65
C ASP C 87 28.62 9.00 -11.50
N TYR C 88 29.31 8.65 -10.42
CA TYR C 88 29.32 9.48 -9.22
C TYR C 88 30.76 9.76 -8.81
N TYR C 89 31.01 11.01 -8.42
CA TYR C 89 32.35 11.45 -8.03
C TYR C 89 32.29 12.14 -6.68
N CYS C 90 33.40 12.07 -5.94
CA CYS C 90 33.54 12.78 -4.68
C CYS C 90 34.78 13.65 -4.76
N SER C 91 34.68 14.85 -4.19
CA SER C 91 35.73 15.87 -4.29
C SER C 91 36.04 16.41 -2.91
N VAL C 92 37.34 16.52 -2.60
CA VAL C 92 37.81 17.06 -1.33
C VAL C 92 39.00 17.98 -1.59
N TRP C 93 39.20 18.94 -0.69
CA TRP C 93 40.37 19.81 -0.73
C TRP C 93 41.50 19.21 0.11
N ASP C 94 42.74 19.40 -0.35
CA ASP C 94 43.93 18.93 0.34
C ASP C 94 44.93 20.06 0.46
N ARG C 95 45.64 20.08 1.60
CA ARG C 95 46.55 21.19 1.92
C ARG C 95 47.65 21.35 0.88
N SER C 96 48.01 20.28 0.18
CA SER C 96 49.08 20.33 -0.80
C SER C 96 48.60 20.17 -2.24
N LEU C 97 47.69 19.22 -2.48
CA LEU C 97 47.26 18.91 -3.84
C LEU C 97 45.94 19.60 -4.22
N ASN C 98 45.43 20.47 -3.37
CA ASN C 98 44.26 21.31 -3.71
C ASN C 98 43.05 20.41 -3.95
N THR C 99 42.25 20.66 -4.97
CA THR C 99 41.03 19.90 -5.19
C THR C 99 41.35 18.54 -5.80
N LEU C 100 40.78 17.48 -5.22
CA LEU C 100 40.93 16.13 -5.75
C LEU C 100 39.55 15.52 -5.95
N PHE C 101 39.43 14.73 -7.01
CA PHE C 101 38.21 13.99 -7.34
C PHE C 101 38.47 12.49 -7.22
N GLY C 102 37.39 11.75 -6.99
CA GLY C 102 37.49 10.31 -6.91
C GLY C 102 37.59 9.66 -8.27
N GLY C 103 37.83 8.36 -8.26
CA GLY C 103 37.97 7.61 -9.51
C GLY C 103 36.67 7.38 -10.25
N GLY C 104 35.52 7.63 -9.61
CA GLY C 104 34.25 7.45 -10.26
C GLY C 104 33.65 6.07 -10.05
N THR C 105 32.38 6.02 -9.69
CA THR C 105 31.66 4.77 -9.49
C THR C 105 30.50 4.70 -10.46
N ARG C 106 30.42 3.60 -11.21
CA ARG C 106 29.38 3.40 -12.21
C ARG C 106 28.27 2.57 -11.58
N VAL C 107 27.12 3.19 -11.36
CA VAL C 107 25.98 2.53 -10.72
C VAL C 107 25.19 1.77 -11.77
N THR C 108 24.93 0.49 -11.52
CA THR C 108 24.17 -0.36 -12.41
C THR C 108 23.03 -1.00 -11.64
N VAL C 109 21.83 -0.99 -12.24
CA VAL C 109 20.67 -1.67 -11.66
C VAL C 109 20.61 -3.06 -12.28
N LEU C 110 20.78 -4.09 -11.44
CA LEU C 110 20.99 -5.45 -11.94
C LEU C 110 19.74 -5.98 -12.64
N GLY C 111 19.85 -6.25 -13.93
CA GLY C 111 18.87 -7.04 -14.65
C GLY C 111 19.33 -8.43 -14.98
N GLN C 112 20.49 -8.86 -14.47
CA GLN C 112 21.10 -10.15 -14.78
C GLN C 112 22.15 -10.44 -13.71
N PRO C 113 22.31 -11.69 -13.29
CA PRO C 113 23.28 -11.99 -12.24
C PRO C 113 24.70 -11.62 -12.67
N LYS C 114 25.53 -11.30 -11.66
CA LYS C 114 26.89 -10.86 -11.93
C LYS C 114 27.69 -11.92 -12.66
N ALA C 115 28.57 -11.49 -13.56
CA ALA C 115 29.39 -12.38 -14.35
C ALA C 115 30.84 -11.93 -14.29
N ALA C 116 31.76 -12.92 -14.31
CA ALA C 116 33.20 -12.71 -14.24
C ALA C 116 33.79 -12.62 -15.65
N PRO C 117 34.86 -11.83 -15.82
CA PRO C 117 35.46 -11.69 -17.15
C PRO C 117 36.21 -12.94 -17.58
N SER C 118 36.30 -13.12 -18.89
CA SER C 118 37.12 -14.16 -19.51
C SER C 118 38.22 -13.46 -20.28
N VAL C 119 39.43 -13.50 -19.74
CA VAL C 119 40.55 -12.69 -20.24
C VAL C 119 41.50 -13.57 -21.02
N THR C 120 41.87 -13.12 -22.22
CA THR C 120 42.85 -13.79 -23.06
C THR C 120 44.00 -12.83 -23.32
N LEU C 121 45.23 -13.32 -23.16
CA LEU C 121 46.43 -12.50 -23.29
C LEU C 121 47.29 -13.02 -24.43
N PHE C 122 47.89 -12.10 -25.18
CA PHE C 122 48.71 -12.45 -26.34
C PHE C 122 50.12 -11.89 -26.20
N PRO C 123 51.11 -12.55 -26.78
CA PRO C 123 52.47 -12.03 -26.75
C PRO C 123 52.75 -11.17 -27.97
N PRO C 124 53.77 -10.32 -27.92
CA PRO C 124 54.14 -9.54 -29.10
C PRO C 124 54.63 -10.43 -30.23
N SER C 125 54.02 -10.27 -31.40
CA SER C 125 54.33 -11.11 -32.55
C SER C 125 55.74 -10.83 -33.06
N SER C 126 56.35 -11.86 -33.66
CA SER C 126 57.70 -11.73 -34.18
C SER C 126 57.76 -10.77 -35.36
N GLU C 127 56.69 -10.66 -36.13
CA GLU C 127 56.66 -9.72 -37.25
C GLU C 127 56.76 -8.28 -36.75
N GLU C 128 55.93 -7.95 -35.75
CA GLU C 128 56.00 -6.62 -35.15
C GLU C 128 57.38 -6.37 -34.54
N LEU C 129 57.96 -7.41 -33.94
CA LEU C 129 59.31 -7.27 -33.39
C LEU C 129 60.32 -6.96 -34.50
N GLN C 130 60.20 -7.61 -35.65
CA GLN C 130 61.04 -7.27 -36.79
C GLN C 130 60.79 -5.84 -37.25
N ALA C 131 59.60 -5.31 -37.00
CA ALA C 131 59.30 -3.91 -37.27
C ALA C 131 59.74 -2.98 -36.13
N ASN C 132 60.61 -3.45 -35.22
CA ASN C 132 61.10 -2.66 -34.09
C ASN C 132 59.97 -2.15 -33.20
N LYS C 133 58.89 -2.92 -33.11
CA LYS C 133 57.75 -2.56 -32.27
C LYS C 133 57.28 -3.80 -31.53
N ALA C 134 56.52 -3.58 -30.46
CA ALA C 134 55.97 -4.69 -29.70
C ALA C 134 54.71 -4.22 -28.97
N THR C 135 53.64 -4.99 -29.13
CA THR C 135 52.37 -4.71 -28.47
C THR C 135 51.92 -5.95 -27.72
N LEU C 136 51.28 -5.75 -26.57
CA LEU C 136 50.92 -6.84 -25.68
C LEU C 136 49.49 -7.31 -25.90
N VAL C 137 48.51 -6.41 -25.81
CA VAL C 137 47.10 -6.68 -26.11
C VAL C 137 46.48 -7.63 -25.09
N CYS C 138 45.67 -7.08 -24.18
CA CYS C 138 44.83 -7.83 -23.25
C CYS C 138 43.38 -7.63 -23.64
N LEU C 139 42.62 -8.72 -23.72
CA LEU C 139 41.21 -8.66 -24.10
C LEU C 139 40.36 -9.16 -22.95
N ILE C 140 39.42 -8.33 -22.49
CA ILE C 140 38.51 -8.67 -21.41
C ILE C 140 37.12 -8.77 -22.01
N SER C 141 36.36 -9.79 -21.59
CA SER C 141 35.04 -9.95 -22.18
C SER C 141 34.16 -10.79 -21.26
N ASP C 142 32.86 -10.71 -21.52
CA ASP C 142 31.85 -11.53 -20.86
C ASP C 142 31.77 -11.25 -19.36
N PHE C 143 31.76 -9.96 -19.00
CA PHE C 143 31.64 -9.55 -17.61
C PHE C 143 30.47 -8.58 -17.47
N TYR C 144 29.70 -8.76 -16.39
CA TYR C 144 28.55 -7.93 -16.08
C TYR C 144 28.53 -7.69 -14.58
N PRO C 145 28.34 -6.44 -14.12
CA PRO C 145 28.18 -5.22 -14.90
C PRO C 145 29.47 -4.74 -15.55
N GLY C 146 29.37 -3.75 -16.43
CA GLY C 146 30.51 -3.28 -17.19
C GLY C 146 31.40 -2.28 -16.50
N ALA C 147 32.23 -2.75 -15.56
CA ALA C 147 33.19 -1.88 -14.89
C ALA C 147 34.32 -2.75 -14.33
N VAL C 148 35.52 -2.58 -14.86
CA VAL C 148 36.69 -3.35 -14.45
C VAL C 148 37.86 -2.39 -14.29
N THR C 149 38.92 -2.87 -13.63
CA THR C 149 40.15 -2.12 -13.50
C THR C 149 41.32 -2.95 -14.03
N VAL C 150 42.26 -2.29 -14.70
CA VAL C 150 43.36 -2.96 -15.39
C VAL C 150 44.67 -2.67 -14.66
N ALA C 151 45.56 -3.66 -14.66
CA ALA C 151 46.90 -3.51 -14.11
C ALA C 151 47.85 -4.41 -14.91
N TRP C 152 49.05 -3.91 -15.16
CA TRP C 152 50.05 -4.63 -15.92
C TRP C 152 51.28 -4.86 -15.06
N LYS C 153 51.89 -6.03 -15.22
CA LYS C 153 53.09 -6.37 -14.46
C LYS C 153 54.15 -6.87 -15.42
N ALA C 154 55.37 -6.35 -15.29
CA ALA C 154 56.55 -6.93 -15.89
C ALA C 154 57.23 -7.78 -14.84
N ASP C 155 57.40 -9.07 -15.13
CA ASP C 155 57.79 -10.04 -14.11
C ASP C 155 56.78 -9.99 -12.97
N SER C 156 57.07 -9.21 -11.92
CA SER C 156 56.14 -9.05 -10.83
C SER C 156 56.01 -7.60 -10.37
N SER C 157 56.55 -6.64 -11.13
CA SER C 157 56.48 -5.23 -10.77
C SER C 157 55.58 -4.46 -11.73
N PRO C 158 54.80 -3.51 -11.24
CA PRO C 158 53.80 -2.85 -12.10
C PRO C 158 54.44 -2.04 -13.21
N VAL C 159 53.69 -1.92 -14.31
CA VAL C 159 54.07 -1.14 -15.49
C VAL C 159 53.01 -0.08 -15.72
N LYS C 160 53.44 1.16 -15.95
CA LYS C 160 52.51 2.26 -16.16
C LYS C 160 52.76 3.04 -17.44
N ALA C 161 53.92 2.93 -18.07
CA ALA C 161 54.23 3.69 -19.28
C ALA C 161 53.70 2.94 -20.50
N GLY C 162 52.82 3.59 -21.26
CA GLY C 162 52.30 3.00 -22.47
C GLY C 162 51.04 2.19 -22.31
N VAL C 163 50.16 2.59 -21.39
CA VAL C 163 48.93 1.86 -21.12
C VAL C 163 47.76 2.58 -21.78
N GLU C 164 46.98 1.85 -22.58
CA GLU C 164 45.77 2.36 -23.19
C GLU C 164 44.61 1.46 -22.77
N THR C 165 43.62 2.03 -22.12
CA THR C 165 42.46 1.28 -21.62
C THR C 165 41.20 1.78 -22.31
N THR C 166 40.46 0.85 -22.92
CA THR C 166 39.23 1.19 -23.63
C THR C 166 38.06 1.26 -22.67
N THR C 167 36.86 1.43 -23.21
CA THR C 167 35.63 1.51 -22.45
C THR C 167 34.80 0.25 -22.65
N PRO C 168 34.00 -0.15 -21.65
CA PRO C 168 33.19 -1.37 -21.80
C PRO C 168 32.02 -1.13 -22.75
N SER C 169 31.99 -1.90 -23.84
CA SER C 169 30.93 -1.83 -24.83
C SER C 169 29.98 -3.00 -24.64
N LYS C 170 28.69 -2.74 -24.81
CA LYS C 170 27.69 -3.78 -24.62
C LYS C 170 27.84 -4.87 -25.67
N GLN C 171 27.76 -6.12 -25.23
CA GLN C 171 27.79 -7.27 -26.12
C GLN C 171 26.38 -7.59 -26.61
N SER C 172 26.28 -8.60 -27.47
CA SER C 172 24.98 -9.02 -27.99
C SER C 172 24.10 -9.64 -26.92
N ASN C 173 24.69 -10.19 -25.86
CA ASN C 173 23.96 -10.85 -24.79
C ASN C 173 23.93 -10.04 -23.50
N ASN C 174 23.93 -8.71 -23.63
CA ASN C 174 23.78 -7.73 -22.55
C ASN C 174 24.96 -7.71 -21.58
N LYS C 175 26.02 -8.48 -21.81
CA LYS C 175 27.22 -8.41 -21.00
C LYS C 175 28.19 -7.40 -21.61
N TYR C 176 29.39 -7.28 -21.05
CA TYR C 176 30.32 -6.23 -21.45
C TYR C 176 31.68 -6.78 -21.80
N ALA C 177 32.40 -6.04 -22.63
CA ALA C 177 33.75 -6.39 -23.05
C ALA C 177 34.55 -5.11 -23.28
N ALA C 178 35.87 -5.25 -23.20
CA ALA C 178 36.79 -4.13 -23.39
C ALA C 178 38.18 -4.70 -23.70
N SER C 179 39.13 -3.80 -23.88
CA SER C 179 40.50 -4.21 -24.20
C SER C 179 41.47 -3.19 -23.63
N SER C 180 42.72 -3.64 -23.47
CA SER C 180 43.81 -2.78 -23.03
C SER C 180 45.05 -3.12 -23.85
N TYR C 181 45.89 -2.12 -24.05
CA TYR C 181 47.10 -2.28 -24.86
C TYR C 181 48.29 -1.70 -24.10
N LEU C 182 49.37 -2.48 -24.02
CA LEU C 182 50.61 -2.03 -23.38
C LEU C 182 51.74 -2.25 -24.38
N SER C 183 52.07 -1.20 -25.12
CA SER C 183 53.19 -1.25 -26.05
C SER C 183 54.50 -1.02 -25.32
N LEU C 184 55.58 -1.60 -25.86
CA LEU C 184 56.89 -1.49 -25.25
C LEU C 184 57.95 -1.84 -26.29
N THR C 185 59.18 -1.43 -26.00
CA THR C 185 60.30 -1.69 -26.89
C THR C 185 60.75 -3.14 -26.78
N PRO C 186 61.34 -3.70 -27.86
CA PRO C 186 61.83 -5.08 -27.79
C PRO C 186 62.86 -5.31 -26.70
N GLU C 187 63.68 -4.31 -26.38
CA GLU C 187 64.65 -4.43 -25.31
C GLU C 187 63.96 -4.66 -23.97
N GLN C 188 62.87 -3.92 -23.71
CA GLN C 188 62.11 -4.14 -22.49
C GLN C 188 61.46 -5.52 -22.48
N TRP C 189 61.01 -5.99 -23.65
CA TRP C 189 60.42 -7.32 -23.74
C TRP C 189 61.43 -8.40 -23.37
N LYS C 190 62.66 -8.28 -23.87
CA LYS C 190 63.68 -9.27 -23.58
C LYS C 190 64.32 -9.12 -22.21
N SER C 191 64.13 -7.98 -21.54
CA SER C 191 64.71 -7.76 -20.23
C SER C 191 63.82 -8.24 -19.10
N HIS C 192 62.65 -8.79 -19.40
CA HIS C 192 61.72 -9.27 -18.38
C HIS C 192 61.34 -10.71 -18.70
N ARG C 193 61.35 -11.56 -17.67
CA ARG C 193 61.10 -12.99 -17.87
C ARG C 193 59.66 -13.25 -18.29
N SER C 194 58.72 -12.39 -17.90
CA SER C 194 57.32 -12.59 -18.24
C SER C 194 56.56 -11.28 -18.10
N TYR C 195 55.34 -11.27 -18.63
CA TYR C 195 54.43 -10.14 -18.50
C TYR C 195 53.04 -10.65 -18.17
N SER C 196 52.39 -9.98 -17.22
CA SER C 196 51.10 -10.40 -16.70
C SER C 196 50.07 -9.27 -16.80
N CYS C 197 48.85 -9.64 -17.15
CA CYS C 197 47.70 -8.73 -17.21
C CYS C 197 46.73 -9.14 -16.12
N GLN C 198 46.38 -8.19 -15.25
CA GLN C 198 45.53 -8.44 -14.09
C GLN C 198 44.34 -7.52 -14.15
N VAL C 199 43.13 -8.09 -14.17
CA VAL C 199 41.91 -7.31 -14.27
C VAL C 199 41.05 -7.61 -13.04
N THR C 200 40.63 -6.55 -12.36
CA THR C 200 39.79 -6.67 -11.17
C THR C 200 38.35 -6.33 -11.53
N HIS C 201 37.45 -7.24 -11.16
CA HIS C 201 36.02 -7.13 -11.42
C HIS C 201 35.28 -7.56 -10.17
N GLU C 202 34.42 -6.68 -9.65
CA GLU C 202 33.58 -6.98 -8.49
C GLU C 202 34.38 -7.50 -7.31
N GLY C 203 35.56 -6.92 -7.09
CA GLY C 203 36.38 -7.29 -5.97
C GLY C 203 37.15 -8.59 -6.11
N SER C 204 37.16 -9.19 -7.30
CA SER C 204 37.94 -10.40 -7.54
C SER C 204 38.79 -10.20 -8.80
N THR C 205 40.00 -10.73 -8.78
CA THR C 205 40.98 -10.47 -9.83
C THR C 205 41.18 -11.72 -10.68
N VAL C 206 41.18 -11.53 -12.00
CA VAL C 206 41.52 -12.56 -12.98
C VAL C 206 42.75 -12.10 -13.72
N GLU C 207 43.77 -12.95 -13.79
CA GLU C 207 45.03 -12.54 -14.40
C GLU C 207 45.57 -13.63 -15.29
N LYS C 208 46.36 -13.21 -16.28
CA LYS C 208 47.02 -14.10 -17.22
C LYS C 208 48.47 -13.66 -17.39
N THR C 209 49.31 -14.58 -17.87
CA THR C 209 50.74 -14.32 -18.00
C THR C 209 51.29 -14.98 -19.25
N VAL C 210 52.19 -14.26 -19.95
CA VAL C 210 52.91 -14.77 -21.10
C VAL C 210 54.40 -14.51 -20.88
N ALA C 211 55.22 -15.22 -21.65
CA ALA C 211 56.66 -15.14 -21.50
C ALA C 211 57.34 -15.07 -22.86
N PRO C 212 58.51 -14.43 -22.95
CA PRO C 212 59.28 -14.44 -24.19
C PRO C 212 60.07 -15.72 -24.43
N THR C 213 59.84 -16.77 -23.65
CA THR C 213 60.54 -18.04 -23.81
C THR C 213 59.62 -19.16 -24.29
N GLU C 214 58.46 -18.81 -24.84
CA GLU C 214 57.44 -19.80 -25.20
C GLU C 214 57.58 -20.23 -26.67
N CYS C 215 58.76 -20.74 -27.00
CA CYS C 215 59.02 -21.23 -28.35
C CYS C 215 58.27 -22.53 -28.60
N THR D 1 42.12 -46.67 -3.54
CA THR D 1 42.50 -45.49 -2.76
C THR D 1 42.22 -44.21 -3.53
N ASN D 2 42.57 -43.08 -2.93
CA ASN D 2 42.41 -41.74 -3.49
C ASN D 2 40.95 -41.33 -3.58
N LEU D 3 40.68 -40.04 -3.39
CA LEU D 3 39.31 -39.56 -3.29
C LEU D 3 38.58 -39.70 -4.62
N CYS D 4 37.27 -39.88 -4.53
CA CYS D 4 36.47 -40.11 -5.73
C CYS D 4 36.41 -38.86 -6.60
N PRO D 5 36.43 -39.00 -7.91
CA PRO D 5 36.41 -37.82 -8.82
C PRO D 5 35.02 -37.21 -8.96
N PHE D 6 34.58 -36.53 -7.90
CA PHE D 6 33.29 -35.85 -7.92
C PHE D 6 33.34 -34.51 -8.65
N GLY D 7 34.54 -33.97 -8.92
CA GLY D 7 34.62 -32.65 -9.51
C GLY D 7 34.00 -32.58 -10.89
N GLU D 8 34.34 -33.53 -11.76
CA GLU D 8 33.93 -33.44 -13.16
C GLU D 8 32.42 -33.58 -13.35
N VAL D 9 31.69 -33.99 -12.32
CA VAL D 9 30.24 -34.07 -12.40
C VAL D 9 29.58 -32.80 -11.88
N PHE D 10 29.99 -32.32 -10.71
CA PHE D 10 29.33 -31.18 -10.07
C PHE D 10 29.81 -29.85 -10.64
N ASN D 11 31.09 -29.49 -10.41
CA ASN D 11 31.59 -28.20 -10.88
C ASN D 11 31.95 -28.24 -12.38
N ALA D 12 31.33 -29.15 -13.15
CA ALA D 12 31.53 -29.20 -14.60
C ALA D 12 31.03 -27.93 -15.28
N THR D 13 31.41 -27.77 -16.55
CA THR D 13 31.08 -26.55 -17.29
C THR D 13 29.64 -26.56 -17.79
N ARG D 14 29.26 -27.61 -18.51
CA ARG D 14 27.95 -27.69 -19.13
C ARG D 14 27.14 -28.84 -18.52
N PHE D 15 25.83 -28.63 -18.47
CA PHE D 15 24.89 -29.65 -18.04
C PHE D 15 23.92 -29.95 -19.17
N ALA D 16 23.45 -31.19 -19.22
CA ALA D 16 22.57 -31.65 -20.28
C ALA D 16 21.11 -31.31 -19.97
N SER D 17 20.28 -31.40 -21.01
CA SER D 17 18.85 -31.25 -20.83
C SER D 17 18.29 -32.45 -20.07
N VAL D 18 17.11 -32.26 -19.48
CA VAL D 18 16.52 -33.31 -18.66
C VAL D 18 16.16 -34.53 -19.50
N TYR D 19 15.75 -34.32 -20.76
CA TYR D 19 15.42 -35.45 -21.62
C TYR D 19 16.66 -36.18 -22.11
N ALA D 20 17.83 -35.55 -22.06
CA ALA D 20 19.07 -36.19 -22.46
C ALA D 20 20.05 -36.20 -21.29
N TRP D 21 19.56 -36.58 -20.11
CA TRP D 21 20.37 -36.53 -18.89
C TRP D 21 21.62 -37.38 -19.03
N ASN D 22 22.71 -36.91 -18.42
CA ASN D 22 23.99 -37.59 -18.53
C ASN D 22 24.21 -38.54 -17.37
N ARG D 23 24.86 -39.67 -17.65
CA ARG D 23 25.21 -40.67 -16.64
C ARG D 23 26.71 -40.86 -16.61
N LYS D 24 27.28 -40.87 -15.41
CA LYS D 24 28.72 -41.10 -15.21
C LYS D 24 28.89 -42.21 -14.19
N ARG D 25 29.71 -43.20 -14.54
CA ARG D 25 30.01 -44.32 -13.65
C ARG D 25 31.21 -43.97 -12.78
N ILE D 26 31.09 -44.24 -11.48
CA ILE D 26 32.15 -43.99 -10.52
C ILE D 26 32.44 -45.28 -9.75
N SER D 27 33.71 -45.64 -9.67
CA SER D 27 34.15 -46.86 -9.01
C SER D 27 35.63 -46.73 -8.69
N ASN D 28 36.11 -47.66 -7.85
CA ASN D 28 37.53 -47.76 -7.51
C ASN D 28 38.06 -46.48 -6.88
N CYS D 29 37.32 -45.97 -5.90
CA CYS D 29 37.77 -44.79 -5.15
C CYS D 29 37.03 -44.74 -3.83
N VAL D 30 37.56 -43.94 -2.91
CA VAL D 30 36.93 -43.68 -1.62
C VAL D 30 36.11 -42.41 -1.72
N ALA D 31 34.86 -42.47 -1.28
CA ALA D 31 33.93 -41.35 -1.35
C ALA D 31 33.70 -40.80 0.04
N ASP D 32 34.07 -39.54 0.25
CA ASP D 32 33.82 -38.84 1.51
C ASP D 32 32.65 -37.89 1.29
N TYR D 33 31.45 -38.33 1.66
CA TYR D 33 30.26 -37.53 1.43
C TYR D 33 30.22 -36.28 2.29
N SER D 34 30.89 -36.27 3.45
CA SER D 34 30.99 -35.05 4.24
C SER D 34 31.74 -33.96 3.47
N VAL D 35 32.84 -34.32 2.82
CA VAL D 35 33.59 -33.37 2.03
C VAL D 35 32.75 -32.85 0.87
N LEU D 36 32.01 -33.75 0.21
CA LEU D 36 31.14 -33.33 -0.88
C LEU D 36 30.06 -32.37 -0.40
N TYR D 37 29.47 -32.66 0.77
CA TYR D 37 28.43 -31.79 1.31
C TYR D 37 28.99 -30.42 1.67
N ASN D 38 30.21 -30.38 2.21
CA ASN D 38 30.83 -29.13 2.62
C ASN D 38 31.59 -28.45 1.50
N SER D 39 31.61 -29.02 0.30
CA SER D 39 32.32 -28.40 -0.81
C SER D 39 31.72 -27.06 -1.18
N ALA D 40 30.39 -26.96 -1.18
CA ALA D 40 29.70 -25.73 -1.53
C ALA D 40 28.39 -25.68 -0.76
N SER D 41 27.49 -24.79 -1.19
CA SER D 41 26.17 -24.66 -0.60
C SER D 41 25.13 -25.18 -1.59
N PHE D 42 24.34 -26.15 -1.16
CA PHE D 42 23.35 -26.80 -2.00
C PHE D 42 21.95 -26.44 -1.54
N SER D 43 21.03 -26.35 -2.52
CA SER D 43 19.64 -26.05 -2.20
C SER D 43 18.89 -27.27 -1.67
N THR D 44 19.28 -28.47 -2.09
CA THR D 44 18.65 -29.70 -1.64
C THR D 44 19.68 -30.82 -1.58
N PHE D 45 19.69 -31.56 -0.48
CA PHE D 45 20.56 -32.72 -0.31
C PHE D 45 19.79 -33.75 0.49
N LYS D 46 19.14 -34.69 -0.19
CA LYS D 46 18.31 -35.70 0.45
C LYS D 46 18.85 -37.09 0.11
N CYS D 47 18.55 -38.05 0.97
CA CYS D 47 18.99 -39.42 0.74
C CYS D 47 17.84 -40.39 1.01
N TYR D 48 17.61 -41.30 0.07
CA TYR D 48 16.52 -42.25 0.12
C TYR D 48 17.07 -43.66 0.32
N GLY D 49 16.52 -44.36 1.32
CA GLY D 49 16.85 -45.75 1.57
C GLY D 49 18.12 -45.98 2.36
N VAL D 50 18.86 -44.93 2.69
CA VAL D 50 20.11 -45.05 3.42
C VAL D 50 20.19 -43.93 4.45
N SER D 51 20.59 -44.28 5.67
CA SER D 51 20.75 -43.27 6.72
C SER D 51 21.97 -42.40 6.40
N PRO D 52 21.83 -41.07 6.42
CA PRO D 52 22.99 -40.22 6.13
C PRO D 52 24.06 -40.26 7.19
N THR D 53 23.70 -40.59 8.44
CA THR D 53 24.72 -40.73 9.49
C THR D 53 25.67 -41.87 9.17
N LYS D 54 25.14 -43.00 8.71
CA LYS D 54 25.95 -44.14 8.28
C LYS D 54 26.14 -44.03 6.77
N LEU D 55 27.10 -43.18 6.37
CA LEU D 55 27.38 -42.98 4.96
C LEU D 55 28.84 -43.22 4.64
N ASN D 56 29.71 -42.94 5.59
CA ASN D 56 31.15 -43.14 5.43
C ASN D 56 31.58 -44.54 5.83
N ASP D 57 30.64 -45.44 6.13
CA ASP D 57 30.95 -46.79 6.55
C ASP D 57 30.36 -47.85 5.64
N LEU D 58 29.85 -47.48 4.47
CA LEU D 58 29.18 -48.42 3.58
C LEU D 58 29.98 -48.62 2.31
N CYS D 59 30.00 -49.87 1.84
CA CYS D 59 30.62 -50.24 0.57
C CYS D 59 29.57 -50.45 -0.50
N PHE D 60 29.94 -50.18 -1.74
CA PHE D 60 29.08 -50.43 -2.89
C PHE D 60 29.91 -50.93 -4.06
N THR D 61 29.30 -51.75 -4.91
CA THR D 61 29.98 -52.21 -6.11
C THR D 61 30.28 -51.05 -7.05
N ASN D 62 29.30 -50.19 -7.28
CA ASN D 62 29.46 -49.04 -8.18
C ASN D 62 28.55 -47.92 -7.73
N VAL D 63 28.79 -46.71 -8.25
CA VAL D 63 27.83 -45.63 -8.10
C VAL D 63 27.66 -44.94 -9.46
N TYR D 64 26.49 -44.35 -9.65
CA TYR D 64 26.15 -43.68 -10.90
C TYR D 64 25.66 -42.28 -10.60
N ALA D 65 26.21 -41.29 -11.29
CA ALA D 65 25.82 -39.90 -11.15
C ALA D 65 25.06 -39.48 -12.41
N ASP D 66 23.79 -39.13 -12.23
CA ASP D 66 22.97 -38.63 -13.32
C ASP D 66 22.80 -37.13 -13.15
N SER D 67 23.17 -36.37 -14.17
CA SER D 67 23.19 -34.92 -14.11
C SER D 67 22.29 -34.34 -15.19
N PHE D 68 21.53 -33.31 -14.80
CA PHE D 68 20.71 -32.58 -15.75
C PHE D 68 20.30 -31.24 -15.15
N VAL D 69 19.47 -30.51 -15.89
CA VAL D 69 18.98 -29.19 -15.50
C VAL D 69 17.47 -29.16 -15.62
N ILE D 70 16.79 -28.69 -14.57
CA ILE D 70 15.33 -28.60 -14.57
C ILE D 70 14.92 -27.25 -14.02
N ARG D 71 13.63 -27.04 -13.83
CA ARG D 71 13.11 -25.85 -13.19
C ARG D 71 12.79 -26.15 -11.73
N GLY D 72 12.90 -25.12 -10.89
CA GLY D 72 12.75 -25.33 -9.45
C GLY D 72 11.43 -25.97 -9.07
N ASP D 73 10.34 -25.54 -9.72
CA ASP D 73 9.03 -26.12 -9.45
C ASP D 73 9.00 -27.63 -9.68
N GLU D 74 9.89 -28.14 -10.53
CA GLU D 74 9.97 -29.56 -10.85
C GLU D 74 10.95 -30.33 -9.97
N VAL D 75 11.64 -29.65 -9.05
CA VAL D 75 12.63 -30.34 -8.22
C VAL D 75 11.97 -31.41 -7.36
N ARG D 76 10.72 -31.19 -6.95
CA ARG D 76 10.01 -32.20 -6.18
C ARG D 76 9.80 -33.49 -6.95
N GLN D 77 9.84 -33.44 -8.29
CA GLN D 77 9.54 -34.62 -9.10
C GLN D 77 10.71 -35.59 -9.20
N ILE D 78 11.91 -35.21 -8.76
CA ILE D 78 13.06 -36.12 -8.78
C ILE D 78 13.06 -36.82 -7.42
N ALA D 79 12.24 -37.87 -7.32
CA ALA D 79 12.08 -38.66 -6.10
C ALA D 79 11.28 -39.92 -6.43
N PRO D 80 11.44 -40.99 -5.66
CA PRO D 80 10.65 -42.21 -5.93
C PRO D 80 9.16 -41.94 -5.82
N GLY D 81 8.41 -42.56 -6.73
CA GLY D 81 6.96 -42.46 -6.70
C GLY D 81 6.41 -41.06 -6.90
N GLN D 82 6.98 -40.31 -7.85
CA GLN D 82 6.53 -38.96 -8.14
C GLN D 82 5.92 -38.89 -9.54
N THR D 83 4.90 -38.05 -9.69
CA THR D 83 4.23 -37.82 -10.95
C THR D 83 4.54 -36.42 -11.45
N GLY D 84 4.26 -36.20 -12.74
CA GLY D 84 4.54 -34.93 -13.37
C GLY D 84 5.26 -35.12 -14.69
N LYS D 85 5.31 -34.06 -15.51
CA LYS D 85 5.89 -34.17 -16.84
C LYS D 85 7.31 -34.70 -16.79
N ILE D 86 8.13 -34.15 -15.89
CA ILE D 86 9.52 -34.58 -15.79
C ILE D 86 9.60 -36.02 -15.30
N ALA D 87 8.82 -36.37 -14.28
CA ALA D 87 8.91 -37.70 -13.69
C ALA D 87 8.29 -38.77 -14.58
N ASP D 88 7.51 -38.38 -15.59
CA ASP D 88 6.83 -39.34 -16.45
C ASP D 88 7.49 -39.48 -17.82
N TYR D 89 7.92 -38.37 -18.44
CA TYR D 89 8.44 -38.41 -19.79
C TYR D 89 9.94 -38.15 -19.90
N ASN D 90 10.58 -37.71 -18.82
CA ASN D 90 11.99 -37.32 -18.90
C ASN D 90 12.91 -38.15 -18.02
N TYR D 91 12.61 -38.27 -16.72
CA TYR D 91 13.48 -38.98 -15.80
C TYR D 91 12.64 -39.62 -14.71
N LYS D 92 12.87 -40.91 -14.47
CA LYS D 92 12.07 -41.70 -13.54
C LYS D 92 12.97 -42.39 -12.53
N LEU D 93 12.53 -42.41 -11.26
CA LEU D 93 13.20 -43.09 -10.17
C LEU D 93 12.35 -44.24 -9.66
N PRO D 94 12.95 -45.41 -9.42
CA PRO D 94 12.18 -46.55 -8.92
C PRO D 94 11.71 -46.32 -7.50
N ASP D 95 10.65 -47.03 -7.14
CA ASP D 95 10.08 -46.89 -5.80
C ASP D 95 11.09 -47.29 -4.73
N ASP D 96 11.91 -48.31 -5.01
CA ASP D 96 12.93 -48.79 -4.08
C ASP D 96 14.29 -48.15 -4.32
N PHE D 97 14.32 -46.90 -4.77
CA PHE D 97 15.57 -46.20 -5.02
C PHE D 97 16.40 -46.11 -3.74
N THR D 98 17.67 -46.50 -3.84
CA THR D 98 18.62 -46.39 -2.74
C THR D 98 19.76 -45.50 -3.20
N GLY D 99 19.83 -44.30 -2.66
CA GLY D 99 20.83 -43.35 -3.11
C GLY D 99 20.57 -41.97 -2.51
N CYS D 100 21.02 -40.95 -3.23
CA CYS D 100 20.82 -39.58 -2.78
C CYS D 100 20.53 -38.69 -3.99
N VAL D 101 19.92 -37.55 -3.70
CA VAL D 101 19.59 -36.53 -4.69
C VAL D 101 20.11 -35.19 -4.20
N ILE D 102 20.85 -34.49 -5.06
CA ILE D 102 21.41 -33.19 -4.76
C ILE D 102 20.98 -32.21 -5.84
N ALA D 103 20.64 -30.99 -5.43
CA ALA D 103 20.18 -29.98 -6.38
C ALA D 103 20.60 -28.61 -5.88
N TRP D 104 20.94 -27.72 -6.82
CA TRP D 104 21.30 -26.36 -6.45
C TRP D 104 20.87 -25.38 -7.53
N ASN D 105 20.52 -24.17 -7.09
CA ASN D 105 20.11 -23.12 -8.01
C ASN D 105 21.29 -22.66 -8.85
N SER D 106 21.06 -22.52 -10.16
CA SER D 106 22.09 -22.15 -11.12
C SER D 106 21.60 -21.03 -12.03
N ASN D 107 21.02 -19.99 -11.42
CA ASN D 107 20.53 -18.86 -12.21
C ASN D 107 21.68 -18.15 -12.91
N ASN D 108 22.83 -18.00 -12.25
CA ASN D 108 23.97 -17.29 -12.80
C ASN D 108 24.61 -18.01 -13.98
N LEU D 109 24.26 -19.27 -14.23
CA LEU D 109 24.90 -20.04 -15.30
C LEU D 109 23.97 -20.44 -16.43
N ASP D 110 22.65 -20.46 -16.21
CA ASP D 110 21.73 -20.99 -17.22
C ASP D 110 20.59 -20.03 -17.53
N SER D 111 20.73 -18.75 -17.18
CA SER D 111 19.72 -17.75 -17.50
C SER D 111 20.38 -16.60 -18.24
N LYS D 112 19.84 -16.27 -19.42
CA LYS D 112 20.32 -15.17 -20.24
C LYS D 112 19.16 -14.23 -20.55
N VAL D 113 19.51 -13.01 -20.95
CA VAL D 113 18.50 -12.02 -21.30
C VAL D 113 17.73 -12.50 -22.53
N GLY D 114 16.40 -12.44 -22.44
CA GLY D 114 15.55 -13.00 -23.47
C GLY D 114 15.24 -14.47 -23.30
N GLY D 115 15.73 -15.10 -22.24
CA GLY D 115 15.46 -16.50 -21.99
C GLY D 115 16.53 -17.41 -22.58
N ASN D 116 16.71 -18.55 -21.92
CA ASN D 116 17.63 -19.59 -22.39
C ASN D 116 16.80 -20.68 -23.06
N TYR D 117 16.86 -20.73 -24.39
CA TYR D 117 16.11 -21.70 -25.17
C TYR D 117 16.92 -22.92 -25.55
N ASN D 118 18.17 -23.02 -25.07
CA ASN D 118 18.98 -24.21 -25.34
C ASN D 118 18.53 -25.42 -24.53
N TYR D 119 17.91 -25.20 -23.37
CA TYR D 119 17.43 -26.28 -22.52
C TYR D 119 16.03 -26.69 -22.95
N LEU D 120 15.84 -27.96 -23.26
CA LEU D 120 14.57 -28.48 -23.72
C LEU D 120 14.09 -29.60 -22.80
N TYR D 121 12.80 -29.92 -22.93
CA TYR D 121 12.22 -31.04 -22.20
C TYR D 121 11.10 -31.65 -23.03
N ARG D 122 10.89 -32.95 -22.83
CA ARG D 122 9.86 -33.67 -23.57
C ARG D 122 8.48 -33.31 -23.02
N LEU D 123 7.54 -33.02 -23.92
CA LEU D 123 6.19 -32.63 -23.55
C LEU D 123 5.16 -33.72 -23.81
N PHE D 124 5.27 -34.42 -24.94
CA PHE D 124 4.29 -35.45 -25.32
C PHE D 124 4.99 -36.79 -25.45
N ARG D 125 4.30 -37.84 -25.04
CA ARG D 125 4.80 -39.20 -25.21
C ARG D 125 3.62 -40.17 -25.13
N LYS D 126 3.77 -41.32 -25.79
CA LYS D 126 2.70 -42.31 -25.80
C LYS D 126 2.59 -43.01 -24.45
N SER D 127 3.71 -43.40 -23.87
CA SER D 127 3.73 -44.14 -22.61
C SER D 127 4.75 -43.53 -21.67
N ASN D 128 4.60 -43.83 -20.37
CA ASN D 128 5.52 -43.34 -19.37
C ASN D 128 6.87 -44.03 -19.49
N LEU D 129 7.89 -43.40 -18.91
CA LEU D 129 9.23 -43.96 -18.89
C LEU D 129 9.37 -44.97 -17.75
N LYS D 130 10.02 -46.09 -18.04
CA LYS D 130 10.40 -47.02 -16.99
C LYS D 130 11.50 -46.38 -16.14
N PRO D 131 11.67 -46.83 -14.90
CA PRO D 131 12.71 -46.25 -14.04
C PRO D 131 14.09 -46.32 -14.70
N PHE D 132 14.81 -45.20 -14.65
CA PHE D 132 16.13 -45.05 -15.26
C PHE D 132 16.10 -45.29 -16.77
N GLU D 133 15.02 -44.91 -17.43
CA GLU D 133 14.94 -44.95 -18.88
C GLU D 133 15.27 -43.58 -19.45
N ARG D 134 15.90 -43.58 -20.62
CA ARG D 134 16.30 -42.34 -21.30
C ARG D 134 15.73 -42.36 -22.71
N ASP D 135 14.98 -41.32 -23.06
CA ASP D 135 14.37 -41.19 -24.38
C ASP D 135 14.97 -39.98 -25.08
N ILE D 136 15.52 -40.21 -26.27
CA ILE D 136 16.07 -39.13 -27.09
C ILE D 136 15.42 -39.10 -28.47
N SER D 137 14.26 -39.71 -28.61
CA SER D 137 13.56 -39.76 -29.89
C SER D 137 13.03 -38.38 -30.27
N THR D 138 12.91 -38.15 -31.58
CA THR D 138 12.41 -36.88 -32.10
C THR D 138 11.24 -37.08 -33.05
N GLU D 139 10.60 -38.26 -33.01
CA GLU D 139 9.46 -38.53 -33.89
C GLU D 139 8.31 -37.58 -33.59
N ILE D 140 7.59 -37.20 -34.64
CA ILE D 140 6.44 -36.31 -34.48
C ILE D 140 5.34 -37.03 -33.71
N TYR D 141 4.74 -36.32 -32.77
CA TYR D 141 3.68 -36.87 -31.94
C TYR D 141 2.33 -36.71 -32.61
N GLN D 142 1.59 -37.80 -32.77
CA GLN D 142 0.26 -37.77 -33.34
C GLN D 142 -0.77 -37.76 -32.23
N ALA D 143 -1.79 -36.93 -32.38
CA ALA D 143 -2.83 -36.78 -31.37
C ALA D 143 -4.24 -37.01 -31.90
N GLY D 144 -4.46 -37.03 -33.21
CA GLY D 144 -5.75 -37.27 -33.78
C GLY D 144 -5.79 -38.57 -34.57
N SER D 145 -6.98 -38.86 -35.12
CA SER D 145 -7.16 -40.05 -35.93
C SER D 145 -6.29 -40.01 -37.18
N THR D 146 -6.06 -38.83 -37.73
CA THR D 146 -5.23 -38.71 -38.92
C THR D 146 -3.78 -39.01 -38.58
N PRO D 147 -3.11 -39.87 -39.34
CA PRO D 147 -1.69 -40.15 -39.08
C PRO D 147 -0.81 -38.95 -39.39
N CYS D 148 0.39 -38.97 -38.81
CA CYS D 148 1.34 -37.86 -38.95
C CYS D 148 2.33 -38.09 -40.07
N ASN D 149 2.96 -39.27 -40.11
CA ASN D 149 3.94 -39.63 -41.14
C ASN D 149 5.12 -38.66 -41.18
N GLY D 150 5.51 -38.12 -40.02
CA GLY D 150 6.65 -37.23 -39.93
C GLY D 150 6.38 -35.79 -40.30
N VAL D 151 5.19 -35.46 -40.77
CA VAL D 151 4.85 -34.09 -41.14
C VAL D 151 4.50 -33.31 -39.88
N GLU D 152 4.96 -32.06 -39.81
CA GLU D 152 4.71 -31.22 -38.64
C GLU D 152 3.54 -30.28 -38.91
N GLY D 153 2.37 -30.87 -39.11
CA GLY D 153 1.13 -30.13 -39.19
C GLY D 153 0.46 -30.05 -37.83
N PHE D 154 -0.84 -29.75 -37.85
CA PHE D 154 -1.56 -29.83 -36.59
C PHE D 154 -1.95 -31.28 -36.29
N ASN D 155 -2.23 -31.53 -35.02
CA ASN D 155 -2.31 -32.89 -34.47
C ASN D 155 -1.01 -33.66 -34.69
N CYS D 156 0.06 -32.93 -35.02
CA CYS D 156 1.39 -33.47 -35.29
C CYS D 156 2.37 -32.56 -34.55
N TYR D 157 2.61 -32.87 -33.28
CA TYR D 157 3.35 -31.99 -32.39
C TYR D 157 4.80 -32.44 -32.26
N PHE D 158 5.70 -31.49 -32.31
CA PHE D 158 7.09 -31.75 -31.94
C PHE D 158 7.13 -32.03 -30.44
N PRO D 159 7.82 -33.09 -30.00
CA PRO D 159 7.70 -33.53 -28.60
C PRO D 159 8.56 -32.75 -27.60
N LEU D 160 9.34 -31.76 -28.04
CA LEU D 160 10.22 -31.03 -27.15
C LEU D 160 9.84 -29.56 -27.08
N GLN D 161 10.01 -28.97 -25.90
CA GLN D 161 9.72 -27.56 -25.67
C GLN D 161 10.89 -26.94 -24.91
N SER D 162 11.15 -25.67 -25.22
CA SER D 162 12.19 -24.91 -24.54
C SER D 162 11.71 -24.43 -23.18
N TYR D 163 12.68 -24.16 -22.29
CA TYR D 163 12.38 -23.68 -20.96
C TYR D 163 12.27 -22.16 -20.90
N GLY D 164 13.17 -21.45 -21.58
CA GLY D 164 13.18 -19.99 -21.54
C GLY D 164 13.50 -19.44 -20.16
N PHE D 165 14.69 -19.75 -19.66
CA PHE D 165 15.08 -19.33 -18.32
C PHE D 165 15.46 -17.85 -18.34
N GLN D 166 14.75 -17.03 -17.58
CA GLN D 166 14.95 -15.59 -17.57
C GLN D 166 15.28 -15.11 -16.17
N PRO D 167 16.37 -14.35 -16.00
CA PRO D 167 16.93 -14.16 -14.65
C PRO D 167 16.00 -13.50 -13.65
N THR D 168 15.20 -12.54 -14.07
CA THR D 168 14.40 -11.77 -13.12
C THR D 168 13.24 -12.58 -12.52
N ASN D 169 12.97 -13.77 -13.05
CA ASN D 169 11.88 -14.58 -12.56
C ASN D 169 12.07 -14.93 -11.09
N GLY D 170 10.99 -15.41 -10.47
CA GLY D 170 11.07 -15.95 -9.14
C GLY D 170 11.85 -17.25 -9.11
N VAL D 171 12.21 -17.68 -7.89
CA VAL D 171 13.04 -18.85 -7.74
C VAL D 171 12.33 -20.12 -8.21
N GLY D 172 11.00 -20.10 -8.28
CA GLY D 172 10.26 -21.27 -8.73
C GLY D 172 10.45 -21.61 -10.20
N TYR D 173 10.84 -20.64 -11.01
CA TYR D 173 11.07 -20.85 -12.44
C TYR D 173 12.55 -20.83 -12.81
N GLN D 174 13.44 -20.62 -11.85
CA GLN D 174 14.85 -20.50 -12.18
C GLN D 174 15.47 -21.88 -12.45
N PRO D 175 16.53 -21.92 -13.27
CA PRO D 175 17.16 -23.22 -13.57
C PRO D 175 17.90 -23.78 -12.37
N TYR D 176 17.71 -25.07 -12.14
CA TYR D 176 18.35 -25.80 -11.06
C TYR D 176 19.14 -26.96 -11.66
N ARG D 177 20.39 -27.12 -11.21
CA ARG D 177 21.22 -28.24 -11.61
C ARG D 177 21.03 -29.38 -10.62
N VAL D 178 20.79 -30.58 -11.15
CA VAL D 178 20.42 -31.74 -10.35
C VAL D 178 21.40 -32.87 -10.64
N VAL D 179 21.93 -33.48 -9.58
CA VAL D 179 22.79 -34.65 -9.66
C VAL D 179 22.20 -35.71 -8.74
N VAL D 180 21.93 -36.89 -9.29
CA VAL D 180 21.34 -38.00 -8.56
C VAL D 180 22.39 -39.10 -8.47
N LEU D 181 22.71 -39.53 -7.25
CA LEU D 181 23.66 -40.60 -7.00
C LEU D 181 22.90 -41.88 -6.71
N SER D 182 23.15 -42.92 -7.51
CA SER D 182 22.53 -44.23 -7.36
C SER D 182 23.59 -45.23 -6.97
N PHE D 183 23.32 -46.01 -5.92
CA PHE D 183 24.27 -46.97 -5.37
C PHE D 183 23.95 -48.36 -5.88
N GLU D 184 24.93 -49.02 -6.48
CA GLU D 184 24.78 -50.37 -7.01
C GLU D 184 25.59 -51.33 -6.14
N LEU D 185 24.91 -52.31 -5.57
CA LEU D 185 25.53 -53.33 -4.72
C LEU D 185 25.15 -54.70 -5.28
N LEU D 186 26.12 -55.37 -5.89
CA LEU D 186 25.94 -56.69 -6.47
C LEU D 186 26.90 -57.68 -5.82
N HIS D 187 26.77 -58.95 -6.21
CA HIS D 187 27.66 -59.99 -5.71
C HIS D 187 29.03 -59.86 -6.38
N ALA D 188 29.73 -58.77 -6.10
CA ALA D 188 30.99 -58.43 -6.74
C ALA D 188 31.81 -57.62 -5.76
N PRO D 189 33.13 -57.57 -5.93
CA PRO D 189 33.96 -56.76 -5.01
C PRO D 189 33.55 -55.31 -5.03
N ALA D 190 33.20 -54.79 -3.85
CA ALA D 190 32.81 -53.40 -3.73
C ALA D 190 34.01 -52.48 -3.95
N THR D 191 33.85 -51.52 -4.86
CA THR D 191 34.94 -50.64 -5.24
C THR D 191 34.76 -49.21 -4.74
N VAL D 192 33.68 -48.92 -4.02
CA VAL D 192 33.43 -47.59 -3.49
C VAL D 192 33.04 -47.75 -2.01
N CYS D 193 33.90 -47.26 -1.12
CA CYS D 193 33.64 -47.29 0.31
C CYS D 193 34.19 -46.01 0.94
N GLY D 194 33.70 -45.71 2.13
CA GLY D 194 34.11 -44.52 2.84
C GLY D 194 35.49 -44.67 3.43
N PRO D 195 36.01 -43.57 4.00
CA PRO D 195 37.34 -43.51 4.63
C PRO D 195 37.49 -44.50 5.78
N GLN E 1 20.38 -7.77 3.34
CA GLN E 1 21.36 -8.62 4.01
C GLN E 1 21.41 -8.34 5.51
N SER E 2 20.42 -7.61 6.01
CA SER E 2 20.26 -7.37 7.44
C SER E 2 18.89 -6.77 7.70
N VAL E 3 18.14 -7.37 8.65
CA VAL E 3 16.77 -7.03 9.04
C VAL E 3 16.04 -6.20 7.98
N LEU E 4 15.23 -6.87 7.16
CA LEU E 4 14.55 -6.20 6.06
C LEU E 4 13.74 -5.02 6.57
N THR E 5 13.91 -3.88 5.91
CA THR E 5 13.37 -2.63 6.44
C THR E 5 11.85 -2.59 6.28
N GLN E 6 11.16 -2.21 7.34
CA GLN E 6 9.72 -2.06 7.38
C GLN E 6 9.35 -0.70 7.96
N PRO E 7 8.24 -0.12 7.52
CA PRO E 7 7.74 1.09 8.17
C PRO E 7 7.25 0.78 9.57
N PRO E 8 7.60 1.60 10.55
CA PRO E 8 7.16 1.32 11.94
C PRO E 8 5.66 1.35 12.12
N SER E 9 4.92 2.06 11.27
CA SER E 9 3.47 2.14 11.40
C SER E 9 2.84 2.41 10.04
N ALA E 10 1.69 1.77 9.81
CA ALA E 10 0.87 2.03 8.63
C ALA E 10 -0.54 2.36 9.13
N SER E 11 -1.04 3.53 8.75
CA SER E 11 -2.32 4.01 9.25
C SER E 11 -3.38 3.93 8.16
N GLY E 12 -4.62 4.19 8.54
CA GLY E 12 -5.73 4.16 7.61
C GLY E 12 -7.08 4.39 8.27
N ALA E 13 -7.96 5.08 7.56
CA ALA E 13 -9.31 5.30 8.04
C ALA E 13 -10.12 4.00 7.94
N PRO E 14 -11.21 3.88 8.71
CA PRO E 14 -12.04 2.68 8.63
C PRO E 14 -12.54 2.44 7.21
N GLY E 15 -12.14 1.31 6.63
CA GLY E 15 -12.55 0.96 5.28
C GLY E 15 -11.62 1.52 4.21
N GLN E 16 -10.31 1.44 4.45
CA GLN E 16 -9.30 1.98 3.55
C GLN E 16 -8.55 0.85 2.86
N ARG E 17 -7.53 1.25 2.09
CA ARG E 17 -6.56 0.32 1.52
C ARG E 17 -5.20 0.67 2.10
N VAL E 18 -4.61 -0.28 2.82
CA VAL E 18 -3.35 -0.07 3.55
C VAL E 18 -2.26 -0.89 2.87
N THR E 19 -1.09 -0.28 2.69
CA THR E 19 0.05 -0.94 2.06
C THR E 19 1.20 -1.00 3.05
N ILE E 20 1.79 -2.18 3.20
CA ILE E 20 2.97 -2.39 4.03
C ILE E 20 4.08 -2.94 3.15
N SER E 21 5.23 -2.26 3.18
CA SER E 21 6.34 -2.62 2.31
C SER E 21 7.44 -3.34 3.10
N CYS E 22 8.20 -4.16 2.39
CA CYS E 22 9.36 -4.84 2.93
C CYS E 22 10.47 -4.79 1.89
N THR E 23 11.56 -4.09 2.23
CA THR E 23 12.68 -3.88 1.32
C THR E 23 13.86 -4.73 1.75
N GLY E 24 14.46 -5.43 0.79
CA GLY E 24 15.57 -6.32 1.04
C GLY E 24 16.77 -5.97 0.19
N SER E 25 17.53 -7.01 -0.14
CA SER E 25 18.76 -6.90 -0.93
C SER E 25 18.60 -7.71 -2.22
N SER E 26 19.68 -7.81 -2.99
CA SER E 26 19.72 -8.72 -4.13
C SER E 26 20.01 -10.14 -3.71
N SER E 27 20.29 -10.39 -2.43
CA SER E 27 20.59 -11.72 -1.96
C SER E 27 19.37 -12.48 -1.45
N ASN E 28 18.31 -11.77 -1.03
CA ASN E 28 17.13 -12.42 -0.50
C ASN E 28 15.90 -12.20 -1.38
N ILE E 29 15.47 -10.95 -1.60
CA ILE E 29 14.22 -10.73 -2.31
C ILE E 29 14.51 -10.39 -3.76
N GLY E 30 15.69 -9.82 -4.01
CA GLY E 30 16.10 -9.55 -5.37
C GLY E 30 16.59 -10.76 -6.13
N ALA E 31 16.68 -11.91 -5.47
CA ALA E 31 17.12 -13.15 -6.09
C ALA E 31 15.99 -14.13 -6.32
N GLY E 32 14.75 -13.71 -6.11
CA GLY E 32 13.60 -14.56 -6.37
C GLY E 32 13.13 -15.42 -5.21
N HIS E 33 13.83 -15.38 -4.08
CA HIS E 33 13.39 -16.15 -2.91
C HIS E 33 12.03 -15.67 -2.44
N TYR E 34 11.14 -16.60 -2.14
CA TYR E 34 9.78 -16.25 -1.79
C TYR E 34 9.71 -15.57 -0.43
N VAL E 35 8.74 -14.67 -0.29
CA VAL E 35 8.54 -13.88 0.91
C VAL E 35 7.31 -14.40 1.65
N SER E 36 7.37 -14.40 2.97
CA SER E 36 6.25 -14.83 3.80
C SER E 36 5.81 -13.68 4.69
N TRP E 37 4.50 -13.57 4.93
CA TRP E 37 3.94 -12.56 5.79
C TRP E 37 3.25 -13.20 6.99
N TYR E 38 3.42 -12.60 8.16
CA TYR E 38 2.88 -13.12 9.41
C TYR E 38 2.22 -12.01 10.19
N GLN E 39 1.09 -12.32 10.82
CA GLN E 39 0.34 -11.39 11.65
C GLN E 39 0.46 -11.80 13.10
N GLN E 40 0.74 -10.83 13.97
CA GLN E 40 0.85 -11.05 15.40
C GLN E 40 -0.11 -10.09 16.11
N LEU E 41 -1.16 -10.65 16.71
CA LEU E 41 -2.05 -9.91 17.57
C LEU E 41 -1.39 -9.67 18.93
N PRO E 42 -1.88 -8.71 19.70
CA PRO E 42 -1.28 -8.45 21.01
C PRO E 42 -1.29 -9.69 21.90
N GLY E 43 -0.10 -10.15 22.26
CA GLY E 43 0.05 -11.26 23.19
C GLY E 43 -0.20 -12.64 22.61
N THR E 44 -0.19 -12.79 21.29
CA THR E 44 -0.46 -14.07 20.65
C THR E 44 0.70 -14.47 19.76
N ALA E 45 0.77 -15.77 19.48
CA ALA E 45 1.79 -16.29 18.58
C ALA E 45 1.51 -15.84 17.14
N PRO E 46 2.55 -15.74 16.31
CA PRO E 46 2.35 -15.27 14.94
C PRO E 46 1.47 -16.22 14.14
N LYS E 47 0.96 -15.69 13.02
CA LYS E 47 0.04 -16.41 12.15
C LYS E 47 0.40 -16.15 10.70
N LEU E 48 0.52 -17.21 9.91
CA LEU E 48 0.87 -17.07 8.50
C LEU E 48 -0.28 -16.46 7.72
N LEU E 49 0.05 -15.49 6.86
CA LEU E 49 -0.93 -14.82 6.02
C LEU E 49 -0.69 -15.03 4.54
N ILE E 50 0.52 -14.77 4.06
CA ILE E 50 0.86 -14.88 2.64
C ILE E 50 2.14 -15.69 2.52
N HIS E 51 2.16 -16.62 1.56
CA HIS E 51 3.36 -17.39 1.24
C HIS E 51 3.55 -17.43 -0.26
N GLU E 52 4.81 -17.61 -0.68
CA GLU E 52 5.22 -17.56 -2.09
C GLU E 52 4.86 -16.22 -2.73
N ASN E 53 4.82 -15.18 -1.90
CA ASN E 53 4.56 -13.79 -2.27
C ASN E 53 3.13 -13.56 -2.77
N ASP E 54 2.38 -14.64 -2.98
CA ASP E 54 1.08 -14.48 -3.62
C ASP E 54 -0.04 -15.30 -3.01
N LYS E 55 0.24 -16.44 -2.37
CA LYS E 55 -0.80 -17.41 -2.06
C LYS E 55 -1.38 -17.21 -0.67
N ARG E 56 -2.68 -17.42 -0.56
CA ARG E 56 -3.42 -17.25 0.68
C ARG E 56 -3.83 -18.60 1.23
N PRO E 57 -3.42 -18.97 2.45
CA PRO E 57 -3.93 -20.20 3.04
C PRO E 57 -5.44 -20.12 3.25
N SER E 58 -6.08 -21.28 3.20
CA SER E 58 -7.51 -21.33 3.46
C SER E 58 -7.79 -20.84 4.88
N GLY E 59 -8.87 -20.05 5.02
CA GLY E 59 -9.22 -19.43 6.26
C GLY E 59 -8.79 -17.98 6.37
N VAL E 60 -7.69 -17.62 5.71
CA VAL E 60 -7.24 -16.23 5.68
C VAL E 60 -8.18 -15.41 4.81
N SER E 61 -8.51 -14.20 5.26
CA SER E 61 -9.39 -13.33 4.50
C SER E 61 -8.76 -12.93 3.17
N ASP E 62 -9.62 -12.77 2.16
CA ASP E 62 -9.16 -12.44 0.82
C ASP E 62 -8.87 -10.95 0.64
N ARG E 63 -9.12 -10.13 1.67
CA ARG E 63 -8.73 -8.72 1.62
C ARG E 63 -7.23 -8.52 1.77
N PHE E 64 -6.49 -9.57 2.12
CA PHE E 64 -5.03 -9.51 2.20
C PHE E 64 -4.45 -10.00 0.88
N SER E 65 -3.51 -9.22 0.33
CA SER E 65 -2.88 -9.55 -0.94
C SER E 65 -1.39 -9.30 -0.84
N GLY E 66 -0.63 -10.01 -1.67
CA GLY E 66 0.81 -9.87 -1.68
C GLY E 66 1.36 -9.69 -3.07
N SER E 67 2.50 -9.03 -3.16
CA SER E 67 3.15 -8.80 -4.45
C SER E 67 4.65 -8.63 -4.23
N ARG E 68 5.42 -8.85 -5.30
CA ARG E 68 6.87 -8.64 -5.29
C ARG E 68 7.27 -7.86 -6.53
N SER E 69 8.11 -6.85 -6.34
CA SER E 69 8.72 -6.11 -7.44
C SER E 69 10.19 -5.94 -7.15
N GLY E 70 11.04 -6.47 -8.04
CA GLY E 70 12.48 -6.35 -7.88
C GLY E 70 12.99 -6.91 -6.58
N ALA E 71 13.46 -6.03 -5.69
CA ALA E 71 13.98 -6.41 -4.38
C ALA E 71 13.06 -6.00 -3.25
N SER E 72 11.79 -5.76 -3.53
CA SER E 72 10.83 -5.35 -2.51
C SER E 72 9.56 -6.18 -2.61
N ALA E 73 8.85 -6.27 -1.49
CA ALA E 73 7.58 -6.97 -1.42
C ALA E 73 6.56 -6.07 -0.75
N SER E 74 5.29 -6.34 -1.03
CA SER E 74 4.20 -5.52 -0.53
C SER E 74 3.03 -6.37 -0.08
N LEU E 75 2.45 -6.01 1.06
CA LEU E 75 1.23 -6.63 1.59
C LEU E 75 0.15 -5.56 1.67
N THR E 76 -0.98 -5.82 1.03
CA THR E 76 -2.06 -4.86 0.91
C THR E 76 -3.30 -5.38 1.62
N ILE E 77 -3.93 -4.53 2.44
CA ILE E 77 -5.14 -4.87 3.16
C ILE E 77 -6.25 -3.94 2.66
N THR E 78 -7.28 -4.53 2.07
CA THR E 78 -8.42 -3.76 1.59
C THR E 78 -9.57 -3.86 2.59
N GLY E 79 -10.41 -2.85 2.61
CA GLY E 79 -11.51 -2.79 3.55
C GLY E 79 -11.04 -2.89 4.98
N LEU E 80 -10.25 -1.89 5.41
CA LEU E 80 -9.64 -1.94 6.73
C LEU E 80 -10.68 -2.03 7.83
N GLN E 81 -10.44 -2.94 8.78
CA GLN E 81 -11.34 -3.18 9.89
C GLN E 81 -10.61 -2.95 11.20
N SER E 82 -11.37 -2.64 12.25
CA SER E 82 -10.76 -2.39 13.56
C SER E 82 -10.07 -3.62 14.11
N GLY E 83 -10.48 -4.82 13.67
CA GLY E 83 -9.84 -6.05 14.11
C GLY E 83 -8.52 -6.35 13.42
N ASP E 84 -8.17 -5.60 12.39
CA ASP E 84 -6.90 -5.78 11.70
C ASP E 84 -5.75 -5.06 12.38
N GLU E 85 -6.02 -4.35 13.47
CA GLU E 85 -4.97 -3.68 14.23
C GLU E 85 -4.08 -4.72 14.89
N ALA E 86 -2.86 -4.86 14.39
CA ALA E 86 -1.92 -5.87 14.88
C ALA E 86 -0.53 -5.49 14.37
N ASP E 87 0.43 -6.38 14.57
CA ASP E 87 1.76 -6.24 14.02
C ASP E 87 1.94 -7.21 12.86
N TYR E 88 2.79 -6.84 11.89
CA TYR E 88 3.00 -7.65 10.71
C TYR E 88 4.49 -7.76 10.42
N TYR E 89 4.94 -8.98 10.11
CA TYR E 89 6.35 -9.26 9.86
C TYR E 89 6.51 -9.97 8.52
N CYS E 90 7.56 -9.63 7.79
CA CYS E 90 7.90 -10.32 6.55
C CYS E 90 9.20 -11.09 6.74
N SER E 91 9.29 -12.26 6.11
CA SER E 91 10.41 -13.17 6.32
C SER E 91 10.86 -13.74 4.98
N VAL E 92 12.19 -13.78 4.79
CA VAL E 92 12.80 -14.29 3.57
C VAL E 92 14.08 -15.05 3.92
N TRP E 93 14.45 -16.00 3.07
CA TRP E 93 15.69 -16.74 3.23
C TRP E 93 16.82 -16.04 2.49
N ASP E 94 18.00 -16.00 3.12
CA ASP E 94 19.18 -15.34 2.58
C ASP E 94 20.32 -16.33 2.44
N ARG E 95 21.11 -16.16 1.37
CA ARG E 95 22.14 -17.12 1.01
C ARG E 95 23.20 -17.28 2.10
N SER E 96 23.45 -16.23 2.88
CA SER E 96 24.47 -16.29 3.90
C SER E 96 23.92 -16.18 5.32
N LEU E 97 22.90 -15.36 5.53
CA LEU E 97 22.37 -15.11 6.86
C LEU E 97 21.11 -15.93 7.16
N ASN E 98 20.71 -16.82 6.25
CA ASN E 98 19.61 -17.74 6.50
C ASN E 98 18.29 -16.95 6.65
N THR E 99 17.40 -17.42 7.52
CA THR E 99 16.08 -16.80 7.63
C THR E 99 16.19 -15.39 8.21
N LEU E 100 15.39 -14.48 7.65
CA LEU E 100 15.42 -13.06 7.98
C LEU E 100 14.00 -12.56 8.20
N PHE E 101 13.87 -11.60 9.12
CA PHE E 101 12.59 -11.05 9.52
C PHE E 101 12.63 -9.53 9.41
N GLY E 102 11.45 -8.93 9.25
CA GLY E 102 11.33 -7.49 9.21
C GLY E 102 11.24 -6.86 10.60
N GLY E 103 11.32 -5.54 10.62
CA GLY E 103 11.28 -4.81 11.88
C GLY E 103 9.90 -4.79 12.53
N GLY E 104 8.85 -4.99 11.74
CA GLY E 104 7.50 -4.99 12.28
C GLY E 104 6.73 -3.71 12.03
N THR E 105 5.58 -3.83 11.40
CA THR E 105 4.71 -2.70 11.11
C THR E 105 3.46 -2.79 11.98
N ARG E 106 3.15 -1.69 12.68
CA ARG E 106 1.99 -1.63 13.56
C ARG E 106 0.87 -0.89 12.83
N VAL E 107 -0.23 -1.59 12.57
CA VAL E 107 -1.34 -1.06 11.81
C VAL E 107 -2.32 -0.38 12.75
N THR E 108 -2.71 0.85 12.40
CA THR E 108 -3.62 1.67 13.20
C THR E 108 -4.83 2.06 12.37
N VAL E 109 -6.01 1.99 12.98
CA VAL E 109 -7.23 2.51 12.39
C VAL E 109 -7.48 3.87 13.02
N LEU E 110 -7.43 4.92 12.21
CA LEU E 110 -7.38 6.28 12.73
C LEU E 110 -8.69 6.66 13.43
N GLY E 111 -8.58 7.14 14.65
CA GLY E 111 -9.69 7.74 15.37
C GLY E 111 -9.40 9.19 15.70
N GLN E 112 -8.20 9.63 15.36
CA GLN E 112 -7.72 10.99 15.55
C GLN E 112 -7.10 11.49 14.25
N PRO E 113 -6.94 12.81 14.09
CA PRO E 113 -6.43 13.34 12.82
C PRO E 113 -4.91 13.26 12.69
N LYS E 114 -4.27 12.39 13.48
CA LYS E 114 -2.82 12.17 13.46
C LYS E 114 -2.10 13.30 14.17
N ALA E 115 -0.95 12.99 14.76
CA ALA E 115 -0.21 13.97 15.55
C ALA E 115 1.28 13.71 15.42
N ALA E 116 2.07 14.61 16.01
CA ALA E 116 3.53 14.60 15.93
C ALA E 116 4.13 14.60 17.34
N PRO E 117 5.32 14.06 17.52
CA PRO E 117 5.89 13.94 18.86
C PRO E 117 6.55 15.21 19.36
N SER E 118 6.42 15.42 20.66
CA SER E 118 7.17 16.43 21.39
C SER E 118 8.28 15.76 22.17
N VAL E 119 9.48 16.35 22.12
CA VAL E 119 10.71 15.74 22.60
C VAL E 119 11.36 16.65 23.62
N THR E 120 11.83 16.06 24.72
CA THR E 120 12.60 16.78 25.74
C THR E 120 13.85 15.96 26.06
N LEU E 121 15.00 16.62 26.10
CA LEU E 121 16.27 15.94 26.33
C LEU E 121 16.94 16.48 27.58
N PHE E 122 17.49 15.57 28.38
CA PHE E 122 18.12 15.91 29.65
C PHE E 122 19.53 15.35 29.70
N PRO E 123 20.53 16.21 29.90
CA PRO E 123 21.93 15.77 30.00
C PRO E 123 22.22 15.22 31.37
N PRO E 124 23.39 14.59 31.57
CA PRO E 124 23.69 13.99 32.88
C PRO E 124 23.79 15.04 33.96
N SER E 125 23.40 14.64 35.17
CA SER E 125 23.46 15.50 36.34
C SER E 125 24.85 15.46 36.98
N SER E 126 25.23 16.56 37.62
CA SER E 126 26.55 16.67 38.22
C SER E 126 26.74 15.67 39.36
N GLU E 127 25.67 15.41 40.12
CA GLU E 127 25.75 14.39 41.16
C GLU E 127 26.02 13.01 40.56
N GLU E 128 25.33 12.70 39.46
CA GLU E 128 25.60 11.45 38.76
C GLU E 128 27.03 11.42 38.24
N LEU E 129 27.54 12.58 37.80
CA LEU E 129 28.93 12.66 37.37
C LEU E 129 29.88 12.32 38.52
N GLN E 130 29.57 12.82 39.72
CA GLN E 130 30.35 12.42 40.89
C GLN E 130 30.23 10.94 41.18
N ALA E 131 29.10 10.33 40.79
CA ALA E 131 28.89 8.90 40.99
C ALA E 131 29.50 8.04 39.88
N ASN E 132 30.40 8.61 39.07
CA ASN E 132 31.06 7.88 37.97
C ASN E 132 30.03 7.29 37.01
N LYS E 133 28.95 8.03 36.77
CA LYS E 133 27.90 7.60 35.86
C LYS E 133 27.36 8.82 35.11
N ALA E 134 26.70 8.55 34.00
CA ALA E 134 26.07 9.60 33.21
C ALA E 134 24.93 8.99 32.41
N THR E 135 23.83 9.73 32.30
CA THR E 135 22.66 9.25 31.59
C THR E 135 22.01 10.38 30.80
N LEU E 136 21.85 10.15 29.51
CA LEU E 136 21.06 11.03 28.66
C LEU E 136 19.62 10.51 28.65
N VAL E 137 18.67 11.41 28.91
CA VAL E 137 17.27 11.02 29.04
C VAL E 137 16.46 11.75 27.96
N CYS E 138 15.85 10.99 27.04
CA CYS E 138 15.06 11.55 25.96
C CYS E 138 13.61 11.12 26.16
N LEU E 139 12.73 12.09 26.41
CA LEU E 139 11.32 11.83 26.69
C LEU E 139 10.49 12.29 25.50
N ILE E 140 9.68 11.39 24.97
CA ILE E 140 8.85 11.65 23.79
C ILE E 140 7.40 11.49 24.20
N SER E 141 6.53 12.35 23.67
CA SER E 141 5.12 12.23 24.03
C SER E 141 4.27 12.92 22.95
N ASP E 142 2.95 12.80 23.12
CA ASP E 142 1.96 13.54 22.33
C ASP E 142 1.98 13.17 20.84
N PHE E 143 2.38 11.95 20.51
CA PHE E 143 2.38 11.51 19.11
C PHE E 143 1.32 10.45 18.89
N TYR E 144 0.84 10.38 17.64
CA TYR E 144 -0.20 9.45 17.23
C TYR E 144 -0.09 9.18 15.73
N PRO E 145 -0.14 7.92 15.29
CA PRO E 145 -0.32 6.70 16.08
C PRO E 145 0.91 6.33 16.92
N GLY E 146 0.77 5.32 17.78
CA GLY E 146 1.82 4.95 18.71
C GLY E 146 2.92 4.11 18.11
N ALA E 147 3.79 4.73 17.32
CA ALA E 147 4.95 4.06 16.75
C ALA E 147 5.98 5.09 16.32
N VAL E 148 7.14 5.09 16.99
CA VAL E 148 8.24 5.99 16.67
C VAL E 148 9.52 5.19 16.66
N THR E 149 10.59 5.82 16.15
CA THR E 149 11.93 5.22 16.22
C THR E 149 12.91 6.23 16.80
N VAL E 150 13.95 5.71 17.47
CA VAL E 150 14.92 6.51 18.19
C VAL E 150 16.30 6.29 17.60
N ALA E 151 17.06 7.38 17.47
CA ALA E 151 18.44 7.34 16.98
C ALA E 151 19.29 8.30 17.79
N TRP E 152 20.35 7.79 18.42
CA TRP E 152 21.27 8.61 19.19
C TRP E 152 22.52 8.89 18.38
N LYS E 153 23.02 10.13 18.48
CA LYS E 153 24.20 10.56 17.75
C LYS E 153 25.20 11.16 18.71
N ALA E 154 26.45 10.70 18.64
CA ALA E 154 27.56 11.33 19.32
C ALA E 154 28.26 12.23 18.30
N ASP E 155 28.40 13.51 18.64
CA ASP E 155 28.74 14.54 17.67
C ASP E 155 27.74 14.46 16.51
N SER E 156 28.13 13.77 15.43
CA SER E 156 27.23 13.57 14.30
C SER E 156 27.34 12.15 13.74
N SER E 157 27.60 11.17 14.60
CA SER E 157 27.72 9.78 14.17
C SER E 157 26.83 8.88 15.02
N PRO E 158 26.23 7.86 14.43
CA PRO E 158 25.25 7.04 15.17
C PRO E 158 25.90 6.25 16.30
N VAL E 159 25.11 6.03 17.35
CA VAL E 159 25.55 5.28 18.53
C VAL E 159 24.55 4.15 18.77
N LYS E 160 25.06 2.93 18.94
CA LYS E 160 24.23 1.75 19.13
C LYS E 160 24.29 1.19 20.55
N ALA E 161 25.46 1.24 21.19
CA ALA E 161 25.62 0.61 22.50
C ALA E 161 25.14 1.54 23.62
N GLY E 162 24.50 0.95 24.62
CA GLY E 162 24.07 1.69 25.78
C GLY E 162 22.70 2.34 25.67
N VAL E 163 21.87 1.90 24.74
CA VAL E 163 20.57 2.52 24.49
C VAL E 163 19.48 1.58 25.00
N GLU E 164 18.56 2.13 25.81
CA GLU E 164 17.38 1.39 26.25
C GLU E 164 16.15 2.27 26.07
N THR E 165 15.22 1.83 25.24
CA THR E 165 14.04 2.62 24.90
C THR E 165 12.77 1.87 25.29
N THR E 166 11.81 2.61 25.84
CA THR E 166 10.55 2.03 26.29
C THR E 166 9.56 1.89 25.15
N THR E 167 8.55 1.06 25.37
CA THR E 167 7.48 0.84 24.41
C THR E 167 6.41 1.93 24.55
N PRO E 168 5.69 2.24 23.48
CA PRO E 168 4.61 3.24 23.59
C PRO E 168 3.52 2.79 24.55
N SER E 169 2.98 3.76 25.28
CA SER E 169 1.92 3.52 26.26
C SER E 169 0.83 4.57 26.09
N LYS E 170 -0.43 4.16 26.29
CA LYS E 170 -1.54 5.11 26.18
C LYS E 170 -1.41 6.21 27.22
N GLN E 171 -1.66 7.44 26.79
CA GLN E 171 -1.75 8.58 27.69
C GLN E 171 -3.20 8.79 28.11
N SER E 172 -3.47 9.88 28.82
CA SER E 172 -4.85 10.21 29.16
C SER E 172 -5.64 10.67 27.94
N ASN E 173 -4.96 11.33 26.99
CA ASN E 173 -5.61 11.89 25.81
C ASN E 173 -5.60 10.95 24.60
N ASN E 174 -5.38 9.65 24.84
CA ASN E 174 -5.38 8.59 23.82
C ASN E 174 -4.23 8.72 22.83
N LYS E 175 -3.25 9.59 23.08
CA LYS E 175 -2.01 9.60 22.33
C LYS E 175 -0.96 8.80 23.09
N TYR E 176 0.23 8.68 22.51
CA TYR E 176 1.24 7.77 23.03
C TYR E 176 2.52 8.51 23.39
N ALA E 177 3.27 7.90 24.31
CA ALA E 177 4.53 8.45 24.80
C ALA E 177 5.56 7.33 24.90
N ALA E 178 6.81 7.74 25.06
CA ALA E 178 7.92 6.80 25.20
C ALA E 178 9.10 7.52 25.84
N SER E 179 10.13 6.75 26.17
CA SER E 179 11.34 7.32 26.76
C SER E 179 12.53 6.46 26.39
N SER E 180 13.69 7.11 26.31
CA SER E 180 14.94 6.45 25.95
C SER E 180 16.04 6.92 26.88
N TYR E 181 16.94 5.99 27.23
CA TYR E 181 18.03 6.25 28.16
C TYR E 181 19.33 5.80 27.52
N LEU E 182 20.33 6.67 27.54
CA LEU E 182 21.65 6.38 26.99
C LEU E 182 22.69 6.54 28.08
N SER E 183 23.33 5.45 28.47
CA SER E 183 24.38 5.49 29.48
C SER E 183 25.74 5.67 28.83
N LEU E 184 26.62 6.39 29.52
CA LEU E 184 27.95 6.66 29.02
C LEU E 184 28.84 7.08 30.18
N THR E 185 30.14 6.90 30.00
CA THR E 185 31.11 7.31 31.00
C THR E 185 31.45 8.79 30.86
N PRO E 186 31.98 9.42 31.91
CA PRO E 186 32.36 10.84 31.79
C PRO E 186 33.38 11.10 30.69
N GLU E 187 34.26 10.14 30.40
CA GLU E 187 35.21 10.32 29.30
C GLU E 187 34.49 10.47 27.97
N GLN E 188 33.51 9.59 27.71
CA GLN E 188 32.74 9.69 26.47
C GLN E 188 31.91 10.96 26.43
N TRP E 189 31.43 11.43 27.58
CA TRP E 189 30.63 12.65 27.63
C TRP E 189 31.47 13.88 27.32
N LYS E 190 32.64 13.99 27.96
CA LYS E 190 33.49 15.17 27.78
C LYS E 190 34.29 15.15 26.49
N SER E 191 34.43 14.00 25.84
CA SER E 191 35.18 13.90 24.60
C SER E 191 34.31 14.06 23.38
N HIS E 192 33.05 14.43 23.54
CA HIS E 192 32.13 14.66 22.43
C HIS E 192 31.59 16.07 22.52
N ARG E 193 31.61 16.79 21.39
CA ARG E 193 31.14 18.17 21.37
C ARG E 193 29.68 18.26 21.80
N SER E 194 28.86 17.32 21.35
CA SER E 194 27.44 17.31 21.70
C SER E 194 26.88 15.91 21.52
N TYR E 195 25.67 15.72 22.02
CA TYR E 195 24.91 14.49 21.85
C TYR E 195 23.51 14.84 21.38
N SER E 196 23.00 14.06 20.44
CA SER E 196 21.72 14.34 19.79
C SER E 196 20.78 13.15 19.91
N CYS E 197 19.52 13.44 20.21
CA CYS E 197 18.45 12.45 20.22
C CYS E 197 17.52 12.77 19.06
N GLN E 198 17.25 11.77 18.21
CA GLN E 198 16.41 11.92 17.04
C GLN E 198 15.23 10.96 17.14
N VAL E 199 14.03 11.47 16.91
CA VAL E 199 12.80 10.69 16.97
C VAL E 199 12.12 10.78 15.62
N THR E 200 11.86 9.63 15.00
CA THR E 200 11.23 9.56 13.69
C THR E 200 9.80 9.07 13.83
N HIS E 201 8.88 9.81 13.23
CA HIS E 201 7.44 9.55 13.31
C HIS E 201 6.81 9.95 11.99
N GLU E 202 6.11 9.00 11.35
CA GLU E 202 5.34 9.25 10.14
C GLU E 202 6.17 9.94 9.05
N GLY E 203 7.44 9.57 8.96
CA GLY E 203 8.31 10.09 7.94
C GLY E 203 9.07 11.36 8.30
N SER E 204 8.67 12.06 9.36
CA SER E 204 9.39 13.25 9.80
C SER E 204 10.25 12.92 11.01
N THR E 205 11.17 13.83 11.32
CA THR E 205 12.10 13.61 12.43
C THR E 205 12.21 14.88 13.27
N VAL E 206 12.14 14.72 14.59
CA VAL E 206 12.36 15.79 15.55
C VAL E 206 13.57 15.42 16.39
N GLU E 207 14.53 16.33 16.48
CA GLU E 207 15.77 16.05 17.19
C GLU E 207 16.11 17.17 18.15
N LYS E 208 16.73 16.80 19.27
CA LYS E 208 17.19 17.73 20.29
C LYS E 208 18.63 17.39 20.66
N THR E 209 19.45 18.42 20.87
CA THR E 209 20.87 18.23 21.10
C THR E 209 21.32 18.99 22.33
N VAL E 210 22.22 18.37 23.10
CA VAL E 210 22.79 19.00 24.29
C VAL E 210 24.30 18.89 24.21
N ALA E 211 25.00 19.79 24.91
CA ALA E 211 26.44 19.84 24.89
C ALA E 211 26.99 20.01 26.29
N PRO E 212 28.19 19.46 26.57
CA PRO E 212 28.79 19.67 27.90
C PRO E 212 29.16 21.11 28.20
N THR E 213 29.28 21.97 27.20
CA THR E 213 29.65 23.36 27.43
C THR E 213 28.44 24.23 27.72
N GLU F 1 -6.89 -31.76 16.00
CA GLU F 1 -6.25 -30.51 16.38
C GLU F 1 -4.72 -30.62 16.31
N VAL F 2 -4.14 -30.08 15.25
CA VAL F 2 -2.70 -30.13 15.05
C VAL F 2 -2.04 -29.07 15.93
N GLN F 3 -1.16 -29.51 16.83
CA GLN F 3 -0.62 -28.63 17.85
C GLN F 3 0.88 -28.79 17.99
N LEU F 4 1.52 -27.70 18.42
CA LEU F 4 2.90 -27.71 18.90
C LEU F 4 2.90 -27.04 20.27
N VAL F 5 3.59 -27.65 21.24
CA VAL F 5 3.60 -27.14 22.61
C VAL F 5 5.04 -27.02 23.08
N GLU F 6 5.43 -25.84 23.55
CA GLU F 6 6.74 -25.65 24.17
C GLU F 6 6.61 -25.65 25.69
N SER F 7 7.68 -26.08 26.36
CA SER F 7 7.70 -26.11 27.82
C SER F 7 9.14 -26.14 28.29
N GLY F 8 9.31 -25.84 29.57
CA GLY F 8 10.60 -25.93 30.22
C GLY F 8 11.29 -24.62 30.57
N GLY F 9 10.64 -23.49 30.37
CA GLY F 9 11.25 -22.20 30.63
C GLY F 9 11.16 -21.79 32.09
N GLY F 10 11.61 -20.58 32.36
CA GLY F 10 11.53 -20.02 33.71
C GLY F 10 12.57 -18.93 33.92
N LEU F 11 12.94 -18.77 35.18
CA LEU F 11 13.94 -17.79 35.60
C LEU F 11 15.29 -18.51 35.76
N VAL F 12 16.31 -18.00 35.07
CA VAL F 12 17.64 -18.59 35.03
C VAL F 12 18.64 -17.53 35.45
N GLN F 13 19.64 -17.94 36.21
CA GLN F 13 20.71 -17.02 36.58
C GLN F 13 21.64 -16.79 35.38
N PRO F 14 22.29 -15.64 35.31
CA PRO F 14 23.24 -15.38 34.21
C PRO F 14 24.37 -16.40 34.24
N GLY F 15 24.46 -17.19 33.17
CA GLY F 15 25.45 -18.24 33.05
C GLY F 15 24.91 -19.64 33.24
N GLY F 16 23.65 -19.79 33.64
CA GLY F 16 23.06 -21.09 33.84
C GLY F 16 22.71 -21.77 32.53
N SER F 17 21.97 -22.87 32.65
CA SER F 17 21.57 -23.67 31.50
C SER F 17 20.10 -24.05 31.64
N LEU F 18 19.45 -24.31 30.51
CA LEU F 18 18.04 -24.68 30.51
C LEU F 18 17.70 -25.38 29.21
N ARG F 19 16.81 -26.36 29.28
CA ARG F 19 16.34 -27.07 28.11
C ARG F 19 14.87 -26.77 27.87
N LEU F 20 14.53 -26.42 26.63
CA LEU F 20 13.15 -26.19 26.20
C LEU F 20 12.74 -27.32 25.28
N SER F 21 11.60 -27.94 25.58
CA SER F 21 11.09 -29.06 24.80
C SER F 21 9.85 -28.64 24.04
N CYS F 22 9.81 -28.98 22.75
CA CYS F 22 8.65 -28.73 21.90
C CYS F 22 8.11 -30.08 21.43
N SER F 23 6.86 -30.36 21.79
CA SER F 23 6.20 -31.62 21.46
C SER F 23 5.05 -31.35 20.49
N ALA F 24 4.97 -32.20 19.46
CA ALA F 24 3.95 -32.08 18.43
C ALA F 24 2.80 -33.04 18.69
N SER F 25 1.68 -32.77 18.01
CA SER F 25 0.50 -33.64 18.14
C SER F 25 -0.38 -33.47 16.91
N GLY F 26 -0.47 -34.50 16.10
CA GLY F 26 -1.43 -34.55 15.02
C GLY F 26 -0.88 -34.53 13.59
N PHE F 27 0.40 -34.83 13.38
CA PHE F 27 0.95 -34.86 12.04
C PHE F 27 2.23 -35.69 12.03
N ARG F 28 2.73 -35.96 10.83
CA ARG F 28 3.97 -36.71 10.64
C ARG F 28 5.15 -35.86 11.10
N PHE F 29 5.61 -36.11 12.33
CA PHE F 29 6.64 -35.26 12.92
C PHE F 29 7.98 -35.42 12.22
N SER F 30 8.32 -36.64 11.81
CA SER F 30 9.63 -36.93 11.24
C SER F 30 9.79 -36.45 9.81
N ASP F 31 8.86 -35.65 9.30
CA ASP F 31 8.93 -35.18 7.92
C ASP F 31 9.06 -33.66 7.79
N TYR F 32 9.00 -32.91 8.89
CA TYR F 32 9.03 -31.46 8.86
C TYR F 32 10.30 -30.94 9.52
N TRP F 33 10.93 -29.95 8.89
CA TRP F 33 11.99 -29.20 9.56
C TRP F 33 11.39 -28.37 10.69
N ILE F 34 12.16 -28.21 11.76
CA ILE F 34 11.67 -27.54 12.97
C ILE F 34 12.54 -26.31 13.23
N ASN F 35 11.90 -25.17 13.43
CA ASN F 35 12.57 -23.89 13.65
C ASN F 35 12.24 -23.34 15.02
N TRP F 36 13.26 -22.80 15.69
CA TRP F 36 13.10 -22.06 16.93
C TRP F 36 13.31 -20.58 16.62
N VAL F 37 12.33 -19.76 17.02
CA VAL F 37 12.33 -18.32 16.78
C VAL F 37 11.96 -17.62 18.07
N ARG F 38 12.76 -16.63 18.48
CA ARG F 38 12.51 -15.94 19.74
C ARG F 38 12.11 -14.49 19.51
N GLN F 39 11.57 -13.89 20.56
CA GLN F 39 11.11 -12.51 20.53
C GLN F 39 11.34 -11.88 21.89
N ALA F 40 12.15 -10.83 21.93
CA ALA F 40 12.38 -10.11 23.18
C ALA F 40 11.13 -9.33 23.59
N PRO F 41 10.97 -9.04 24.89
CA PRO F 41 9.81 -8.26 25.32
C PRO F 41 9.72 -6.90 24.65
N GLY F 42 8.68 -6.71 23.83
CA GLY F 42 8.48 -5.46 23.14
C GLY F 42 9.30 -5.28 21.88
N LYS F 43 9.94 -6.32 21.38
CA LYS F 43 10.79 -6.24 20.20
C LYS F 43 10.22 -7.15 19.10
N GLY F 44 10.98 -7.27 18.02
CA GLY F 44 10.57 -8.06 16.87
C GLY F 44 10.91 -9.52 17.00
N LEU F 45 10.84 -10.22 15.88
CA LEU F 45 11.08 -11.66 15.82
C LEU F 45 12.46 -11.94 15.26
N GLU F 46 13.24 -12.75 15.97
CA GLU F 46 14.58 -13.14 15.55
C GLU F 46 14.63 -14.65 15.38
N TRP F 47 15.05 -15.10 14.20
CA TRP F 47 15.26 -16.53 13.97
C TRP F 47 16.43 -17.01 14.81
N VAL F 48 16.23 -18.12 15.52
CA VAL F 48 17.28 -18.70 16.36
C VAL F 48 17.93 -19.90 15.67
N GLY F 49 17.14 -20.84 15.19
CA GLY F 49 17.76 -21.99 14.53
C GLY F 49 16.75 -22.87 13.85
N PHE F 50 17.27 -23.87 13.13
CA PHE F 50 16.42 -24.88 12.52
C PHE F 50 17.16 -26.21 12.49
N ILE F 51 16.37 -27.29 12.43
CA ILE F 51 16.87 -28.65 12.35
C ILE F 51 16.09 -29.39 11.28
N LYS F 52 16.80 -30.23 10.51
CA LYS F 52 16.23 -30.93 9.38
C LYS F 52 15.68 -32.29 9.81
N THR F 53 15.38 -33.14 8.84
CA THR F 53 14.79 -34.45 9.10
C THR F 53 15.88 -35.51 9.18
N LYS F 54 15.45 -36.74 9.48
CA LYS F 54 16.40 -37.85 9.64
C LYS F 54 17.11 -38.16 8.32
N ALA F 55 16.37 -38.21 7.22
CA ALA F 55 16.92 -38.55 5.93
C ALA F 55 17.52 -37.36 5.20
N ASP F 56 17.84 -36.29 5.92
CA ASP F 56 18.35 -35.07 5.33
C ASP F 56 19.79 -34.86 5.81
N PHE F 57 20.72 -34.81 4.86
CA PHE F 57 22.13 -34.65 5.21
C PHE F 57 22.39 -33.23 5.69
N GLY F 58 23.10 -33.12 6.82
CA GLY F 58 23.42 -31.82 7.38
C GLY F 58 23.10 -31.71 8.85
N THR F 59 23.77 -30.79 9.53
CA THR F 59 23.60 -30.53 10.95
C THR F 59 22.76 -29.28 11.16
N PRO F 60 22.16 -29.12 12.34
CA PRO F 60 21.34 -27.93 12.60
C PRO F 60 22.14 -26.65 12.43
N ALA F 61 21.49 -25.63 11.86
CA ALA F 61 22.11 -24.33 11.64
C ALA F 61 21.59 -23.35 12.67
N TYR F 62 22.50 -22.58 13.27
CA TYR F 62 22.18 -21.69 14.36
C TYR F 62 22.44 -20.24 13.96
N ALA F 63 21.89 -19.32 14.75
CA ALA F 63 22.17 -17.91 14.58
C ALA F 63 23.56 -17.58 15.13
N GLU F 64 24.16 -16.53 14.56
CA GLU F 64 25.54 -16.18 14.93
C GLU F 64 25.63 -15.76 16.39
N SER F 65 24.62 -15.06 16.91
CA SER F 65 24.68 -14.56 18.27
C SER F 65 24.70 -15.69 19.30
N VAL F 66 24.11 -16.84 18.97
CA VAL F 66 24.00 -17.97 19.89
C VAL F 66 24.80 -19.17 19.44
N LYS F 67 25.55 -19.07 18.33
CA LYS F 67 26.32 -20.21 17.86
C LYS F 67 27.42 -20.56 18.87
N GLY F 68 27.54 -21.85 19.16
CA GLY F 68 28.44 -22.33 20.18
C GLY F 68 27.86 -22.36 21.57
N ARG F 69 26.71 -21.73 21.80
CA ARG F 69 26.03 -21.73 23.08
C ARG F 69 24.70 -22.46 23.06
N PHE F 70 23.97 -22.41 21.94
CA PHE F 70 22.68 -23.06 21.80
C PHE F 70 22.84 -24.32 20.96
N SER F 71 22.10 -25.37 21.34
CA SER F 71 22.12 -26.62 20.59
C SER F 71 20.69 -27.10 20.37
N ILE F 72 20.44 -27.65 19.18
CA ILE F 72 19.12 -28.16 18.82
C ILE F 72 19.25 -29.66 18.51
N SER F 73 18.40 -30.46 19.13
CA SER F 73 18.32 -31.89 18.86
C SER F 73 16.85 -32.28 18.69
N ARG F 74 16.62 -33.51 18.25
CA ARG F 74 15.26 -33.99 18.09
C ARG F 74 15.19 -35.48 18.42
N ASP F 75 14.05 -35.88 18.99
CA ASP F 75 13.75 -37.27 19.30
C ASP F 75 12.45 -37.62 18.58
N ASP F 76 12.54 -38.45 17.54
CA ASP F 76 11.37 -38.81 16.75
C ASP F 76 10.50 -39.84 17.46
N SER F 77 11.10 -40.73 18.25
CA SER F 77 10.32 -41.73 18.98
C SER F 77 9.38 -41.09 19.99
N LYS F 78 9.65 -39.84 20.39
CA LYS F 78 8.79 -39.12 21.31
C LYS F 78 8.17 -37.88 20.70
N ASN F 79 8.45 -37.58 19.43
CA ASN F 79 7.90 -36.43 18.73
C ASN F 79 8.24 -35.12 19.46
N THR F 80 9.55 -34.91 19.66
CA THR F 80 10.00 -33.76 20.43
C THR F 80 11.24 -33.15 19.79
N VAL F 81 11.38 -31.83 19.94
CA VAL F 81 12.59 -31.11 19.57
C VAL F 81 13.07 -30.37 20.81
N TYR F 82 14.35 -30.53 21.13
CA TYR F 82 14.95 -29.96 22.33
C TYR F 82 15.90 -28.83 21.94
N LEU F 83 15.78 -27.71 22.65
CA LEU F 83 16.68 -26.58 22.54
C LEU F 83 17.41 -26.43 23.86
N GLN F 84 18.71 -26.76 23.86
CA GLN F 84 19.55 -26.65 25.04
C GLN F 84 20.27 -25.31 24.99
N MET F 85 20.10 -24.51 26.03
CA MET F 85 20.68 -23.18 26.13
C MET F 85 21.68 -23.19 27.28
N ASN F 86 22.96 -22.98 26.95
CA ASN F 86 24.05 -23.06 27.91
C ASN F 86 24.83 -21.74 27.90
N SER F 87 25.42 -21.43 29.06
CA SER F 87 26.15 -20.18 29.26
C SER F 87 25.26 -18.98 28.91
N LEU F 88 24.10 -18.94 29.55
CA LEU F 88 23.08 -17.94 29.21
C LEU F 88 23.53 -16.54 29.61
N LYS F 89 23.13 -15.58 28.78
CA LYS F 89 23.32 -14.17 29.05
C LYS F 89 21.96 -13.51 29.28
N THR F 90 22.00 -12.28 29.81
CA THR F 90 20.76 -11.54 30.02
C THR F 90 20.09 -11.20 28.70
N GLU F 91 20.87 -11.13 27.62
CA GLU F 91 20.33 -10.82 26.30
C GLU F 91 19.39 -11.91 25.77
N ASP F 92 19.40 -13.09 26.39
CA ASP F 92 18.59 -14.22 25.94
C ASP F 92 17.18 -14.20 26.53
N THR F 93 16.86 -13.22 27.37
CA THR F 93 15.52 -13.12 27.96
C THR F 93 14.50 -12.82 26.87
N ALA F 94 13.64 -13.78 26.58
CA ALA F 94 12.69 -13.63 25.47
C ALA F 94 11.68 -14.76 25.53
N VAL F 95 10.65 -14.64 24.69
CA VAL F 95 9.68 -15.71 24.48
C VAL F 95 10.13 -16.52 23.27
N TYR F 96 10.19 -17.84 23.41
CA TYR F 96 10.67 -18.72 22.38
C TYR F 96 9.51 -19.52 21.79
N TYR F 97 9.50 -19.62 20.46
CA TYR F 97 8.44 -20.28 19.71
C TYR F 97 9.05 -21.42 18.89
N CYS F 98 8.33 -22.54 18.88
CA CYS F 98 8.68 -23.71 18.07
C CYS F 98 7.69 -23.79 16.91
N THR F 99 8.22 -23.89 15.69
CA THR F 99 7.37 -23.91 14.50
C THR F 99 7.90 -24.95 13.52
N ARG F 100 7.03 -25.34 12.59
CA ARG F 100 7.36 -26.33 11.58
C ARG F 100 7.41 -25.67 10.21
N ASP F 101 8.19 -26.26 9.30
CA ASP F 101 8.46 -25.69 7.98
C ASP F 101 7.69 -26.46 6.92
N ARG F 102 6.64 -25.84 6.38
CA ARG F 102 6.03 -26.30 5.13
C ARG F 102 6.63 -25.53 3.96
N GLY F 103 6.40 -26.02 2.77
CA GLY F 103 7.05 -25.47 1.59
C GLY F 103 8.37 -26.16 1.32
N ILE F 104 9.17 -26.34 2.37
CA ILE F 104 10.29 -27.27 2.30
C ILE F 104 9.78 -28.68 2.08
N LEU F 105 8.63 -29.01 2.68
CA LEU F 105 8.03 -30.32 2.49
C LEU F 105 7.57 -30.51 1.05
N GLU F 106 7.01 -29.48 0.43
CA GLU F 106 6.50 -29.58 -0.93
C GLU F 106 7.57 -29.33 -1.98
N TRP F 107 8.18 -28.13 -1.97
CA TRP F 107 9.13 -27.76 -3.00
C TRP F 107 10.50 -28.40 -2.83
N LEU F 108 10.85 -28.84 -1.63
CA LEU F 108 12.12 -29.51 -1.35
C LEU F 108 13.32 -28.64 -1.70
N ILE F 109 13.20 -27.33 -1.56
CA ILE F 109 14.30 -26.41 -1.82
C ILE F 109 14.32 -25.36 -0.72
N ILE F 110 15.52 -24.99 -0.28
CA ILE F 110 15.66 -24.05 0.84
C ILE F 110 15.07 -22.69 0.47
N GLU F 111 15.01 -22.37 -0.82
CA GLU F 111 14.61 -21.04 -1.24
C GLU F 111 13.11 -20.80 -1.07
N ALA F 112 12.32 -21.84 -0.86
CA ALA F 112 10.87 -21.72 -0.75
C ALA F 112 10.43 -22.41 0.54
N GLY F 113 10.12 -21.61 1.56
CA GLY F 113 9.69 -22.17 2.83
C GLY F 113 8.89 -21.17 3.63
N TRP F 114 7.96 -21.67 4.43
CA TRP F 114 7.15 -20.85 5.29
C TRP F 114 6.77 -21.64 6.53
N PHE F 115 6.42 -20.91 7.59
CA PHE F 115 6.04 -21.50 8.87
C PHE F 115 4.54 -21.38 9.03
N ASP F 116 3.84 -22.51 9.06
CA ASP F 116 2.39 -22.52 9.14
C ASP F 116 1.86 -22.81 10.54
N VAL F 117 2.53 -23.68 11.29
CA VAL F 117 2.10 -24.07 12.63
C VAL F 117 3.08 -23.50 13.64
N TRP F 118 2.55 -22.81 14.65
CA TRP F 118 3.35 -22.16 15.69
C TRP F 118 2.89 -22.63 17.05
N GLY F 119 3.83 -22.77 17.98
CA GLY F 119 3.50 -23.05 19.35
C GLY F 119 3.20 -21.78 20.10
N PRO F 120 2.55 -21.90 21.26
CA PRO F 120 2.21 -20.70 22.04
C PRO F 120 3.42 -19.90 22.49
N GLY F 121 4.56 -20.54 22.69
CA GLY F 121 5.76 -19.84 23.12
C GLY F 121 5.93 -19.88 24.62
N VAL F 122 7.20 -19.92 25.04
CA VAL F 122 7.55 -20.03 26.46
C VAL F 122 8.52 -18.91 26.81
N LEU F 123 8.23 -18.21 27.90
CA LEU F 123 9.09 -17.12 28.36
C LEU F 123 10.29 -17.67 29.11
N VAL F 124 11.47 -17.08 28.84
CA VAL F 124 12.70 -17.39 29.54
C VAL F 124 13.33 -16.08 29.98
N THR F 125 13.52 -15.91 31.28
CA THR F 125 14.09 -14.70 31.85
C THR F 125 15.45 -15.03 32.44
N VAL F 126 16.44 -14.17 32.17
CA VAL F 126 17.80 -14.35 32.65
C VAL F 126 18.22 -13.08 33.36
N SER F 127 18.33 -13.14 34.69
CA SER F 127 18.77 -12.00 35.48
C SER F 127 19.13 -12.47 36.88
N SER F 128 20.22 -11.94 37.42
CA SER F 128 20.57 -12.09 38.82
C SER F 128 19.95 -11.00 39.68
N ALA F 129 18.91 -10.33 39.18
CA ALA F 129 18.40 -9.13 39.82
C ALA F 129 17.93 -9.42 41.24
N SER F 130 18.28 -8.51 42.15
CA SER F 130 17.92 -8.60 43.55
C SER F 130 17.39 -7.25 44.01
N THR F 131 16.81 -7.24 45.22
CA THR F 131 16.25 -6.01 45.76
C THR F 131 17.33 -4.93 45.86
N LYS F 132 17.01 -3.73 45.39
CA LYS F 132 17.96 -2.63 45.41
C LYS F 132 17.18 -1.31 45.41
N GLY F 133 17.63 -0.38 46.24
CA GLY F 133 17.03 0.94 46.30
C GLY F 133 17.33 1.74 45.05
N PRO F 134 16.58 2.81 44.84
CA PRO F 134 16.76 3.62 43.64
C PRO F 134 17.89 4.63 43.80
N SER F 135 18.27 5.21 42.66
CA SER F 135 19.20 6.34 42.61
C SER F 135 18.45 7.51 42.00
N VAL F 136 18.30 8.59 42.76
CA VAL F 136 17.48 9.74 42.36
C VAL F 136 18.41 10.91 42.09
N PHE F 137 18.33 11.45 40.87
CA PHE F 137 19.15 12.59 40.49
C PHE F 137 18.26 13.69 39.93
N PRO F 138 18.33 14.91 40.46
CA PRO F 138 17.52 16.00 39.91
C PRO F 138 18.03 16.45 38.56
N LEU F 139 17.11 16.91 37.73
CA LEU F 139 17.39 17.36 36.37
C LEU F 139 16.84 18.78 36.24
N ALA F 140 17.75 19.78 36.20
CA ALA F 140 17.60 21.21 36.04
C ALA F 140 17.47 21.58 34.57
N PRO F 141 16.74 22.65 34.27
CA PRO F 141 16.51 23.03 32.87
C PRO F 141 17.66 23.85 32.30
N SER F 142 17.75 23.81 30.98
CA SER F 142 18.69 24.62 30.22
C SER F 142 18.01 25.93 29.85
N SER F 143 18.57 26.67 28.88
CA SER F 143 17.93 27.86 28.35
C SER F 143 16.87 27.54 27.30
N LYS F 144 16.34 26.32 27.33
CA LYS F 144 15.28 25.87 26.43
C LYS F 144 13.97 26.64 26.63
N SER F 145 13.85 27.38 27.72
CA SER F 145 12.64 28.16 28.01
C SER F 145 12.27 29.11 26.86
N GLY F 149 7.39 31.10 28.06
CA GLY F 149 7.88 31.36 29.40
C GLY F 149 7.82 30.14 30.30
N THR F 150 7.72 28.96 29.68
CA THR F 150 7.66 27.71 30.41
C THR F 150 9.03 27.05 30.48
N ALA F 151 9.20 26.18 31.46
CA ALA F 151 10.44 25.46 31.66
C ALA F 151 10.12 24.04 32.12
N ALA F 152 11.04 23.12 31.83
CA ALA F 152 10.86 21.71 32.15
C ALA F 152 11.86 21.30 33.23
N LEU F 153 11.34 20.93 34.40
CA LEU F 153 12.15 20.38 35.46
C LEU F 153 12.12 18.85 35.36
N GLY F 154 12.78 18.17 36.28
CA GLY F 154 12.57 16.74 36.37
C GLY F 154 13.41 16.12 37.45
N CYS F 155 13.17 14.82 37.66
CA CYS F 155 14.08 14.05 38.49
C CYS F 155 14.04 12.58 38.09
N LEU F 156 15.22 11.99 37.91
CA LEU F 156 15.38 10.65 37.35
C LEU F 156 15.57 9.63 38.45
N VAL F 157 14.86 8.51 38.36
CA VAL F 157 14.99 7.36 39.24
C VAL F 157 15.61 6.24 38.43
N LYS F 158 16.73 5.71 38.91
CA LYS F 158 17.54 4.76 38.15
C LYS F 158 17.88 3.56 39.00
N ASP F 159 17.90 2.38 38.37
CA ASP F 159 18.48 1.16 38.95
C ASP F 159 17.82 0.80 40.28
N TYR F 160 16.52 0.53 40.21
CA TYR F 160 15.75 0.09 41.37
C TYR F 160 15.03 -1.21 41.04
N PHE F 161 14.91 -2.08 42.04
CA PHE F 161 14.26 -3.37 41.87
C PHE F 161 13.68 -3.81 43.21
N PRO F 162 12.45 -4.35 43.22
CA PRO F 162 11.59 -4.50 42.04
C PRO F 162 10.57 -3.37 41.92
N GLU F 163 9.63 -3.54 40.99
CA GLU F 163 8.52 -2.60 40.87
C GLU F 163 7.61 -2.68 42.09
N PRO F 164 6.88 -1.60 42.41
CA PRO F 164 6.91 -0.28 41.79
C PRO F 164 7.63 0.78 42.64
N VAL F 165 7.55 2.03 42.19
CA VAL F 165 8.08 3.17 42.93
C VAL F 165 7.17 4.36 42.64
N THR F 166 7.00 5.23 43.64
CA THR F 166 6.07 6.35 43.51
C THR F 166 6.82 7.67 43.63
N VAL F 167 6.44 8.64 42.79
CA VAL F 167 7.09 9.94 42.76
C VAL F 167 6.01 11.02 42.79
N SER F 168 6.19 12.01 43.66
CA SER F 168 5.33 13.17 43.75
C SER F 168 6.18 14.43 43.76
N TRP F 169 5.53 15.58 43.66
CA TRP F 169 6.21 16.87 43.65
C TRP F 169 5.60 17.78 44.69
N ASN F 170 6.46 18.48 45.44
CA ASN F 170 6.04 19.42 46.49
C ASN F 170 5.09 18.75 47.49
N SER F 171 5.39 17.49 47.81
CA SER F 171 4.60 16.71 48.76
C SER F 171 3.14 16.65 48.37
N GLY F 172 2.88 16.48 47.08
CA GLY F 172 1.53 16.32 46.57
C GLY F 172 0.77 17.60 46.34
N ALA F 173 1.35 18.76 46.61
CA ALA F 173 0.67 20.03 46.39
C ALA F 173 0.69 20.47 44.93
N LEU F 174 1.56 19.90 44.11
CA LEU F 174 1.71 20.29 42.72
C LEU F 174 1.27 19.13 41.82
N THR F 175 0.21 19.36 41.05
CA THR F 175 -0.31 18.36 40.13
C THR F 175 -0.37 18.83 38.68
N SER F 176 -0.64 20.11 38.44
CA SER F 176 -0.73 20.61 37.08
C SER F 176 0.66 20.65 36.45
N GLY F 177 0.77 20.11 35.22
CA GLY F 177 2.03 20.08 34.51
C GLY F 177 2.92 18.90 34.81
N VAL F 178 2.54 18.05 35.75
CA VAL F 178 3.35 16.88 36.10
C VAL F 178 3.10 15.78 35.08
N HIS F 179 4.18 15.10 34.68
CA HIS F 179 4.09 14.01 33.71
C HIS F 179 5.13 12.97 34.10
N THR F 180 4.67 11.79 34.50
CA THR F 180 5.53 10.68 34.90
C THR F 180 5.50 9.62 33.81
N PHE F 181 6.68 9.21 33.37
CA PHE F 181 6.81 8.25 32.28
C PHE F 181 6.90 6.83 32.80
N PRO F 182 6.49 5.85 31.99
CA PRO F 182 6.67 4.45 32.37
C PRO F 182 8.14 4.08 32.48
N ALA F 183 8.40 3.01 33.21
CA ALA F 183 9.77 2.58 33.49
C ALA F 183 10.33 1.75 32.35
N VAL F 184 11.66 1.75 32.25
CA VAL F 184 12.38 0.93 31.29
C VAL F 184 12.99 -0.26 32.02
N LEU F 185 13.05 -1.40 31.33
CA LEU F 185 13.64 -2.62 31.88
C LEU F 185 14.91 -2.91 31.09
N GLN F 186 16.05 -2.50 31.63
CA GLN F 186 17.31 -2.67 30.93
C GLN F 186 17.77 -4.12 30.98
N SER F 187 18.84 -4.41 30.23
CA SER F 187 19.35 -5.77 30.15
C SER F 187 19.81 -6.29 31.51
N SER F 188 20.32 -5.41 32.36
CA SER F 188 20.75 -5.82 33.69
C SER F 188 19.59 -6.29 34.56
N GLY F 189 18.35 -5.95 34.19
CA GLY F 189 17.19 -6.33 34.98
C GLY F 189 16.71 -5.28 35.96
N LEU F 190 17.19 -4.05 35.86
CA LEU F 190 16.82 -2.98 36.78
C LEU F 190 15.95 -1.95 36.06
N TYR F 191 15.00 -1.38 36.80
CA TYR F 191 14.07 -0.42 36.24
C TYR F 191 14.58 1.01 36.39
N SER F 192 14.06 1.88 35.52
CA SER F 192 14.42 3.30 35.56
C SER F 192 13.28 4.10 34.94
N LEU F 193 12.93 5.22 35.56
CA LEU F 193 11.88 6.08 35.03
C LEU F 193 12.17 7.53 35.39
N SER F 194 11.66 8.43 34.56
CA SER F 194 11.84 9.86 34.76
C SER F 194 10.49 10.54 34.97
N SER F 195 10.53 11.76 35.49
CA SER F 195 9.33 12.55 35.68
C SER F 195 9.68 14.02 35.47
N VAL F 196 8.78 14.73 34.77
CA VAL F 196 9.01 16.10 34.33
C VAL F 196 7.80 16.95 34.70
N VAL F 197 8.05 18.11 35.29
CA VAL F 197 7.00 19.08 35.58
C VAL F 197 7.29 20.36 34.80
N THR F 198 6.23 20.95 34.23
CA THR F 198 6.34 22.18 33.47
C THR F 198 5.95 23.35 34.37
N VAL F 199 6.85 24.31 34.52
CA VAL F 199 6.67 25.39 35.48
C VAL F 199 6.88 26.72 34.78
N PRO F 200 6.30 27.79 35.30
CA PRO F 200 6.64 29.14 34.79
C PRO F 200 8.09 29.49 35.09
N SER F 201 8.69 30.24 34.16
CA SER F 201 10.08 30.67 34.35
C SER F 201 10.20 31.80 35.36
N SER F 202 9.21 32.68 35.43
CA SER F 202 9.28 33.80 36.37
C SER F 202 9.17 33.33 37.81
N SER F 203 8.36 32.28 38.05
CA SER F 203 8.18 31.77 39.40
C SER F 203 9.38 30.97 39.91
N LEU F 204 10.37 30.69 39.04
CA LEU F 204 11.54 29.95 39.47
C LEU F 204 12.34 30.68 40.54
N GLY F 205 12.23 32.01 40.60
CA GLY F 205 12.97 32.75 41.62
C GLY F 205 12.48 32.47 43.03
N THR F 206 11.16 32.41 43.22
CA THR F 206 10.57 32.28 44.55
C THR F 206 10.10 30.87 44.86
N GLN F 207 9.47 30.19 43.90
CA GLN F 207 8.92 28.87 44.15
C GLN F 207 10.02 27.82 44.19
N THR F 208 9.95 26.94 45.19
CA THR F 208 10.90 25.85 45.36
C THR F 208 10.24 24.55 44.92
N TYR F 209 10.95 23.77 44.10
CA TYR F 209 10.44 22.52 43.56
C TYR F 209 11.24 21.35 44.13
N ILE F 210 10.54 20.42 44.77
CA ILE F 210 11.16 19.25 45.40
C ILE F 210 10.44 18.01 44.90
N CYS F 211 11.20 17.02 44.46
CA CYS F 211 10.62 15.75 44.01
C CYS F 211 10.83 14.71 45.09
N ASN F 212 9.76 13.98 45.41
CA ASN F 212 9.75 13.01 46.50
C ASN F 212 9.57 11.62 45.90
N VAL F 213 10.53 10.74 46.13
CA VAL F 213 10.52 9.38 45.61
C VAL F 213 10.41 8.42 46.78
N ASN F 214 9.46 7.50 46.72
CA ASN F 214 9.25 6.50 47.74
C ASN F 214 9.25 5.12 47.11
N HIS F 215 10.12 4.25 47.63
CA HIS F 215 10.28 2.86 47.17
C HIS F 215 10.18 1.99 48.42
N LYS F 216 8.96 1.51 48.70
CA LYS F 216 8.67 0.68 49.86
C LYS F 216 9.36 -0.70 49.84
N PRO F 217 9.57 -1.32 48.67
CA PRO F 217 10.34 -2.58 48.68
C PRO F 217 11.72 -2.46 49.31
N SER F 218 12.34 -1.29 49.25
CA SER F 218 13.62 -1.06 49.90
C SER F 218 13.52 -0.07 51.07
N ASN F 219 12.32 0.40 51.40
CA ASN F 219 12.12 1.40 52.45
C ASN F 219 12.97 2.64 52.20
N THR F 220 13.05 3.06 50.94
CA THR F 220 13.88 4.18 50.54
C THR F 220 12.98 5.37 50.24
N LYS F 221 13.09 6.42 51.05
CA LYS F 221 12.30 7.63 50.87
C LYS F 221 13.25 8.80 50.73
N VAL F 222 13.28 9.41 49.55
CA VAL F 222 14.26 10.42 49.20
C VAL F 222 13.55 11.68 48.74
N ASP F 223 14.02 12.84 49.20
CA ASP F 223 13.52 14.12 48.75
C ASP F 223 14.67 14.90 48.11
N LYS F 224 14.46 15.37 46.89
CA LYS F 224 15.53 16.03 46.14
C LYS F 224 15.08 17.40 45.64
N ARG F 225 15.94 18.39 45.79
CA ARG F 225 15.69 19.73 45.26
C ARG F 225 16.09 19.82 43.80
N VAL F 226 15.29 20.54 43.02
CA VAL F 226 15.68 20.91 41.66
C VAL F 226 16.34 22.28 41.73
N GLU F 227 17.61 22.36 41.36
CA GLU F 227 18.41 23.54 41.65
C GLU F 227 19.17 23.99 40.42
N PRO F 228 19.40 25.30 40.29
CA PRO F 228 20.33 25.78 39.26
C PRO F 228 21.72 25.19 39.46
N LYS F 229 22.39 24.87 38.36
CA LYS F 229 23.58 24.03 38.41
C LYS F 229 24.72 24.66 37.61
N SER F 230 25.94 24.33 38.02
CA SER F 230 27.17 24.70 37.32
C SER F 230 27.28 26.21 37.09
N THR G 1 9.70 49.78 5.81
CA THR G 1 10.30 48.67 5.08
C THR G 1 10.09 47.35 5.82
N ASN G 2 10.64 46.27 5.24
CA ASN G 2 10.60 44.92 5.80
C ASN G 2 9.20 44.34 5.75
N LEU G 3 9.11 43.02 5.55
CA LEU G 3 7.83 42.37 5.31
C LEU G 3 6.93 42.46 6.55
N CYS G 4 5.63 42.45 6.30
CA CYS G 4 4.67 42.57 7.40
C CYS G 4 4.62 41.28 8.20
N PRO G 5 4.75 41.34 9.53
CA PRO G 5 4.82 40.11 10.33
C PRO G 5 3.48 39.40 10.46
N PHE G 6 3.08 38.68 9.41
CA PHE G 6 1.86 37.89 9.47
C PHE G 6 2.05 36.56 10.21
N GLY G 7 3.28 36.21 10.57
CA GLY G 7 3.52 34.90 11.14
C GLY G 7 2.84 34.69 12.47
N GLU G 8 2.93 35.68 13.36
CA GLU G 8 2.41 35.50 14.72
C GLU G 8 0.88 35.47 14.77
N VAL G 9 0.21 35.79 13.67
CA VAL G 9 -1.24 35.72 13.64
C VAL G 9 -1.68 34.35 13.16
N PHE G 10 -1.23 33.95 11.97
CA PHE G 10 -1.68 32.70 11.37
C PHE G 10 -1.01 31.49 12.00
N ASN G 11 0.32 31.47 12.03
CA ASN G 11 1.06 30.35 12.60
C ASN G 11 1.05 30.35 14.13
N ALA G 12 0.18 31.14 14.75
CA ALA G 12 0.08 31.17 16.21
C ALA G 12 -0.34 29.81 16.75
N THR G 13 0.17 29.49 17.94
CA THR G 13 -0.12 28.19 18.54
C THR G 13 -1.58 28.11 18.99
N ARG G 14 -2.08 29.15 19.65
CA ARG G 14 -3.43 29.15 20.20
C ARG G 14 -4.29 30.20 19.50
N PHE G 15 -5.58 29.89 19.38
CA PHE G 15 -6.56 30.81 18.84
C PHE G 15 -7.68 31.00 19.85
N ALA G 16 -8.17 32.23 19.98
CA ALA G 16 -9.19 32.55 20.96
C ALA G 16 -10.55 32.06 20.51
N SER G 17 -11.50 32.05 21.44
CA SER G 17 -12.87 31.71 21.12
C SER G 17 -13.52 32.83 20.32
N VAL G 18 -14.62 32.50 19.64
CA VAL G 18 -15.27 33.47 18.76
C VAL G 18 -15.85 34.63 19.56
N TYR G 19 -16.36 34.37 20.76
CA TYR G 19 -16.92 35.44 21.58
C TYR G 19 -15.84 36.31 22.20
N ALA G 20 -14.60 35.82 22.23
CA ALA G 20 -13.48 36.60 22.77
C ALA G 20 -12.39 36.73 21.71
N TRP G 21 -12.79 37.07 20.49
CA TRP G 21 -11.87 37.10 19.36
C TRP G 21 -10.71 38.05 19.61
N ASN G 22 -9.54 37.69 19.08
CA ASN G 22 -8.33 38.49 19.30
C ASN G 22 -8.15 39.49 18.16
N ARG G 23 -7.60 40.66 18.52
CA ARG G 23 -7.32 41.72 17.56
C ARG G 23 -5.86 42.13 17.66
N LYS G 24 -5.22 42.31 16.50
CA LYS G 24 -3.84 42.75 16.40
C LYS G 24 -3.73 43.89 15.41
N ARG G 25 -2.95 44.91 15.77
CA ARG G 25 -2.70 46.04 14.88
C ARG G 25 -1.40 45.81 14.12
N ILE G 26 -1.43 46.08 12.81
CA ILE G 26 -0.28 45.92 11.95
C ILE G 26 -0.07 47.21 11.17
N SER G 27 1.16 47.70 11.18
CA SER G 27 1.52 48.97 10.57
C SER G 27 3.04 49.00 10.40
N ASN G 28 3.50 49.96 9.60
CA ASN G 28 4.93 50.21 9.38
C ASN G 28 5.62 48.98 8.81
N CYS G 29 5.04 48.43 7.74
CA CYS G 29 5.66 47.32 7.03
C CYS G 29 5.05 47.22 5.65
N VAL G 30 5.72 46.48 4.77
CA VAL G 30 5.23 46.22 3.42
C VAL G 30 4.49 44.89 3.43
N ALA G 31 3.30 44.88 2.84
CA ALA G 31 2.42 43.71 2.85
C ALA G 31 2.42 43.05 1.48
N ASP G 32 2.93 41.82 1.41
CA ASP G 32 2.91 41.03 0.19
C ASP G 32 1.83 39.96 0.35
N TYR G 33 0.65 40.24 -0.20
CA TYR G 33 -0.47 39.31 -0.05
C TYR G 33 -0.30 38.06 -0.90
N SER G 34 0.49 38.12 -1.98
CA SER G 34 0.74 36.91 -2.76
C SER G 34 1.51 35.89 -1.95
N VAL G 35 2.53 36.33 -1.21
CA VAL G 35 3.29 35.42 -0.37
C VAL G 35 2.39 34.83 0.72
N LEU G 36 1.53 35.66 1.30
CA LEU G 36 0.58 35.16 2.31
C LEU G 36 -0.35 34.13 1.71
N TYR G 37 -0.86 34.38 0.50
CA TYR G 37 -1.75 33.42 -0.13
C TYR G 37 -1.05 32.10 -0.41
N ASN G 38 0.18 32.16 -0.91
CA ASN G 38 0.92 30.95 -1.26
C ASN G 38 1.67 30.35 -0.08
N SER G 39 1.65 30.99 1.09
CA SER G 39 2.38 30.47 2.24
C SER G 39 1.84 29.13 2.70
N ALA G 40 0.56 28.86 2.46
CA ALA G 40 -0.05 27.61 2.87
C ALA G 40 -1.24 27.33 1.97
N SER G 41 -2.06 26.36 2.35
CA SER G 41 -3.26 26.00 1.60
C SER G 41 -4.48 26.36 2.46
N PHE G 42 -5.19 27.40 2.06
CA PHE G 42 -6.35 27.88 2.80
C PHE G 42 -7.64 27.34 2.18
N SER G 43 -8.70 27.35 2.99
CA SER G 43 -10.00 26.89 2.52
C SER G 43 -10.85 28.02 1.97
N THR G 44 -10.64 29.25 2.43
CA THR G 44 -11.37 30.41 1.93
C THR G 44 -10.46 31.63 1.99
N PHE G 45 -10.40 32.37 0.89
CA PHE G 45 -9.64 33.61 0.79
C PHE G 45 -10.47 34.57 -0.06
N LYS G 46 -11.31 35.37 0.59
CA LYS G 46 -12.29 36.19 -0.10
C LYS G 46 -12.20 37.63 0.37
N CYS G 47 -12.06 38.56 -0.57
CA CYS G 47 -11.86 39.97 -0.24
C CYS G 47 -13.09 40.78 -0.64
N TYR G 48 -13.59 41.58 0.31
CA TYR G 48 -14.78 42.39 0.13
C TYR G 48 -14.39 43.86 -0.02
N GLY G 49 -14.98 44.53 -1.00
CA GLY G 49 -14.78 45.96 -1.19
C GLY G 49 -13.49 46.33 -1.88
N VAL G 50 -12.66 45.36 -2.26
CA VAL G 50 -11.38 45.63 -2.89
C VAL G 50 -11.07 44.49 -3.85
N SER G 51 -10.53 44.85 -5.02
CA SER G 51 -10.16 43.84 -6.01
C SER G 51 -8.85 43.16 -5.61
N PRO G 52 -8.78 41.83 -5.70
CA PRO G 52 -7.53 41.14 -5.35
C PRO G 52 -6.42 41.36 -6.36
N THR G 53 -6.75 41.70 -7.61
CA THR G 53 -5.72 42.02 -8.59
C THR G 53 -4.93 43.27 -8.17
N LYS G 54 -5.62 44.28 -7.66
CA LYS G 54 -4.99 45.49 -7.18
C LYS G 54 -4.87 45.38 -5.66
N LEU G 55 -3.89 44.60 -5.21
CA LEU G 55 -3.68 44.39 -3.78
C LEU G 55 -2.24 44.69 -3.38
N ASN G 56 -1.31 44.52 -4.30
CA ASN G 56 0.09 44.84 -4.06
C ASN G 56 0.44 46.26 -4.45
N ASP G 57 -0.54 47.06 -4.87
CA ASP G 57 -0.30 48.43 -5.31
C ASP G 57 -1.02 49.46 -4.44
N LEU G 58 -1.67 49.03 -3.36
CA LEU G 58 -2.44 49.93 -2.52
C LEU G 58 -1.65 50.33 -1.27
N CYS G 59 -2.24 51.25 -0.51
CA CYS G 59 -1.65 51.74 0.73
C CYS G 59 -2.77 52.02 1.72
N PHE G 60 -2.52 51.75 2.99
CA PHE G 60 -3.50 51.98 4.04
C PHE G 60 -2.81 52.50 5.29
N THR G 61 -3.59 53.20 6.12
CA THR G 61 -3.06 53.70 7.38
C THR G 61 -2.71 52.56 8.32
N ASN G 62 -3.61 51.58 8.47
CA ASN G 62 -3.37 50.46 9.37
C ASN G 62 -4.12 49.25 8.84
N VAL G 63 -3.73 48.07 9.33
CA VAL G 63 -4.48 46.84 9.05
C VAL G 63 -4.68 46.07 10.35
N TYR G 64 -5.91 45.67 10.61
CA TYR G 64 -6.27 44.99 11.86
C TYR G 64 -6.61 43.53 11.56
N ALA G 65 -5.95 42.62 12.27
CA ALA G 65 -6.17 41.19 12.12
C ALA G 65 -7.00 40.69 13.29
N ASP G 66 -8.17 40.15 12.99
CA ASP G 66 -9.06 39.58 14.00
C ASP G 66 -9.09 38.07 13.81
N SER G 67 -8.70 37.34 14.85
CA SER G 67 -8.54 35.89 14.78
C SER G 67 -9.45 35.20 15.78
N PHE G 68 -10.05 34.09 15.34
CA PHE G 68 -10.88 33.26 16.22
C PHE G 68 -11.08 31.90 15.59
N VAL G 69 -11.91 31.07 16.25
CA VAL G 69 -12.19 29.70 15.83
C VAL G 69 -13.70 29.51 15.83
N ILE G 70 -14.23 28.98 14.72
CA ILE G 70 -15.65 28.68 14.60
C ILE G 70 -15.80 27.30 13.98
N ARG G 71 -17.03 26.92 13.67
CA ARG G 71 -17.26 25.68 12.92
C ARG G 71 -17.48 26.01 11.45
N GLY G 72 -17.32 24.99 10.61
CA GLY G 72 -17.46 25.20 9.17
C GLY G 72 -18.81 25.74 8.78
N ASP G 73 -19.88 25.20 9.38
CA ASP G 73 -21.23 25.63 9.06
C ASP G 73 -21.42 27.12 9.29
N GLU G 74 -20.66 27.70 10.21
CA GLU G 74 -20.77 29.11 10.56
C GLU G 74 -19.85 30.00 9.72
N VAL G 75 -19.01 29.41 8.87
CA VAL G 75 -18.06 30.22 8.10
C VAL G 75 -18.79 31.18 7.17
N ARG G 76 -19.95 30.75 6.65
CA ARG G 76 -20.74 31.63 5.79
C ARG G 76 -21.20 32.89 6.52
N GLN G 77 -21.23 32.89 7.85
CA GLN G 77 -21.68 34.04 8.62
C GLN G 77 -20.62 35.14 8.72
N ILE G 78 -19.37 34.86 8.35
CA ILE G 78 -18.31 35.87 8.41
C ILE G 78 -18.31 36.57 7.06
N ALA G 79 -19.22 37.54 6.92
CA ALA G 79 -19.38 38.31 5.69
C ALA G 79 -20.33 39.46 5.99
N PRO G 80 -20.24 40.55 5.22
CA PRO G 80 -21.19 41.66 5.42
C PRO G 80 -22.63 41.21 5.19
N GLY G 81 -23.53 41.74 6.02
CA GLY G 81 -24.95 41.45 5.86
C GLY G 81 -25.32 40.00 6.09
N GLN G 82 -24.74 39.36 7.10
CA GLN G 82 -25.05 37.99 7.45
C GLN G 82 -25.72 37.92 8.82
N THR G 83 -26.60 36.94 8.97
CA THR G 83 -27.32 36.70 10.22
C THR G 83 -26.91 35.34 10.79
N GLY G 84 -27.49 35.01 11.94
CA GLY G 84 -27.13 33.81 12.67
C GLY G 84 -26.50 34.13 14.01
N LYS G 85 -26.31 33.07 14.80
CA LYS G 85 -25.82 33.24 16.16
C LYS G 85 -24.44 33.89 16.17
N ILE G 86 -23.54 33.43 15.30
CA ILE G 86 -22.19 33.99 15.27
C ILE G 86 -22.20 35.42 14.74
N ALA G 87 -23.00 35.69 13.70
CA ALA G 87 -23.02 37.00 13.10
C ALA G 87 -23.78 38.03 13.93
N ASP G 88 -24.44 37.61 15.01
CA ASP G 88 -25.25 38.52 15.82
C ASP G 88 -24.77 38.63 17.26
N TYR G 89 -24.26 37.55 17.85
CA TYR G 89 -23.90 37.55 19.26
C TYR G 89 -22.40 37.44 19.51
N ASN G 90 -21.60 37.09 18.49
CA ASN G 90 -20.17 36.87 18.69
C ASN G 90 -19.30 37.81 17.89
N TYR G 91 -19.51 37.90 16.57
CA TYR G 91 -18.68 38.74 15.71
C TYR G 91 -19.54 39.29 14.58
N LYS G 92 -19.37 40.58 14.30
CA LYS G 92 -20.19 41.27 13.32
C LYS G 92 -19.33 42.13 12.42
N LEU G 93 -19.67 42.17 11.12
CA LEU G 93 -19.01 42.99 10.13
C LEU G 93 -19.98 44.02 9.56
N PRO G 94 -19.51 45.23 9.26
CA PRO G 94 -20.39 46.23 8.67
C PRO G 94 -20.74 45.89 7.24
N ASP G 95 -21.84 46.49 6.76
CA ASP G 95 -22.27 46.27 5.38
C ASP G 95 -21.23 46.77 4.39
N ASP G 96 -20.55 47.86 4.73
CA ASP G 96 -19.52 48.44 3.87
C ASP G 96 -18.12 48.01 4.26
N PHE G 97 -17.97 46.77 4.74
CA PHE G 97 -16.66 46.25 5.12
C PHE G 97 -15.72 46.25 3.93
N THR G 98 -14.51 46.76 4.15
CA THR G 98 -13.44 46.75 3.14
C THR G 98 -12.26 45.99 3.73
N GLY G 99 -11.93 44.85 3.12
CA GLY G 99 -10.86 44.01 3.66
C GLY G 99 -10.89 42.63 3.05
N CYS G 100 -10.36 41.67 3.79
CA CYS G 100 -10.31 40.29 3.33
C CYS G 100 -10.64 39.35 4.49
N VAL G 101 -11.07 38.15 4.15
CA VAL G 101 -11.38 37.10 5.10
C VAL G 101 -10.67 35.83 4.67
N ILE G 102 -9.93 35.23 5.59
CA ILE G 102 -9.19 33.99 5.35
C ILE G 102 -9.67 32.96 6.37
N ALA G 103 -9.94 31.75 5.89
CA ALA G 103 -10.40 30.68 6.76
C ALA G 103 -9.75 29.37 6.34
N TRP G 104 -9.35 28.56 7.33
CA TRP G 104 -8.78 27.26 6.98
C TRP G 104 -9.14 26.23 8.03
N ASN G 105 -9.29 24.98 7.59
CA ASN G 105 -9.64 23.88 8.47
C ASN G 105 -8.52 23.64 9.49
N SER G 106 -8.91 23.33 10.72
CA SER G 106 -7.96 23.10 11.81
C SER G 106 -8.37 21.91 12.64
N ASN G 107 -8.77 20.82 11.96
CA ASN G 107 -9.20 19.62 12.68
C ASN G 107 -8.02 18.92 13.37
N ASN G 108 -6.82 19.04 12.80
CA ASN G 108 -5.65 18.39 13.40
C ASN G 108 -5.15 19.11 14.63
N LEU G 109 -5.66 20.30 14.93
CA LEU G 109 -5.22 21.09 16.08
C LEU G 109 -6.28 21.27 17.14
N ASP G 110 -7.53 21.55 16.74
CA ASP G 110 -8.58 21.93 17.68
C ASP G 110 -9.60 20.81 17.90
N SER G 111 -9.26 19.57 17.58
CA SER G 111 -10.13 18.43 17.80
C SER G 111 -9.44 17.44 18.72
N LYS G 112 -10.13 17.05 19.79
CA LYS G 112 -9.60 16.11 20.77
C LYS G 112 -10.60 14.97 20.97
N VAL G 113 -10.09 13.84 21.42
CA VAL G 113 -10.95 12.70 21.75
C VAL G 113 -11.80 13.06 22.95
N GLY G 114 -13.11 12.81 22.85
CA GLY G 114 -14.03 13.24 23.87
C GLY G 114 -14.50 14.67 23.73
N GLY G 115 -14.13 15.34 22.65
CA GLY G 115 -14.54 16.72 22.44
C GLY G 115 -13.59 17.73 23.04
N ASN G 116 -13.53 18.90 22.42
CA ASN G 116 -12.73 20.02 22.91
C ASN G 116 -13.71 21.07 23.43
N TYR G 117 -13.83 21.14 24.75
CA TYR G 117 -14.76 22.05 25.40
C TYR G 117 -14.13 23.38 25.80
N ASN G 118 -12.87 23.61 25.45
CA ASN G 118 -12.21 24.88 25.74
C ASN G 118 -12.69 26.01 24.85
N TYR G 119 -13.42 25.71 23.78
CA TYR G 119 -13.95 26.71 22.87
C TYR G 119 -15.44 26.92 23.14
N LEU G 120 -15.83 28.18 23.31
CA LEU G 120 -17.21 28.53 23.63
C LEU G 120 -17.73 29.55 22.63
N TYR G 121 -19.05 29.75 22.66
CA TYR G 121 -19.69 30.80 21.88
C TYR G 121 -20.89 31.33 22.65
N ARG G 122 -21.24 32.59 22.38
CA ARG G 122 -22.37 33.23 23.05
C ARG G 122 -23.68 32.75 22.44
N LEU G 123 -24.57 32.21 23.28
CA LEU G 123 -25.84 31.65 22.84
C LEU G 123 -27.00 32.63 23.00
N PHE G 124 -27.10 33.26 24.16
CA PHE G 124 -28.21 34.16 24.46
C PHE G 124 -27.69 35.59 24.64
N ARG G 125 -28.44 36.55 24.11
CA ARG G 125 -28.13 37.96 24.31
C ARG G 125 -29.40 38.78 24.12
N LYS G 126 -29.45 39.93 24.79
CA LYS G 126 -30.63 40.78 24.71
C LYS G 126 -30.73 41.46 23.35
N SER G 127 -29.62 41.98 22.83
CA SER G 127 -29.60 42.71 21.58
C SER G 127 -28.44 42.24 20.73
N ASN G 128 -28.49 42.61 19.44
CA ASN G 128 -27.44 42.24 18.51
C ASN G 128 -26.15 43.01 18.83
N LEU G 129 -25.09 42.67 18.10
CA LEU G 129 -23.79 43.32 18.26
C LEU G 129 -23.61 44.37 17.17
N LYS G 130 -23.15 45.55 17.58
CA LYS G 130 -22.74 46.55 16.62
C LYS G 130 -21.50 46.06 15.87
N PRO G 131 -21.25 46.58 14.67
CA PRO G 131 -20.08 46.12 13.91
C PRO G 131 -18.79 46.29 14.70
N PHE G 132 -17.95 45.25 14.65
CA PHE G 132 -16.66 45.23 15.35
C PHE G 132 -16.83 45.44 16.85
N GLU G 133 -17.87 44.85 17.42
CA GLU G 133 -18.08 44.85 18.86
C GLU G 133 -17.60 43.54 19.45
N ARG G 134 -17.13 43.59 20.71
CA ARG G 134 -16.64 42.42 21.41
C ARG G 134 -17.27 42.38 22.80
N ASP G 135 -18.04 41.35 23.08
CA ASP G 135 -18.69 41.17 24.36
C ASP G 135 -18.06 40.00 25.08
N ILE G 136 -17.69 40.20 26.35
CA ILE G 136 -17.06 39.15 27.15
C ILE G 136 -17.79 39.02 28.48
N SER G 137 -19.00 39.57 28.55
CA SER G 137 -19.79 39.51 29.78
C SER G 137 -20.24 38.08 30.06
N THR G 138 -20.46 37.80 31.35
CA THR G 138 -20.88 36.47 31.79
C THR G 138 -22.15 36.53 32.64
N GLU G 139 -22.90 37.62 32.56
CA GLU G 139 -24.10 37.76 33.36
C GLU G 139 -25.14 36.72 32.98
N ILE G 140 -25.92 36.28 33.98
CA ILE G 140 -26.95 35.27 33.75
C ILE G 140 -28.06 35.88 32.89
N TYR G 141 -28.47 35.15 31.85
CA TYR G 141 -29.48 35.63 30.92
C TYR G 141 -30.87 35.38 31.50
N GLN G 142 -31.73 36.40 31.43
CA GLN G 142 -33.09 36.31 31.93
C GLN G 142 -34.03 35.96 30.78
N ALA G 143 -34.78 34.86 30.94
CA ALA G 143 -35.68 34.37 29.90
C ALA G 143 -37.14 34.70 30.17
N GLY G 144 -37.61 34.47 31.40
CA GLY G 144 -39.00 34.69 31.74
C GLY G 144 -39.22 36.02 32.43
N SER G 145 -40.46 36.21 32.91
CA SER G 145 -40.81 37.44 33.62
C SER G 145 -40.20 37.49 35.01
N THR G 146 -39.83 36.35 35.59
CA THR G 146 -39.23 36.35 36.90
C THR G 146 -37.80 36.89 36.83
N PRO G 147 -37.40 37.75 37.76
CA PRO G 147 -36.02 38.24 37.76
C PRO G 147 -35.05 37.12 38.09
N CYS G 148 -33.84 37.24 37.54
CA CYS G 148 -32.81 36.21 37.71
C CYS G 148 -31.99 36.42 38.97
N ASN G 149 -31.62 37.67 39.28
CA ASN G 149 -30.84 38.01 40.46
C ASN G 149 -29.50 37.27 40.51
N GLY G 150 -28.94 36.97 39.34
CA GLY G 150 -27.63 36.36 39.28
C GLY G 150 -27.55 34.95 39.82
N VAL G 151 -28.64 34.21 39.81
CA VAL G 151 -28.69 32.83 40.30
C VAL G 151 -28.99 31.91 39.14
N GLU G 152 -28.16 30.89 38.95
CA GLU G 152 -28.28 29.96 37.84
C GLU G 152 -29.39 28.96 38.15
N GLY G 153 -30.62 29.32 37.79
CA GLY G 153 -31.75 28.41 37.87
C GLY G 153 -32.35 28.22 36.48
N PHE G 154 -33.62 27.86 36.41
CA PHE G 154 -34.28 27.86 35.11
C PHE G 154 -34.86 29.24 34.82
N ASN G 155 -35.10 29.50 33.54
CA ASN G 155 -35.33 30.84 33.00
C ASN G 155 -34.15 31.77 33.27
N CYS G 156 -33.02 31.21 33.71
CA CYS G 156 -31.79 31.94 33.99
C CYS G 156 -30.66 31.12 33.38
N TYR G 157 -30.37 31.37 32.12
CA TYR G 157 -29.43 30.56 31.35
C TYR G 157 -28.04 31.19 31.34
N PHE G 158 -27.01 30.35 31.41
CA PHE G 158 -25.66 30.81 31.19
C PHE G 158 -25.48 31.13 29.71
N PRO G 159 -24.96 32.31 29.36
CA PRO G 159 -25.00 32.76 27.96
C PRO G 159 -23.92 32.17 27.07
N LEU G 160 -23.12 31.21 27.54
CA LEU G 160 -22.05 30.63 26.76
C LEU G 160 -22.24 29.13 26.66
N GLN G 161 -21.94 28.58 25.48
CA GLN G 161 -22.13 27.17 25.18
C GLN G 161 -20.87 26.63 24.51
N SER G 162 -20.52 25.38 24.86
CA SER G 162 -19.35 24.74 24.30
C SER G 162 -19.62 24.22 22.89
N TYR G 163 -18.53 23.96 22.16
CA TYR G 163 -18.63 23.41 20.81
C TYR G 163 -18.51 21.89 20.80
N GLY G 164 -17.58 21.34 21.57
CA GLY G 164 -17.35 19.90 21.58
C GLY G 164 -16.84 19.37 20.25
N PHE G 165 -15.76 19.96 19.74
CA PHE G 165 -15.21 19.54 18.46
C PHE G 165 -14.68 18.12 18.55
N GLN G 166 -15.09 17.27 17.61
CA GLN G 166 -14.69 15.87 17.61
C GLN G 166 -14.13 15.50 16.24
N PRO G 167 -13.09 14.66 16.20
CA PRO G 167 -12.35 14.45 14.95
C PRO G 167 -13.14 13.78 13.84
N THR G 168 -13.80 12.65 14.14
CA THR G 168 -14.43 11.85 13.11
C THR G 168 -15.67 12.49 12.50
N ASN G 169 -16.07 13.67 12.96
CA ASN G 169 -17.26 14.33 12.42
C ASN G 169 -17.01 14.76 10.98
N GLY G 170 -18.11 15.10 10.30
CA GLY G 170 -18.00 15.69 8.98
C GLY G 170 -17.41 17.08 9.04
N VAL G 171 -16.95 17.55 7.87
CA VAL G 171 -16.23 18.80 7.80
C VAL G 171 -17.10 19.99 8.19
N GLY G 172 -18.43 19.83 8.14
CA GLY G 172 -19.31 20.92 8.52
C GLY G 172 -19.17 21.30 10.00
N TYR G 173 -18.94 20.31 10.85
CA TYR G 173 -18.80 20.53 12.28
C TYR G 173 -17.34 20.60 12.74
N GLN G 174 -16.38 20.49 11.83
CA GLN G 174 -14.98 20.53 12.22
C GLN G 174 -14.54 21.96 12.52
N PRO G 175 -13.58 22.14 13.42
CA PRO G 175 -13.13 23.50 13.77
C PRO G 175 -12.38 24.15 12.61
N TYR G 176 -12.66 25.43 12.42
CA TYR G 176 -12.04 26.25 11.37
C TYR G 176 -11.47 27.51 12.00
N ARG G 177 -10.22 27.82 11.66
CA ARG G 177 -9.57 29.03 12.13
C ARG G 177 -9.81 30.15 11.12
N VAL G 178 -10.26 31.30 11.64
CA VAL G 178 -10.68 32.42 10.81
C VAL G 178 -9.86 33.65 11.20
N VAL G 179 -9.31 34.33 10.18
CA VAL G 179 -8.59 35.58 10.34
C VAL G 179 -9.18 36.60 9.38
N VAL G 180 -9.64 37.72 9.91
CA VAL G 180 -10.24 38.79 9.12
C VAL G 180 -9.28 39.96 9.12
N LEU G 181 -8.91 40.43 7.94
CA LEU G 181 -8.04 41.58 7.78
C LEU G 181 -8.89 42.78 7.40
N SER G 182 -8.86 43.81 8.24
CA SER G 182 -9.61 45.04 8.02
C SER G 182 -8.63 46.15 7.68
N PHE G 183 -8.91 46.88 6.60
CA PHE G 183 -8.05 47.93 6.10
C PHE G 183 -8.57 49.28 6.58
N GLU G 184 -7.73 50.06 7.26
CA GLU G 184 -8.08 51.38 7.74
C GLU G 184 -7.27 52.41 6.95
N LEU G 185 -7.98 53.31 6.27
CA LEU G 185 -7.39 54.39 5.50
C LEU G 185 -7.92 55.71 6.04
N LEU G 186 -7.03 56.49 6.67
CA LEU G 186 -7.40 57.76 7.29
C LEU G 186 -6.51 58.86 6.73
N HIS G 187 -6.80 60.10 7.13
CA HIS G 187 -5.97 61.24 6.75
C HIS G 187 -4.67 61.21 7.53
N ALA G 188 -3.81 60.25 7.21
CA ALA G 188 -2.57 60.00 7.94
C ALA G 188 -1.62 59.26 7.01
N PRO G 189 -0.32 59.29 7.30
CA PRO G 189 0.63 58.56 6.43
C PRO G 189 0.30 57.07 6.39
N ALA G 190 0.26 56.52 5.18
CA ALA G 190 -0.05 55.12 4.98
C ALA G 190 1.18 54.29 5.33
N THR G 191 1.09 53.50 6.39
CA THR G 191 2.22 52.72 6.89
C THR G 191 2.22 51.29 6.38
N VAL G 192 1.24 50.89 5.57
CA VAL G 192 1.17 49.55 5.00
C VAL G 192 0.95 49.69 3.51
N CYS G 193 1.86 49.12 2.72
CA CYS G 193 1.78 49.20 1.27
C CYS G 193 2.33 47.90 0.67
N GLY G 194 2.07 47.71 -0.61
CA GLY G 194 2.65 46.61 -1.35
C GLY G 194 4.05 46.92 -1.83
N PRO G 195 4.72 45.89 -2.34
CA PRO G 195 6.11 46.04 -2.82
C PRO G 195 6.20 46.61 -4.23
N SER H 2 -6.18 9.65 -7.25
CA SER H 2 -6.38 8.49 -6.38
C SER H 2 -7.54 7.64 -6.88
N VAL H 3 -8.32 8.21 -7.79
CA VAL H 3 -9.55 7.65 -8.37
C VAL H 3 -10.29 6.74 -7.40
N LEU H 4 -11.33 7.28 -6.76
CA LEU H 4 -12.10 6.51 -5.79
C LEU H 4 -12.65 5.25 -6.43
N THR H 5 -12.48 4.12 -5.75
CA THR H 5 -12.83 2.82 -6.32
C THR H 5 -14.35 2.64 -6.30
N GLN H 6 -14.90 2.21 -7.44
CA GLN H 6 -16.30 1.89 -7.57
C GLN H 6 -16.46 0.53 -8.23
N PRO H 7 -17.44 -0.26 -7.81
CA PRO H 7 -17.71 -1.53 -8.50
C PRO H 7 -18.13 -1.28 -9.93
N PRO H 8 -17.67 -2.11 -10.87
CA PRO H 8 -18.03 -1.89 -12.28
C PRO H 8 -19.51 -2.01 -12.57
N SER H 9 -20.27 -2.72 -11.73
CA SER H 9 -21.68 -2.95 -12.00
C SER H 9 -22.43 -3.17 -10.69
N ALA H 10 -23.74 -3.00 -10.75
CA ALA H 10 -24.62 -3.28 -9.63
C ALA H 10 -25.96 -3.76 -10.20
N SER H 11 -26.35 -4.96 -9.84
CA SER H 11 -27.52 -5.61 -10.42
C SER H 11 -28.64 -5.72 -9.39
N GLY H 12 -29.79 -6.20 -9.87
CA GLY H 12 -30.95 -6.37 -9.02
C GLY H 12 -32.22 -6.67 -9.78
N ALA H 13 -33.06 -7.54 -9.21
CA ALA H 13 -34.36 -7.82 -9.80
C ALA H 13 -35.29 -6.63 -9.65
N PRO H 14 -36.31 -6.51 -10.50
CA PRO H 14 -37.22 -5.36 -10.43
C PRO H 14 -37.84 -5.21 -9.04
N GLY H 15 -37.56 -4.07 -8.41
CA GLY H 15 -38.07 -3.78 -7.08
C GLY H 15 -37.10 -4.00 -5.95
N GLN H 16 -35.85 -4.36 -6.24
CA GLN H 16 -34.87 -4.66 -5.21
C GLN H 16 -34.40 -3.38 -4.53
N ARG H 17 -33.48 -3.56 -3.58
CA ARG H 17 -32.75 -2.48 -2.94
C ARG H 17 -31.28 -2.63 -3.32
N VAL H 18 -30.77 -1.71 -4.13
CA VAL H 18 -29.42 -1.78 -4.67
C VAL H 18 -28.52 -0.81 -3.91
N THR H 19 -27.28 -1.22 -3.68
CA THR H 19 -26.31 -0.40 -2.98
C THR H 19 -25.05 -0.26 -3.84
N ILE H 20 -24.57 0.97 -3.99
CA ILE H 20 -23.34 1.28 -4.69
C ILE H 20 -22.37 1.91 -3.69
N SER H 21 -21.15 1.37 -3.63
CA SER H 21 -20.16 1.81 -2.67
C SER H 21 -19.07 2.63 -3.36
N CYS H 22 -18.51 3.57 -2.61
CA CYS H 22 -17.40 4.41 -3.06
C CYS H 22 -16.36 4.45 -1.97
N THR H 23 -15.17 3.91 -2.27
CA THR H 23 -14.07 3.82 -1.31
C THR H 23 -13.02 4.85 -1.65
N GLY H 24 -12.59 5.60 -0.65
CA GLY H 24 -11.62 6.65 -0.81
C GLY H 24 -10.44 6.46 0.13
N SER H 25 -9.76 7.57 0.41
CA SER H 25 -8.61 7.63 1.29
C SER H 25 -8.96 8.40 2.55
N SER H 26 -7.99 8.53 3.45
CA SER H 26 -8.17 9.36 4.64
C SER H 26 -8.10 10.84 4.32
N SER H 27 -7.67 11.20 3.11
CA SER H 27 -7.51 12.60 2.75
C SER H 27 -8.75 13.19 2.09
N ASN H 28 -9.66 12.37 1.58
CA ASN H 28 -10.87 12.87 0.92
C ASN H 28 -12.15 12.50 1.67
N ILE H 29 -12.43 11.21 1.85
CA ILE H 29 -13.72 10.85 2.45
C ILE H 29 -13.52 10.59 3.94
N GLY H 30 -12.33 10.10 4.31
CA GLY H 30 -12.03 9.89 5.71
C GLY H 30 -11.73 11.15 6.49
N ALA H 31 -11.60 12.28 5.80
CA ALA H 31 -11.37 13.57 6.44
C ALA H 31 -12.63 14.41 6.58
N GLY H 32 -13.79 13.87 6.21
CA GLY H 32 -15.04 14.59 6.35
C GLY H 32 -15.47 15.42 5.16
N HIS H 33 -14.68 15.46 4.08
CA HIS H 33 -15.10 16.16 2.89
C HIS H 33 -16.37 15.54 2.34
N TYR H 34 -17.32 16.38 1.94
CA TYR H 34 -18.60 15.89 1.49
C TYR H 34 -18.49 15.19 0.15
N VAL H 35 -19.35 14.21 -0.07
CA VAL H 35 -19.35 13.38 -1.27
C VAL H 35 -20.57 13.76 -2.10
N SER H 36 -20.39 13.79 -3.42
CA SER H 36 -21.49 14.08 -4.33
C SER H 36 -21.74 12.89 -5.25
N TRP H 37 -23.00 12.55 -5.44
CA TRP H 37 -23.42 11.45 -6.29
C TRP H 37 -24.16 12.01 -7.50
N TYR H 38 -23.66 11.67 -8.70
CA TYR H 38 -24.21 12.12 -9.96
C TYR H 38 -24.64 10.92 -10.80
N GLN H 39 -25.67 11.14 -11.63
CA GLN H 39 -26.22 10.12 -12.50
C GLN H 39 -26.08 10.56 -13.95
N GLN H 40 -25.68 9.62 -14.81
CA GLN H 40 -25.54 9.85 -16.24
C GLN H 40 -26.33 8.78 -16.99
N LEU H 41 -27.33 9.21 -17.74
CA LEU H 41 -28.07 8.33 -18.62
C LEU H 41 -27.30 8.15 -19.93
N PRO H 42 -27.58 7.07 -20.67
CA PRO H 42 -26.87 6.84 -21.93
C PRO H 42 -27.12 7.98 -22.92
N GLY H 43 -26.02 8.65 -23.31
CA GLY H 43 -26.09 9.72 -24.28
C GLY H 43 -26.45 11.09 -23.73
N THR H 44 -26.47 11.26 -22.41
CA THR H 44 -26.82 12.53 -21.81
C THR H 44 -25.68 13.03 -20.93
N ALA H 45 -25.91 14.18 -20.28
CA ALA H 45 -25.01 14.84 -19.34
C ALA H 45 -25.27 14.36 -17.92
N PRO H 46 -24.25 14.41 -17.05
CA PRO H 46 -24.44 13.98 -15.67
C PRO H 46 -25.48 14.83 -14.95
N LYS H 47 -26.22 14.19 -14.05
CA LYS H 47 -27.27 14.83 -13.28
C LYS H 47 -27.01 14.63 -11.80
N LEU H 48 -27.05 15.72 -11.04
CA LEU H 48 -26.78 15.65 -9.61
C LEU H 48 -27.90 14.91 -8.88
N LEU H 49 -27.52 13.97 -8.02
CA LEU H 49 -28.48 13.22 -7.21
C LEU H 49 -28.32 13.48 -5.73
N ILE H 50 -27.10 13.41 -5.21
CA ILE H 50 -26.87 13.55 -3.77
C ILE H 50 -25.75 14.54 -3.54
N HIS H 51 -25.93 15.42 -2.55
CA HIS H 51 -24.88 16.33 -2.12
C HIS H 51 -24.82 16.34 -0.60
N GLU H 52 -23.62 16.64 -0.07
CA GLU H 52 -23.35 16.63 1.36
C GLU H 52 -23.59 15.25 1.98
N ASN H 53 -23.45 14.22 1.16
CA ASN H 53 -23.55 12.80 1.55
C ASN H 53 -24.96 12.42 1.96
N ASP H 54 -25.84 13.40 2.12
CA ASP H 54 -27.15 13.12 2.72
C ASP H 54 -28.32 13.77 2.02
N LYS H 55 -28.15 14.91 1.34
CA LYS H 55 -29.26 15.75 0.95
C LYS H 55 -29.68 15.48 -0.49
N ARG H 56 -30.99 15.58 -0.74
CA ARG H 56 -31.57 15.36 -2.05
C ARG H 56 -32.09 16.66 -2.60
N PRO H 57 -31.65 17.11 -3.78
CA PRO H 57 -32.25 18.30 -4.38
C PRO H 57 -33.72 18.09 -4.65
N SER H 58 -34.50 19.16 -4.50
CA SER H 58 -35.93 19.08 -4.77
C SER H 58 -36.16 18.73 -6.23
N GLY H 59 -36.93 17.66 -6.46
CA GLY H 59 -37.16 17.12 -7.78
C GLY H 59 -36.61 15.71 -7.95
N VAL H 60 -35.51 15.39 -7.27
CA VAL H 60 -34.99 14.04 -7.29
C VAL H 60 -35.92 13.13 -6.48
N SER H 61 -36.07 11.90 -6.94
CA SER H 61 -36.93 10.94 -6.24
C SER H 61 -36.34 10.58 -4.88
N ASP H 62 -37.23 10.24 -3.94
CA ASP H 62 -36.84 9.96 -2.57
C ASP H 62 -36.45 8.49 -2.36
N ARG H 63 -36.37 7.70 -3.43
CA ARG H 63 -35.87 6.35 -3.33
C ARG H 63 -34.35 6.29 -3.33
N PHE H 64 -33.68 7.42 -3.45
CA PHE H 64 -32.22 7.49 -3.43
C PHE H 64 -31.77 8.04 -2.08
N SER H 65 -30.85 7.34 -1.44
CA SER H 65 -30.32 7.74 -0.14
C SER H 65 -28.80 7.65 -0.17
N GLY H 66 -28.16 8.44 0.68
CA GLY H 66 -26.71 8.44 0.78
C GLY H 66 -26.25 8.40 2.21
N SER H 67 -25.09 7.78 2.41
CA SER H 67 -24.50 7.68 3.74
C SER H 67 -22.99 7.63 3.62
N ARG H 68 -22.33 8.00 4.73
CA ARG H 68 -20.87 7.95 4.82
C ARG H 68 -20.47 7.23 6.09
N SER H 69 -19.48 6.34 5.98
CA SER H 69 -18.89 5.67 7.13
C SER H 69 -17.38 5.64 6.92
N GLY H 70 -16.65 6.26 7.85
CA GLY H 70 -15.21 6.31 7.77
C GLY H 70 -14.70 6.93 6.50
N ALA H 71 -14.04 6.13 5.66
CA ALA H 71 -13.49 6.58 4.39
C ALA H 71 -14.29 6.06 3.20
N SER H 72 -15.52 5.62 3.42
CA SER H 72 -16.36 5.08 2.37
C SER H 72 -17.74 5.74 2.39
N ALA H 73 -18.41 5.68 1.25
CA ALA H 73 -19.76 6.21 1.11
C ALA H 73 -20.62 5.20 0.37
N SER H 74 -21.92 5.28 0.58
CA SER H 74 -22.87 4.35 -0.02
C SER H 74 -24.09 5.10 -0.53
N LEU H 75 -24.53 4.73 -1.73
CA LEU H 75 -25.76 5.22 -2.32
C LEU H 75 -26.73 4.05 -2.47
N THR H 76 -27.92 4.20 -1.91
CA THR H 76 -28.92 3.13 -1.88
C THR H 76 -30.14 3.55 -2.70
N ILE H 77 -30.53 2.69 -3.63
CA ILE H 77 -31.73 2.88 -4.44
C ILE H 77 -32.75 1.83 -4.03
N THR H 78 -33.89 2.27 -3.52
CA THR H 78 -34.96 1.36 -3.10
C THR H 78 -36.03 1.32 -4.18
N GLY H 79 -36.61 0.14 -4.37
CA GLY H 79 -37.60 -0.04 -5.41
C GLY H 79 -37.01 0.15 -6.78
N LEU H 80 -36.12 -0.77 -7.19
CA LEU H 80 -35.41 -0.64 -8.45
C LEU H 80 -36.39 -0.58 -9.62
N GLN H 81 -36.12 0.34 -10.54
CA GLN H 81 -36.97 0.57 -11.70
C GLN H 81 -36.15 0.36 -12.97
N SER H 82 -36.84 0.00 -14.05
CA SER H 82 -36.17 -0.15 -15.34
C SER H 82 -35.62 1.19 -15.84
N GLY H 83 -36.17 2.30 -15.36
CA GLY H 83 -35.66 3.62 -15.69
C GLY H 83 -34.45 4.05 -14.90
N ASP H 84 -34.02 3.26 -13.92
CA ASP H 84 -32.84 3.56 -13.13
C ASP H 84 -31.57 2.97 -13.74
N GLU H 85 -31.67 2.31 -14.89
CA GLU H 85 -30.51 1.71 -15.55
C GLU H 85 -29.66 2.80 -16.18
N ALA H 86 -28.60 3.19 -15.49
CA ALA H 86 -27.73 4.26 -15.95
C ALA H 86 -26.35 4.06 -15.34
N ASP H 87 -25.49 5.07 -15.47
CA ASP H 87 -24.18 5.07 -14.83
C ASP H 87 -24.17 6.06 -13.69
N TYR H 88 -23.43 5.74 -12.63
CA TYR H 88 -23.41 6.56 -11.43
C TYR H 88 -21.98 6.83 -11.00
N TYR H 89 -21.70 8.08 -10.65
CA TYR H 89 -20.37 8.50 -10.24
C TYR H 89 -20.43 9.20 -8.89
N CYS H 90 -19.37 9.02 -8.10
CA CYS H 90 -19.22 9.73 -6.84
C CYS H 90 -17.95 10.56 -6.89
N SER H 91 -18.02 11.78 -6.36
CA SER H 91 -16.94 12.74 -6.46
C SER H 91 -16.67 13.37 -5.10
N VAL H 92 -15.38 13.54 -4.81
CA VAL H 92 -14.93 14.14 -3.55
C VAL H 92 -13.74 15.05 -3.82
N TRP H 93 -13.53 16.04 -2.96
CA TRP H 93 -12.36 16.90 -3.01
C TRP H 93 -11.24 16.30 -2.17
N ASP H 94 -10.00 16.48 -2.62
CA ASP H 94 -8.81 16.00 -1.94
C ASP H 94 -7.83 17.14 -1.74
N ARG H 95 -7.14 17.12 -0.59
CA ARG H 95 -6.28 18.23 -0.19
C ARG H 95 -5.14 18.45 -1.19
N SER H 96 -4.70 17.40 -1.88
CA SER H 96 -3.61 17.54 -2.82
C SER H 96 -3.99 17.24 -4.26
N LEU H 97 -5.06 16.48 -4.49
CA LEU H 97 -5.45 16.08 -5.84
C LEU H 97 -6.75 16.71 -6.31
N ASN H 98 -7.34 17.60 -5.53
CA ASN H 98 -8.50 18.40 -5.97
C ASN H 98 -9.69 17.46 -6.22
N THR H 99 -10.51 17.71 -7.23
CA THR H 99 -11.73 16.95 -7.43
C THR H 99 -11.43 15.60 -8.06
N LEU H 100 -11.95 14.53 -7.45
CA LEU H 100 -11.82 13.18 -7.97
C LEU H 100 -13.21 12.59 -8.18
N PHE H 101 -13.33 11.80 -9.25
CA PHE H 101 -14.54 11.06 -9.57
C PHE H 101 -14.29 9.57 -9.45
N GLY H 102 -15.37 8.81 -9.32
CA GLY H 102 -15.27 7.37 -9.27
C GLY H 102 -15.17 6.73 -10.64
N GLY H 103 -14.89 5.42 -10.63
CA GLY H 103 -14.77 4.70 -11.88
C GLY H 103 -16.09 4.49 -12.60
N GLY H 104 -17.21 4.66 -11.90
CA GLY H 104 -18.51 4.50 -12.51
C GLY H 104 -19.09 3.12 -12.30
N THR H 105 -20.35 3.06 -11.86
CA THR H 105 -21.07 1.81 -11.66
C THR H 105 -22.24 1.76 -12.63
N ARG H 106 -22.37 0.66 -13.35
CA ARG H 106 -23.43 0.47 -14.33
C ARG H 106 -24.55 -0.36 -13.69
N VAL H 107 -25.73 0.24 -13.59
CA VAL H 107 -26.87 -0.40 -12.95
C VAL H 107 -27.68 -1.13 -14.00
N THR H 108 -28.01 -2.40 -13.72
CA THR H 108 -28.75 -3.25 -14.65
C THR H 108 -29.88 -3.93 -13.90
N VAL H 109 -31.06 -3.94 -14.49
CA VAL H 109 -32.20 -4.68 -13.94
C VAL H 109 -32.22 -6.05 -14.61
N LEU H 110 -32.17 -7.10 -13.79
CA LEU H 110 -31.90 -8.44 -14.31
C LEU H 110 -33.09 -8.99 -15.09
N GLY H 111 -32.84 -9.40 -16.33
CA GLY H 111 -33.81 -10.14 -17.11
C GLY H 111 -33.39 -11.59 -17.27
N GLN H 112 -32.19 -11.90 -16.78
CA GLN H 112 -31.64 -13.24 -16.80
C GLN H 112 -30.55 -13.31 -15.74
N PRO H 113 -30.27 -14.51 -15.20
CA PRO H 113 -29.26 -14.63 -14.14
C PRO H 113 -27.87 -14.26 -14.63
N LYS H 114 -26.96 -14.09 -13.67
CA LYS H 114 -25.61 -13.66 -13.98
C LYS H 114 -24.90 -14.69 -14.84
N ALA H 115 -24.11 -14.20 -15.81
CA ALA H 115 -23.36 -15.05 -16.73
C ALA H 115 -21.88 -14.75 -16.58
N ALA H 116 -21.08 -15.81 -16.41
CA ALA H 116 -19.64 -15.66 -16.29
C ALA H 116 -19.01 -15.41 -17.65
N PRO H 117 -17.95 -14.61 -17.70
CA PRO H 117 -17.30 -14.32 -18.99
C PRO H 117 -16.41 -15.46 -19.45
N SER H 118 -16.44 -15.72 -20.75
CA SER H 118 -15.55 -16.67 -21.41
C SER H 118 -14.44 -15.90 -22.11
N VAL H 119 -13.21 -16.33 -21.91
CA VAL H 119 -12.02 -15.57 -22.29
C VAL H 119 -11.16 -16.41 -23.22
N THR H 120 -10.64 -15.77 -24.27
CA THR H 120 -9.68 -16.37 -25.17
C THR H 120 -8.52 -15.41 -25.40
N LEU H 121 -7.30 -15.93 -25.49
CA LEU H 121 -6.11 -15.10 -25.65
C LEU H 121 -5.28 -15.61 -26.81
N PHE H 122 -4.76 -14.68 -27.61
CA PHE H 122 -3.99 -15.01 -28.80
C PHE H 122 -2.66 -14.26 -28.79
N PRO H 123 -1.55 -14.97 -29.02
CA PRO H 123 -0.23 -14.35 -29.02
C PRO H 123 0.11 -13.81 -30.40
N PRO H 124 1.24 -13.11 -30.55
CA PRO H 124 1.60 -12.56 -31.87
C PRO H 124 2.09 -13.64 -32.82
N SER H 125 1.58 -13.62 -34.04
CA SER H 125 1.98 -14.58 -35.06
C SER H 125 3.31 -14.19 -35.68
N SER H 126 3.92 -15.15 -36.38
CA SER H 126 5.22 -14.91 -37.02
C SER H 126 5.10 -13.86 -38.12
N GLU H 127 3.96 -13.81 -38.82
CA GLU H 127 3.77 -12.79 -39.82
C GLU H 127 3.78 -11.40 -39.20
N GLU H 128 3.12 -11.24 -38.05
CA GLU H 128 3.15 -9.95 -37.36
C GLU H 128 4.53 -9.68 -36.78
N LEU H 129 5.22 -10.71 -36.29
CA LEU H 129 6.56 -10.51 -35.74
C LEU H 129 7.53 -10.03 -36.80
N GLN H 130 7.43 -10.57 -38.01
CA GLN H 130 8.30 -10.12 -39.10
C GLN H 130 8.06 -8.66 -39.44
N ALA H 131 6.86 -8.16 -39.18
CA ALA H 131 6.54 -6.75 -39.39
C ALA H 131 6.94 -5.88 -38.21
N ASN H 132 7.77 -6.40 -37.30
CA ASN H 132 8.25 -5.65 -36.13
C ASN H 132 7.10 -5.14 -35.28
N LYS H 133 6.05 -5.94 -35.15
CA LYS H 133 4.89 -5.61 -34.35
C LYS H 133 4.49 -6.82 -33.51
N ALA H 134 3.88 -6.55 -32.36
CA ALA H 134 3.37 -7.61 -31.50
C ALA H 134 2.06 -7.17 -30.87
N THR H 135 1.02 -8.00 -31.02
CA THR H 135 -0.27 -7.72 -30.42
C THR H 135 -0.80 -8.97 -29.75
N LEU H 136 -1.30 -8.82 -28.54
CA LEU H 136 -2.01 -9.87 -27.82
C LEU H 136 -3.50 -9.56 -27.86
N VAL H 137 -4.31 -10.56 -28.20
CA VAL H 137 -5.75 -10.35 -28.38
C VAL H 137 -6.51 -11.13 -27.31
N CYS H 138 -7.25 -10.40 -26.46
CA CYS H 138 -8.06 -11.00 -25.40
C CYS H 138 -9.53 -10.75 -25.73
N LEU H 139 -10.26 -11.83 -25.99
CA LEU H 139 -11.67 -11.76 -26.36
C LEU H 139 -12.52 -12.27 -25.20
N ILE H 140 -13.49 -11.46 -24.78
CA ILE H 140 -14.39 -11.79 -23.68
C ILE H 140 -15.80 -11.87 -24.25
N SER H 141 -16.54 -12.91 -23.90
CA SER H 141 -17.88 -13.06 -24.46
C SER H 141 -18.76 -13.84 -23.51
N ASP H 142 -20.08 -13.70 -23.73
CA ASP H 142 -21.11 -14.49 -23.03
C ASP H 142 -21.13 -14.20 -21.54
N PHE H 143 -21.17 -12.92 -21.19
CA PHE H 143 -21.27 -12.49 -19.80
C PHE H 143 -22.42 -11.51 -19.64
N TYR H 144 -22.99 -11.46 -18.45
CA TYR H 144 -24.13 -10.62 -18.13
C TYR H 144 -24.17 -10.35 -16.63
N PRO H 145 -24.40 -9.10 -16.21
CA PRO H 145 -24.58 -7.90 -17.03
C PRO H 145 -23.31 -7.43 -17.74
N GLY H 146 -23.47 -6.55 -18.73
CA GLY H 146 -22.36 -6.11 -19.55
C GLY H 146 -21.46 -5.10 -18.89
N ALA H 147 -20.68 -5.56 -17.91
CA ALA H 147 -19.69 -4.69 -17.26
C ALA H 147 -18.63 -5.58 -16.64
N VAL H 148 -17.41 -5.55 -17.21
CA VAL H 148 -16.28 -6.32 -16.71
C VAL H 148 -15.05 -5.44 -16.71
N THR H 149 -14.06 -5.82 -15.90
CA THR H 149 -12.81 -5.07 -15.84
C THR H 149 -11.65 -5.95 -16.30
N VAL H 150 -10.74 -5.36 -17.07
CA VAL H 150 -9.62 -6.08 -17.68
C VAL H 150 -8.32 -5.61 -17.03
N ALA H 151 -7.48 -6.57 -16.65
CA ALA H 151 -6.17 -6.29 -16.07
C ALA H 151 -5.13 -7.18 -16.75
N TRP H 152 -4.07 -6.55 -17.24
CA TRP H 152 -2.99 -7.27 -17.92
C TRP H 152 -1.79 -7.41 -17.00
N LYS H 153 -1.12 -8.56 -17.09
CA LYS H 153 0.03 -8.86 -16.25
C LYS H 153 1.19 -9.28 -17.13
N ALA H 154 2.31 -8.56 -17.03
CA ALA H 154 3.57 -9.01 -17.60
C ALA H 154 4.29 -9.84 -16.54
N ASP H 155 4.49 -11.12 -16.82
CA ASP H 155 4.92 -12.09 -15.82
C ASP H 155 3.99 -12.04 -14.63
N SER H 156 4.37 -11.32 -13.58
CA SER H 156 3.56 -11.19 -12.37
C SER H 156 3.19 -9.75 -12.03
N SER H 157 3.59 -8.78 -12.85
CA SER H 157 3.32 -7.38 -12.54
C SER H 157 2.31 -6.79 -13.51
N PRO H 158 1.43 -5.91 -13.06
CA PRO H 158 0.44 -5.31 -13.96
C PRO H 158 1.09 -4.34 -14.95
N VAL H 159 0.41 -4.16 -16.08
CA VAL H 159 0.86 -3.29 -17.14
C VAL H 159 -0.19 -2.20 -17.35
N LYS H 160 0.25 -0.95 -17.38
CA LYS H 160 -0.64 0.19 -17.55
C LYS H 160 -0.77 0.65 -18.99
N ALA H 161 0.32 0.69 -19.76
CA ALA H 161 0.32 1.22 -21.11
C ALA H 161 0.24 0.11 -22.15
N GLY H 162 -0.18 0.49 -23.36
CA GLY H 162 -0.25 -0.43 -24.47
C GLY H 162 -1.53 -1.24 -24.55
N VAL H 163 -2.54 -0.92 -23.74
CA VAL H 163 -3.77 -1.70 -23.68
C VAL H 163 -4.93 -0.83 -24.14
N GLU H 164 -5.71 -1.34 -25.10
CA GLU H 164 -6.94 -0.69 -25.53
C GLU H 164 -8.08 -1.71 -25.51
N THR H 165 -9.15 -1.38 -24.79
CA THR H 165 -10.26 -2.31 -24.57
C THR H 165 -11.57 -1.70 -25.04
N THR H 166 -12.36 -2.51 -25.74
CA THR H 166 -13.64 -2.04 -26.27
C THR H 166 -14.73 -2.12 -25.20
N THR H 167 -15.73 -1.25 -25.34
CA THR H 167 -16.89 -1.30 -24.47
C THR H 167 -17.75 -2.53 -24.77
N PRO H 168 -18.44 -3.06 -23.77
CA PRO H 168 -19.28 -4.24 -24.03
C PRO H 168 -20.44 -3.93 -24.97
N SER H 169 -20.78 -4.91 -25.81
CA SER H 169 -21.86 -4.79 -26.77
C SER H 169 -22.73 -6.03 -26.71
N LYS H 170 -24.02 -5.84 -26.99
CA LYS H 170 -24.96 -6.95 -26.94
C LYS H 170 -24.71 -7.94 -28.07
N GLN H 171 -24.84 -9.22 -27.75
CA GLN H 171 -24.76 -10.29 -28.73
C GLN H 171 -26.16 -10.61 -29.27
N SER H 172 -26.26 -11.67 -30.05
CA SER H 172 -27.58 -12.12 -30.51
C SER H 172 -28.35 -12.82 -29.41
N ASN H 173 -27.68 -13.53 -28.52
CA ASN H 173 -28.31 -14.28 -27.44
C ASN H 173 -28.52 -13.45 -26.18
N ASN H 174 -28.51 -12.12 -26.31
CA ASN H 174 -28.80 -11.14 -25.26
C ASN H 174 -27.71 -11.03 -24.19
N LYS H 175 -26.58 -11.72 -24.35
CA LYS H 175 -25.43 -11.54 -23.46
C LYS H 175 -24.41 -10.62 -24.12
N TYR H 176 -23.37 -10.28 -23.36
CA TYR H 176 -22.46 -9.23 -23.77
C TYR H 176 -21.07 -9.78 -24.10
N ALA H 177 -20.35 -9.00 -24.90
CA ALA H 177 -19.00 -9.36 -25.33
C ALA H 177 -18.19 -8.10 -25.58
N ALA H 178 -16.87 -8.26 -25.51
CA ALA H 178 -15.92 -7.16 -25.72
C ALA H 178 -14.57 -7.75 -26.07
N SER H 179 -13.64 -6.86 -26.40
CA SER H 179 -12.30 -7.27 -26.80
C SER H 179 -11.28 -6.29 -26.22
N SER H 180 -10.05 -6.77 -26.09
CA SER H 180 -8.93 -5.97 -25.60
C SER H 180 -7.68 -6.34 -26.37
N TYR H 181 -6.83 -5.36 -26.62
CA TYR H 181 -5.62 -5.53 -27.40
C TYR H 181 -4.44 -4.96 -26.63
N LEU H 182 -3.40 -5.76 -26.47
CA LEU H 182 -2.16 -5.34 -25.82
C LEU H 182 -1.09 -5.18 -26.88
N SER H 183 -0.51 -3.99 -26.97
CA SER H 183 0.53 -3.69 -27.95
C SER H 183 1.91 -3.84 -27.31
N LEU H 184 2.84 -4.42 -28.06
CA LEU H 184 4.20 -4.61 -27.55
C LEU H 184 5.11 -4.91 -28.73
N THR H 185 6.37 -4.52 -28.58
CA THR H 185 7.39 -4.81 -29.57
C THR H 185 7.79 -6.29 -29.49
N PRO H 186 8.30 -6.84 -30.60
CA PRO H 186 8.72 -8.26 -30.55
C PRO H 186 9.78 -8.53 -29.51
N GLU H 187 10.64 -7.56 -29.22
CA GLU H 187 11.70 -7.78 -28.23
C GLU H 187 11.12 -8.02 -26.84
N GLN H 188 10.12 -7.24 -26.45
CA GLN H 188 9.48 -7.45 -25.15
C GLN H 188 8.81 -8.81 -25.09
N TRP H 189 8.16 -9.22 -26.19
CA TRP H 189 7.53 -10.55 -26.24
C TRP H 189 8.57 -11.65 -26.05
N LYS H 190 9.69 -11.55 -26.77
CA LYS H 190 10.73 -12.58 -26.66
C LYS H 190 11.39 -12.57 -25.28
N SER H 191 11.41 -11.43 -24.60
CA SER H 191 12.11 -11.27 -23.33
C SER H 191 11.16 -11.20 -22.15
N HIS H 192 10.05 -11.95 -22.22
CA HIS H 192 9.12 -12.06 -21.11
C HIS H 192 8.58 -13.48 -21.04
N ARG H 193 8.57 -14.04 -19.83
CA ARG H 193 8.18 -15.44 -19.68
C ARG H 193 6.71 -15.66 -19.97
N SER H 194 5.85 -14.72 -19.57
CA SER H 194 4.41 -14.92 -19.67
C SER H 194 3.69 -13.59 -19.82
N TYR H 195 2.45 -13.66 -20.30
CA TYR H 195 1.54 -12.53 -20.36
C TYR H 195 0.15 -13.02 -20.03
N SER H 196 -0.51 -12.35 -19.10
CA SER H 196 -1.79 -12.79 -18.56
C SER H 196 -2.87 -11.74 -18.75
N CYS H 197 -4.06 -12.18 -19.12
CA CYS H 197 -5.24 -11.34 -19.24
C CYS H 197 -6.25 -11.79 -18.20
N GLN H 198 -6.71 -10.85 -17.36
CA GLN H 198 -7.62 -11.14 -16.27
C GLN H 198 -8.90 -10.33 -16.45
N VAL H 199 -10.05 -10.99 -16.32
CA VAL H 199 -11.35 -10.34 -16.45
C VAL H 199 -12.12 -10.55 -15.15
N THR H 200 -12.60 -9.45 -14.58
CA THR H 200 -13.32 -9.46 -13.31
C THR H 200 -14.77 -9.07 -13.54
N HIS H 201 -15.68 -9.89 -12.99
CA HIS H 201 -17.12 -9.69 -13.08
C HIS H 201 -17.72 -10.09 -11.74
N GLU H 202 -18.28 -9.10 -11.03
CA GLU H 202 -18.95 -9.32 -9.75
C GLU H 202 -18.03 -10.02 -8.74
N GLY H 203 -16.80 -9.55 -8.66
CA GLY H 203 -15.85 -10.10 -7.70
C GLY H 203 -15.47 -11.54 -7.99
N SER H 204 -15.21 -11.85 -9.25
CA SER H 204 -14.78 -13.19 -9.65
C SER H 204 -13.94 -13.05 -10.91
N THR H 205 -12.69 -13.52 -10.83
CA THR H 205 -11.71 -13.30 -11.89
C THR H 205 -11.50 -14.56 -12.70
N VAL H 206 -11.51 -14.40 -14.03
CA VAL H 206 -11.15 -15.45 -14.97
C VAL H 206 -9.98 -14.96 -15.80
N GLU H 207 -8.91 -15.74 -15.87
CA GLU H 207 -7.69 -15.29 -16.51
C GLU H 207 -7.14 -16.35 -17.45
N LYS H 208 -6.41 -15.88 -18.46
CA LYS H 208 -5.74 -16.74 -19.43
C LYS H 208 -4.33 -16.20 -19.67
N THR H 209 -3.36 -17.10 -19.73
CA THR H 209 -1.96 -16.73 -19.84
C THR H 209 -1.31 -17.41 -21.03
N VAL H 210 -0.46 -16.68 -21.74
CA VAL H 210 0.29 -17.21 -22.88
C VAL H 210 1.77 -16.96 -22.66
N ALA H 211 2.59 -17.82 -23.26
CA ALA H 211 4.03 -17.75 -23.13
C ALA H 211 4.69 -17.88 -24.50
N PRO H 212 5.85 -17.24 -24.69
CA PRO H 212 6.57 -17.29 -25.98
C PRO H 212 7.36 -18.58 -26.18
N THR H 213 6.73 -19.71 -25.92
CA THR H 213 7.37 -21.01 -26.14
C THR H 213 7.04 -21.47 -27.57
N GLU H 214 7.35 -22.74 -27.87
CA GLU H 214 7.18 -23.27 -29.22
C GLU H 214 5.75 -23.79 -29.40
N CYS H 215 5.52 -24.43 -30.55
CA CYS H 215 4.21 -24.96 -30.97
C CYS H 215 3.01 -24.13 -30.51
N GLU I 1 -35.51 29.34 -17.24
CA GLU I 1 -34.69 28.22 -17.67
C GLU I 1 -33.20 28.55 -17.52
N VAL I 2 -32.59 28.02 -16.47
CA VAL I 2 -31.17 28.23 -16.22
C VAL I 2 -30.37 27.31 -17.13
N GLN I 3 -29.49 27.88 -17.95
CA GLN I 3 -28.79 27.12 -18.98
C GLN I 3 -27.31 27.44 -18.98
N LEU I 4 -26.52 26.41 -19.32
CA LEU I 4 -25.11 26.55 -19.68
C LEU I 4 -24.92 25.83 -21.01
N VAL I 5 -24.32 26.52 -21.98
CA VAL I 5 -24.15 25.96 -23.32
C VAL I 5 -22.70 26.14 -23.76
N GLU I 6 -22.07 25.06 -24.21
CA GLU I 6 -20.71 25.11 -24.73
C GLU I 6 -20.72 25.06 -26.25
N SER I 7 -19.66 25.62 -26.84
CA SER I 7 -19.52 25.66 -28.30
C SER I 7 -18.06 25.83 -28.66
N GLY I 8 -17.75 25.55 -29.93
CA GLY I 8 -16.41 25.71 -30.47
C GLY I 8 -15.61 24.44 -30.67
N GLY I 9 -16.22 23.26 -30.56
CA GLY I 9 -15.51 22.01 -30.70
C GLY I 9 -15.45 21.53 -32.13
N GLY I 10 -15.00 20.28 -32.28
CA GLY I 10 -14.86 19.69 -33.59
C GLY I 10 -13.57 18.90 -33.77
N LEU I 11 -13.05 18.88 -35.00
CA LEU I 11 -11.87 18.10 -35.34
C LEU I 11 -10.64 19.00 -35.39
N VAL I 12 -9.61 18.62 -34.66
CA VAL I 12 -8.35 19.35 -34.61
C VAL I 12 -7.21 18.39 -34.89
N GLN I 13 -6.18 18.89 -35.59
CA GLN I 13 -5.01 18.08 -35.87
C GLN I 13 -4.17 17.91 -34.60
N PRO I 14 -3.43 16.81 -34.49
CA PRO I 14 -2.51 16.65 -33.35
C PRO I 14 -1.48 17.76 -33.31
N GLY I 15 -1.49 18.53 -32.21
CA GLY I 15 -0.62 19.67 -32.06
C GLY I 15 -1.29 21.01 -32.31
N GLY I 16 -2.54 21.01 -32.76
CA GLY I 16 -3.25 22.24 -33.03
C GLY I 16 -3.77 22.90 -31.77
N SER I 17 -4.58 23.93 -31.98
CA SER I 17 -5.15 24.71 -30.89
C SER I 17 -6.64 24.90 -31.13
N LEU I 18 -7.38 25.08 -30.04
CA LEU I 18 -8.82 25.28 -30.15
C LEU I 18 -9.33 25.98 -28.89
N ARG I 19 -10.26 26.91 -29.06
CA ARG I 19 -10.85 27.63 -27.95
C ARG I 19 -12.32 27.24 -27.83
N LEU I 20 -12.68 26.68 -26.67
CA LEU I 20 -14.05 26.33 -26.35
C LEU I 20 -14.65 27.42 -25.46
N SER I 21 -15.91 27.76 -25.72
CA SER I 21 -16.60 28.78 -24.94
C SER I 21 -17.81 28.17 -24.26
N CYS I 22 -18.10 28.65 -23.06
CA CYS I 22 -19.27 28.23 -22.30
C CYS I 22 -20.02 29.49 -21.86
N SER I 23 -21.26 29.62 -22.32
CA SER I 23 -22.08 30.79 -22.02
C SER I 23 -23.24 30.39 -21.12
N ALA I 24 -23.56 31.28 -20.18
CA ALA I 24 -24.60 31.06 -19.19
C ALA I 24 -25.85 31.86 -19.52
N SER I 25 -26.96 31.47 -18.92
CA SER I 25 -28.21 32.18 -19.13
C SER I 25 -29.14 31.91 -17.95
N GLY I 26 -29.42 32.93 -17.15
CA GLY I 26 -30.45 32.87 -16.14
C GLY I 26 -30.02 32.91 -14.69
N PHE I 27 -28.79 33.34 -14.40
CA PHE I 27 -28.34 33.41 -13.01
C PHE I 27 -27.17 34.39 -12.90
N ARG I 28 -26.82 34.70 -11.65
CA ARG I 28 -25.71 35.60 -11.36
C ARG I 28 -24.38 34.92 -11.68
N PHE I 29 -23.86 35.15 -12.88
CA PHE I 29 -22.70 34.40 -13.35
C PHE I 29 -21.43 34.80 -12.60
N SER I 30 -21.36 36.03 -12.10
CA SER I 30 -20.15 36.52 -11.43
C SER I 30 -19.99 35.98 -10.02
N ASP I 31 -20.88 35.11 -9.56
CA ASP I 31 -20.86 34.63 -8.18
C ASP I 31 -20.57 33.14 -8.06
N TYR I 32 -20.36 32.42 -9.17
CA TYR I 32 -20.16 30.98 -9.15
C TYR I 32 -18.79 30.63 -9.70
N TRP I 33 -18.15 29.64 -9.09
CA TRP I 33 -16.97 29.03 -9.68
C TRP I 33 -17.38 28.14 -10.84
N ILE I 34 -16.53 28.07 -11.85
CA ILE I 34 -16.84 27.35 -13.09
C ILE I 34 -15.83 26.22 -13.28
N ASN I 35 -16.34 25.02 -13.55
CA ASN I 35 -15.52 23.83 -13.70
C ASN I 35 -15.68 23.24 -15.10
N TRP I 36 -14.56 22.87 -15.70
CA TRP I 36 -14.53 22.09 -16.93
C TRP I 36 -14.20 20.64 -16.57
N VAL I 37 -15.03 19.72 -17.03
CA VAL I 37 -14.85 18.29 -16.79
C VAL I 37 -15.04 17.55 -18.11
N ARG I 38 -14.08 16.69 -18.46
CA ARG I 38 -14.16 15.98 -19.73
C ARG I 38 -14.42 14.50 -19.50
N GLN I 39 -14.80 13.83 -20.58
CA GLN I 39 -15.08 12.40 -20.57
C GLN I 39 -14.67 11.80 -21.91
N ALA I 40 -13.74 10.85 -21.86
CA ALA I 40 -13.32 10.16 -23.07
C ALA I 40 -14.43 9.24 -23.57
N PRO I 41 -14.48 8.98 -24.87
CA PRO I 41 -15.54 8.10 -25.41
C PRO I 41 -15.51 6.73 -24.74
N GLY I 42 -16.60 6.42 -24.03
CA GLY I 42 -16.71 5.15 -23.35
C GLY I 42 -15.91 5.02 -22.07
N LYS I 43 -15.52 6.13 -21.46
CA LYS I 43 -14.73 6.13 -20.23
C LYS I 43 -15.44 6.98 -19.19
N GLY I 44 -14.81 7.10 -18.02
CA GLY I 44 -15.38 7.84 -16.91
C GLY I 44 -15.19 9.34 -17.04
N LEU I 45 -15.50 10.04 -15.96
CA LEU I 45 -15.41 11.49 -15.90
C LEU I 45 -14.09 11.90 -15.27
N GLU I 46 -13.43 12.88 -15.89
CA GLU I 46 -12.17 13.42 -15.37
C GLU I 46 -12.31 14.93 -15.24
N TRP I 47 -12.07 15.44 -14.04
CA TRP I 47 -12.08 16.88 -13.81
C TRP I 47 -10.89 17.51 -14.53
N VAL I 48 -11.19 18.51 -15.37
CA VAL I 48 -10.13 19.20 -16.12
C VAL I 48 -9.61 20.41 -15.36
N GLY I 49 -10.51 21.29 -14.93
CA GLY I 49 -10.05 22.47 -14.22
C GLY I 49 -11.19 23.26 -13.64
N PHE I 50 -10.83 24.31 -12.88
CA PHE I 50 -11.83 25.20 -12.31
C PHE I 50 -11.27 26.61 -12.26
N ILE I 51 -12.18 27.58 -12.20
CA ILE I 51 -11.85 29.00 -12.08
C ILE I 51 -12.78 29.63 -11.06
N LYS I 52 -12.23 30.54 -10.25
CA LYS I 52 -12.94 31.18 -9.16
C LYS I 52 -13.60 32.48 -9.66
N THR I 53 -14.09 33.29 -8.73
CA THR I 53 -14.80 34.51 -9.02
C THR I 53 -13.83 35.71 -8.98
N LYS I 54 -14.39 36.89 -9.23
CA LYS I 54 -13.58 38.10 -9.27
C LYS I 54 -13.01 38.44 -7.90
N ALA I 55 -13.86 38.43 -6.86
CA ALA I 55 -13.47 38.82 -5.52
C ALA I 55 -12.80 37.70 -4.74
N ASP I 56 -12.31 36.68 -5.43
CA ASP I 56 -11.67 35.54 -4.80
C ASP I 56 -10.19 35.54 -5.17
N PHE I 57 -9.32 35.49 -4.16
CA PHE I 57 -7.88 35.54 -4.38
C PHE I 57 -7.38 34.16 -4.83
N GLY I 58 -6.73 34.12 -5.98
CA GLY I 58 -6.21 32.88 -6.50
C GLY I 58 -6.21 32.90 -8.02
N THR I 59 -5.77 31.79 -8.58
CA THR I 59 -5.67 31.59 -10.02
C THR I 59 -6.30 30.25 -10.37
N PRO I 60 -6.76 30.08 -11.62
CA PRO I 60 -7.38 28.81 -12.00
C PRO I 60 -6.43 27.63 -11.80
N ALA I 61 -7.00 26.50 -11.38
CA ALA I 61 -6.25 25.27 -11.15
C ALA I 61 -6.61 24.25 -12.23
N TYR I 62 -5.62 23.48 -12.65
CA TYR I 62 -5.75 22.58 -13.78
C TYR I 62 -5.36 21.17 -13.37
N ALA I 63 -5.67 20.20 -14.23
CA ALA I 63 -5.24 18.83 -14.03
C ALA I 63 -3.77 18.69 -14.40
N GLU I 64 -3.10 17.75 -13.72
CA GLU I 64 -1.67 17.57 -13.94
C GLU I 64 -1.38 17.08 -15.36
N SER I 65 -2.32 16.40 -15.99
CA SER I 65 -2.12 15.94 -17.36
C SER I 65 -2.23 17.08 -18.37
N VAL I 66 -2.88 18.18 -18.00
CA VAL I 66 -3.07 19.31 -18.90
C VAL I 66 -2.45 20.59 -18.36
N LYS I 67 -1.70 20.50 -17.26
CA LYS I 67 -1.07 21.69 -16.68
C LYS I 67 0.06 22.16 -17.59
N GLY I 68 -0.11 23.34 -18.18
CA GLY I 68 0.83 23.87 -19.14
C GLY I 68 0.39 23.79 -20.58
N ARG I 69 -0.80 23.25 -20.84
CA ARG I 69 -1.33 23.19 -22.20
C ARG I 69 -2.72 23.80 -22.27
N PHE I 70 -3.49 23.67 -21.19
CA PHE I 70 -4.86 24.13 -21.12
C PHE I 70 -4.95 25.37 -20.23
N SER I 71 -5.68 26.37 -20.70
CA SER I 71 -5.85 27.61 -19.96
C SER I 71 -7.34 27.92 -19.81
N ILE I 72 -7.72 28.43 -18.65
CA ILE I 72 -9.12 28.79 -18.37
C ILE I 72 -9.17 30.27 -18.00
N SER I 73 -10.06 31.01 -18.67
CA SER I 73 -10.29 32.40 -18.35
C SER I 73 -11.80 32.66 -18.37
N ARG I 74 -12.20 33.85 -17.93
CA ARG I 74 -13.62 34.19 -17.92
C ARG I 74 -13.80 35.66 -18.27
N ASP I 75 -14.93 35.96 -18.90
CA ASP I 75 -15.35 37.32 -19.20
C ASP I 75 -16.75 37.49 -18.61
N ASP I 76 -16.85 38.31 -17.56
CA ASP I 76 -18.13 38.56 -16.91
C ASP I 76 -19.00 39.50 -17.72
N SER I 77 -18.41 40.42 -18.47
CA SER I 77 -19.18 41.34 -19.30
C SER I 77 -19.97 40.60 -20.37
N LYS I 78 -19.49 39.42 -20.78
CA LYS I 78 -20.17 38.60 -21.77
C LYS I 78 -20.68 37.28 -21.19
N ASN I 79 -20.47 37.04 -19.90
CA ASN I 79 -20.96 35.83 -19.23
C ASN I 79 -20.44 34.56 -19.90
N THR I 80 -19.14 34.52 -20.16
CA THR I 80 -18.58 33.41 -20.91
C THR I 80 -17.24 32.97 -20.34
N VAL I 81 -17.10 31.66 -20.12
CA VAL I 81 -15.83 31.07 -19.68
C VAL I 81 -15.17 30.40 -20.89
N TYR I 82 -13.88 30.67 -21.07
CA TYR I 82 -13.13 30.18 -22.21
C TYR I 82 -12.08 29.17 -21.75
N LEU I 83 -12.02 28.04 -22.47
CA LEU I 83 -10.99 27.03 -22.28
C LEU I 83 -10.16 26.98 -23.55
N GLN I 84 -8.90 27.40 -23.46
CA GLN I 84 -7.97 27.39 -24.58
C GLN I 84 -7.11 26.13 -24.49
N MET I 85 -7.04 25.40 -25.60
CA MET I 85 -6.27 24.15 -25.68
C MET I 85 -5.18 24.32 -26.72
N ASN I 86 -3.93 24.15 -26.28
CA ASN I 86 -2.76 24.28 -27.14
C ASN I 86 -1.91 23.03 -27.03
N SER I 87 -1.12 22.78 -28.08
CA SER I 87 -0.29 21.58 -28.16
C SER I 87 -1.12 20.32 -27.96
N LEU I 88 -2.23 20.26 -28.69
CA LEU I 88 -3.21 19.19 -28.49
C LEU I 88 -2.62 17.83 -28.82
N LYS I 89 -3.07 16.82 -28.08
CA LYS I 89 -2.68 15.44 -28.28
C LYS I 89 -3.92 14.60 -28.57
N THR I 90 -3.70 13.43 -29.18
CA THR I 90 -4.80 12.52 -29.45
C THR I 90 -5.49 12.06 -28.17
N GLU I 91 -4.78 12.08 -27.04
CA GLU I 91 -5.37 11.68 -25.76
C GLU I 91 -6.43 12.64 -25.27
N ASP I 92 -6.55 13.83 -25.87
CA ASP I 92 -7.51 14.83 -25.46
C ASP I 92 -8.87 14.67 -26.13
N THR I 93 -9.03 13.69 -27.02
CA THR I 93 -10.30 13.47 -27.70
C THR I 93 -11.36 13.07 -26.69
N ALA I 94 -12.35 13.93 -26.47
CA ALA I 94 -13.33 13.69 -25.42
C ALA I 94 -14.49 14.66 -25.58
N VAL I 95 -15.55 14.42 -24.81
CA VAL I 95 -16.66 15.35 -24.67
C VAL I 95 -16.41 16.20 -23.43
N TYR I 96 -16.43 17.51 -23.60
CA TYR I 96 -16.15 18.44 -22.51
C TYR I 96 -17.45 19.05 -22.01
N TYR I 97 -17.54 19.21 -20.70
CA TYR I 97 -18.73 19.72 -20.02
C TYR I 97 -18.34 20.92 -19.17
N CYS I 98 -19.19 21.93 -19.19
CA CYS I 98 -19.04 23.14 -18.40
C CYS I 98 -20.11 23.15 -17.32
N THR I 99 -19.68 23.30 -16.05
CA THR I 99 -20.60 23.25 -14.93
C THR I 99 -20.26 24.35 -13.94
N ARG I 100 -21.22 24.64 -13.06
CA ARG I 100 -21.04 25.62 -12.00
C ARG I 100 -20.95 24.92 -10.65
N ASP I 101 -20.36 25.62 -9.69
CA ASP I 101 -20.16 25.08 -8.34
C ASP I 101 -21.12 25.75 -7.37
N ARG I 102 -22.00 24.96 -6.76
CA ARG I 102 -22.80 25.38 -5.63
C ARG I 102 -22.27 24.71 -4.36
N GLY I 103 -22.64 25.27 -3.23
CA GLY I 103 -22.05 24.85 -1.96
C GLY I 103 -20.86 25.71 -1.63
N ILE I 104 -19.98 25.92 -2.62
CA ILE I 104 -18.99 26.99 -2.51
C ILE I 104 -19.71 28.34 -2.44
N LEU I 105 -20.86 28.45 -3.09
CA LEU I 105 -21.66 29.66 -2.98
C LEU I 105 -22.29 29.79 -1.59
N GLU I 106 -22.68 28.65 -0.99
CA GLU I 106 -23.38 28.69 0.29
C GLU I 106 -22.43 28.55 1.48
N TRP I 107 -21.56 27.53 1.47
CA TRP I 107 -20.69 27.26 2.60
C TRP I 107 -19.35 28.00 2.51
N LEU I 108 -18.91 28.36 1.31
CA LEU I 108 -17.71 29.14 1.03
C LEU I 108 -16.42 28.40 1.32
N ILE I 109 -16.49 27.18 1.86
CA ILE I 109 -15.30 26.38 2.15
C ILE I 109 -15.10 25.38 1.04
N ILE I 110 -13.84 25.18 0.64
CA ILE I 110 -13.53 24.29 -0.47
C ILE I 110 -13.95 22.84 -0.20
N GLU I 111 -14.04 22.46 1.08
CA GLU I 111 -14.34 21.07 1.43
C GLU I 111 -15.79 20.70 1.15
N ALA I 112 -16.67 21.67 1.00
CA ALA I 112 -18.09 21.43 0.74
C ALA I 112 -18.43 22.01 -0.63
N GLY I 113 -18.85 21.13 -1.55
CA GLY I 113 -19.21 21.58 -2.88
C GLY I 113 -19.86 20.51 -3.73
N TRP I 114 -20.66 20.95 -4.70
CA TRP I 114 -21.32 20.04 -5.63
C TRP I 114 -21.66 20.80 -6.90
N PHE I 115 -21.85 20.06 -7.99
CA PHE I 115 -22.16 20.64 -9.29
C PHE I 115 -23.63 20.34 -9.60
N ASP I 116 -24.45 21.41 -9.64
CA ASP I 116 -25.88 21.23 -9.86
C ASP I 116 -26.28 21.42 -11.31
N VAL I 117 -25.68 22.39 -12.00
CA VAL I 117 -26.04 22.74 -13.37
C VAL I 117 -24.94 22.25 -14.29
N TRP I 118 -25.33 21.57 -15.38
CA TRP I 118 -24.40 21.01 -16.35
C TRP I 118 -24.83 21.39 -17.76
N GLY I 119 -23.84 21.55 -18.63
CA GLY I 119 -24.09 21.81 -20.03
C GLY I 119 -24.18 20.52 -20.82
N PRO I 120 -24.74 20.60 -22.04
CA PRO I 120 -24.88 19.39 -22.85
C PRO I 120 -23.57 18.72 -23.21
N GLY I 121 -22.50 19.49 -23.38
CA GLY I 121 -21.22 18.92 -23.72
C GLY I 121 -20.86 19.12 -25.19
N VAL I 122 -19.56 19.26 -25.45
CA VAL I 122 -19.05 19.53 -26.78
C VAL I 122 -17.93 18.55 -27.09
N LEU I 123 -17.99 17.94 -28.28
CA LEU I 123 -17.02 16.93 -28.68
C LEU I 123 -15.77 17.56 -29.30
N VAL I 124 -14.61 17.04 -28.90
CA VAL I 124 -13.33 17.44 -29.46
C VAL I 124 -12.60 16.18 -29.88
N THR I 125 -12.32 16.07 -31.18
CA THR I 125 -11.64 14.90 -31.74
C THR I 125 -10.30 15.34 -32.30
N VAL I 126 -9.23 14.73 -31.79
CA VAL I 126 -7.86 15.04 -32.22
C VAL I 126 -7.35 13.81 -32.97
N SER I 127 -7.32 13.89 -34.29
CA SER I 127 -6.88 12.77 -35.11
C SER I 127 -6.26 13.28 -36.40
N SER I 128 -5.36 12.47 -36.96
CA SER I 128 -4.75 12.73 -38.27
C SER I 128 -4.95 11.52 -39.18
N ALA I 129 -6.04 10.79 -39.00
CA ALA I 129 -6.28 9.56 -39.73
C ALA I 129 -6.96 9.84 -41.06
N SER I 130 -6.53 9.12 -42.10
CA SER I 130 -7.13 9.21 -43.42
C SER I 130 -7.54 7.82 -43.87
N THR I 131 -7.97 7.68 -45.13
CA THR I 131 -8.32 6.38 -45.66
C THR I 131 -7.08 5.49 -45.72
N LYS I 132 -7.20 4.28 -45.17
CA LYS I 132 -6.07 3.36 -45.12
C LYS I 132 -6.59 1.93 -45.14
N GLY I 133 -5.78 1.04 -45.72
CA GLY I 133 -6.16 -0.34 -45.89
C GLY I 133 -5.81 -1.20 -44.68
N PRO I 134 -6.48 -2.34 -44.55
CA PRO I 134 -6.25 -3.21 -43.41
C PRO I 134 -4.99 -4.05 -43.57
N SER I 135 -4.57 -4.64 -42.45
CA SER I 135 -3.52 -5.65 -42.41
C SER I 135 -4.09 -6.89 -41.74
N VAL I 136 -4.14 -8.00 -42.47
CA VAL I 136 -4.80 -9.22 -42.01
C VAL I 136 -3.74 -10.24 -41.61
N PHE I 137 -3.76 -10.63 -40.34
CA PHE I 137 -2.82 -11.60 -39.80
C PHE I 137 -3.57 -12.84 -39.31
N PRO I 138 -3.14 -14.03 -39.70
CA PRO I 138 -3.83 -15.25 -39.25
C PRO I 138 -3.42 -15.63 -37.83
N LEU I 139 -4.28 -16.44 -37.21
CA LEU I 139 -4.04 -16.93 -35.85
C LEU I 139 -4.24 -18.44 -35.84
N ALA I 140 -3.54 -19.11 -34.92
CA ALA I 140 -3.62 -20.56 -34.78
C ALA I 140 -3.67 -20.94 -33.32
N PRO I 141 -4.37 -22.02 -32.98
CA PRO I 141 -4.38 -22.52 -31.61
C PRO I 141 -3.34 -23.61 -31.40
N SER I 142 -2.97 -23.79 -30.13
CA SER I 142 -2.09 -24.91 -29.83
C SER I 142 -2.62 -25.85 -28.75
N SER I 143 -3.16 -25.31 -27.66
CA SER I 143 -3.57 -26.14 -26.53
C SER I 143 -4.88 -25.65 -25.92
N LYS I 144 -5.81 -25.22 -26.77
CA LYS I 144 -7.12 -24.76 -26.30
C LYS I 144 -8.16 -25.76 -26.81
N SER I 145 -8.39 -26.81 -26.03
CA SER I 145 -9.34 -27.85 -26.40
C SER I 145 -10.43 -28.01 -25.33
N THR I 150 -13.24 -28.75 -28.95
CA THR I 150 -13.27 -27.79 -30.05
C THR I 150 -12.10 -26.81 -29.94
N ALA I 151 -11.57 -26.40 -31.08
CA ALA I 151 -10.44 -25.48 -31.14
C ALA I 151 -10.94 -24.07 -31.43
N ALA I 152 -10.00 -23.14 -31.64
CA ALA I 152 -10.32 -21.75 -31.89
C ALA I 152 -9.40 -21.21 -32.98
N LEU I 153 -9.98 -20.83 -34.12
CA LEU I 153 -9.26 -20.19 -35.21
C LEU I 153 -9.67 -18.72 -35.28
N GLY I 154 -8.89 -17.93 -35.98
CA GLY I 154 -9.27 -16.53 -36.16
C GLY I 154 -8.27 -15.78 -37.00
N CYS I 155 -8.68 -14.57 -37.38
CA CYS I 155 -7.78 -13.64 -38.04
C CYS I 155 -8.01 -12.23 -37.52
N LEU I 156 -6.95 -11.45 -37.52
CA LEU I 156 -6.91 -10.11 -36.95
C LEU I 156 -6.75 -9.08 -38.06
N VAL I 157 -7.63 -8.09 -38.08
CA VAL I 157 -7.59 -6.99 -39.03
C VAL I 157 -7.10 -5.76 -38.27
N LYS I 158 -5.97 -5.22 -38.71
CA LYS I 158 -5.26 -4.17 -38.01
C LYS I 158 -5.17 -2.92 -38.86
N ASP I 159 -5.39 -1.76 -38.21
CA ASP I 159 -5.06 -0.45 -38.77
C ASP I 159 -5.78 -0.20 -40.11
N TYR I 160 -7.09 -0.11 -40.03
CA TYR I 160 -7.90 0.29 -41.16
C TYR I 160 -8.80 1.46 -40.76
N PHE I 161 -9.05 2.36 -41.72
CA PHE I 161 -9.92 3.50 -41.50
C PHE I 161 -10.40 3.98 -42.85
N PRO I 162 -11.69 4.31 -43.02
CA PRO I 162 -12.72 4.19 -41.99
C PRO I 162 -13.46 2.85 -41.97
N GLU I 163 -14.34 2.71 -40.98
CA GLU I 163 -15.23 1.57 -40.90
C GLU I 163 -16.27 1.65 -42.02
N PRO I 164 -16.83 0.50 -42.47
CA PRO I 164 -16.74 -0.90 -42.03
C PRO I 164 -15.87 -1.82 -42.88
N VAL I 165 -15.62 -3.00 -42.32
CA VAL I 165 -14.93 -4.09 -43.00
C VAL I 165 -15.79 -5.33 -42.88
N THR I 166 -16.00 -6.03 -44.00
CA THR I 166 -16.74 -7.28 -43.98
C THR I 166 -15.77 -8.45 -43.97
N VAL I 167 -15.89 -9.30 -42.96
CA VAL I 167 -15.01 -10.45 -42.76
C VAL I 167 -15.86 -11.71 -42.81
N SER I 168 -15.51 -12.60 -43.73
CA SER I 168 -16.18 -13.89 -43.90
C SER I 168 -15.18 -15.01 -43.74
N TRP I 169 -15.68 -16.24 -43.66
CA TRP I 169 -14.83 -17.42 -43.53
C TRP I 169 -15.19 -18.42 -44.61
N ASN I 170 -14.17 -18.87 -45.36
CA ASN I 170 -14.33 -19.88 -46.40
C ASN I 170 -15.37 -19.46 -47.44
N SER I 171 -15.25 -18.21 -47.91
CA SER I 171 -16.07 -17.67 -48.99
C SER I 171 -17.57 -17.82 -48.71
N GLY I 172 -17.97 -17.47 -47.49
CA GLY I 172 -19.36 -17.49 -47.11
C GLY I 172 -19.91 -18.85 -46.75
N ALA I 173 -19.07 -19.90 -46.73
CA ALA I 173 -19.56 -21.23 -46.37
C ALA I 173 -19.62 -21.41 -44.87
N LEU I 174 -18.52 -21.10 -44.17
CA LEU I 174 -18.47 -21.28 -42.73
C LEU I 174 -19.30 -20.22 -42.03
N THR I 175 -20.33 -20.67 -41.31
CA THR I 175 -21.16 -19.77 -40.52
C THR I 175 -21.41 -20.25 -39.09
N SER I 176 -21.29 -21.54 -38.82
CA SER I 176 -21.53 -22.06 -37.48
C SER I 176 -20.27 -21.88 -36.64
N GLY I 177 -20.41 -21.18 -35.52
CA GLY I 177 -19.31 -20.95 -34.61
C GLY I 177 -18.49 -19.70 -34.87
N VAL I 178 -18.89 -18.87 -35.83
CA VAL I 178 -18.16 -17.66 -36.16
C VAL I 178 -18.64 -16.53 -35.25
N HIS I 179 -17.68 -15.73 -34.77
CA HIS I 179 -17.96 -14.58 -33.92
C HIS I 179 -17.01 -13.47 -34.34
N THR I 180 -17.56 -12.43 -34.95
CA THR I 180 -16.78 -11.26 -35.37
C THR I 180 -16.95 -10.19 -34.29
N PHE I 181 -15.91 -10.01 -33.48
CA PHE I 181 -16.00 -9.07 -32.38
C PHE I 181 -16.01 -7.64 -32.90
N PRO I 182 -16.59 -6.71 -32.14
CA PRO I 182 -16.56 -5.30 -32.54
C PRO I 182 -15.13 -4.77 -32.62
N ALA I 183 -15.00 -3.59 -33.22
CA ALA I 183 -13.69 -2.99 -33.46
C ALA I 183 -13.31 -2.06 -32.32
N VAL I 184 -12.02 -1.74 -32.26
CA VAL I 184 -11.46 -0.82 -31.28
C VAL I 184 -10.96 0.41 -32.02
N LEU I 185 -11.28 1.59 -31.49
CA LEU I 185 -10.83 2.86 -32.05
C LEU I 185 -9.70 3.36 -31.15
N GLN I 186 -8.47 3.02 -31.51
CA GLN I 186 -7.32 3.36 -30.69
C GLN I 186 -6.99 4.85 -30.82
N SER I 187 -5.97 5.28 -30.09
CA SER I 187 -5.58 6.69 -30.09
C SER I 187 -5.11 7.17 -31.45
N SER I 188 -4.63 6.25 -32.31
CA SER I 188 -4.23 6.62 -33.65
C SER I 188 -5.42 6.91 -34.55
N GLY I 189 -6.64 6.65 -34.10
CA GLY I 189 -7.83 6.84 -34.91
C GLY I 189 -8.08 5.72 -35.90
N LEU I 190 -7.36 4.61 -35.80
CA LEU I 190 -7.50 3.49 -36.71
C LEU I 190 -8.23 2.35 -36.03
N TYR I 191 -9.12 1.69 -36.77
CA TYR I 191 -9.94 0.61 -36.24
C TYR I 191 -9.22 -0.73 -36.40
N SER I 192 -9.46 -1.62 -35.44
CA SER I 192 -8.89 -2.95 -35.45
C SER I 192 -9.89 -3.92 -34.85
N LEU I 193 -10.02 -5.11 -35.45
CA LEU I 193 -10.98 -6.09 -34.95
C LEU I 193 -10.52 -7.50 -35.29
N SER I 194 -10.96 -8.47 -34.50
CA SER I 194 -10.59 -9.86 -34.68
C SER I 194 -11.84 -10.71 -34.87
N SER I 195 -11.78 -11.67 -35.79
CA SER I 195 -12.87 -12.60 -36.02
C SER I 195 -12.40 -14.00 -35.69
N VAL I 196 -13.18 -14.72 -34.87
CA VAL I 196 -12.78 -16.02 -34.35
C VAL I 196 -13.89 -17.03 -34.64
N VAL I 197 -13.51 -18.17 -35.20
CA VAL I 197 -14.44 -19.26 -35.49
C VAL I 197 -14.03 -20.48 -34.69
N THR I 198 -15.03 -21.15 -34.11
CA THR I 198 -14.80 -22.38 -33.36
C THR I 198 -15.02 -23.57 -34.29
N VAL I 199 -13.99 -24.38 -34.45
CA VAL I 199 -14.02 -25.50 -35.39
C VAL I 199 -13.70 -26.77 -34.61
N PRO I 200 -14.15 -27.93 -35.10
CA PRO I 200 -13.78 -29.19 -34.45
C PRO I 200 -12.27 -29.38 -34.48
N SER I 201 -11.75 -29.95 -33.39
CA SER I 201 -10.31 -30.19 -33.29
C SER I 201 -9.83 -31.18 -34.35
N SER I 202 -10.60 -32.25 -34.57
CA SER I 202 -10.21 -33.27 -35.55
C SER I 202 -10.30 -32.77 -36.98
N SER I 203 -11.05 -31.69 -37.22
CA SER I 203 -11.21 -31.14 -38.56
C SER I 203 -10.07 -30.22 -38.96
N LEU I 204 -9.08 -30.00 -38.08
CA LEU I 204 -8.00 -29.07 -38.36
C LEU I 204 -6.93 -29.66 -39.27
N GLY I 205 -6.99 -30.94 -39.59
CA GLY I 205 -6.01 -31.55 -40.47
C GLY I 205 -6.58 -31.89 -41.83
N THR I 206 -7.90 -31.80 -41.97
CA THR I 206 -8.60 -32.17 -43.21
C THR I 206 -9.20 -30.97 -43.92
N GLN I 207 -10.02 -30.17 -43.23
CA GLN I 207 -10.70 -29.03 -43.83
C GLN I 207 -9.79 -27.80 -43.81
N THR I 208 -9.73 -27.09 -44.92
CA THR I 208 -8.96 -25.86 -45.03
C THR I 208 -9.83 -24.67 -44.62
N TYR I 209 -9.21 -23.71 -43.94
CA TYR I 209 -9.91 -22.54 -43.42
C TYR I 209 -9.24 -21.29 -43.94
N ILE I 210 -10.02 -20.45 -44.62
CA ILE I 210 -9.54 -19.17 -45.16
C ILE I 210 -10.48 -18.07 -44.68
N CYS I 211 -9.91 -16.99 -44.18
CA CYS I 211 -10.70 -15.82 -43.78
C CYS I 211 -10.54 -14.74 -44.84
N ASN I 212 -11.68 -14.20 -45.29
CA ASN I 212 -11.74 -13.19 -46.33
C ASN I 212 -12.07 -11.85 -45.68
N VAL I 213 -11.32 -10.83 -46.05
CA VAL I 213 -11.49 -9.47 -45.52
C VAL I 213 -11.71 -8.54 -46.70
N ASN I 214 -12.76 -7.72 -46.63
CA ASN I 214 -13.02 -6.72 -47.65
C ASN I 214 -13.21 -5.36 -46.97
N HIS I 215 -12.36 -4.41 -47.33
CA HIS I 215 -12.43 -3.02 -46.90
C HIS I 215 -12.90 -2.21 -48.12
N LYS I 216 -14.18 -1.84 -48.11
CA LYS I 216 -14.75 -1.07 -49.20
C LYS I 216 -14.13 0.31 -49.38
N PRO I 217 -13.89 1.11 -48.33
CA PRO I 217 -13.35 2.46 -48.55
C PRO I 217 -12.04 2.49 -49.33
N SER I 218 -11.19 1.47 -49.19
CA SER I 218 -9.95 1.39 -49.93
C SER I 218 -9.99 0.36 -51.04
N ASN I 219 -11.10 -0.36 -51.21
CA ASN I 219 -11.23 -1.43 -52.19
C ASN I 219 -10.10 -2.46 -52.01
N THR I 220 -9.90 -2.87 -50.76
CA THR I 220 -8.83 -3.80 -50.40
C THR I 220 -9.43 -5.12 -49.96
N LYS I 221 -9.18 -6.18 -50.73
CA LYS I 221 -9.72 -7.50 -50.44
C LYS I 221 -8.58 -8.50 -50.31
N VAL I 222 -8.58 -9.26 -49.21
CA VAL I 222 -7.48 -10.16 -48.87
C VAL I 222 -8.06 -11.49 -48.40
N ASP I 223 -7.50 -12.59 -48.90
CA ASP I 223 -7.83 -13.92 -48.43
C ASP I 223 -6.61 -14.51 -47.73
N LYS I 224 -6.79 -14.96 -46.49
CA LYS I 224 -5.67 -15.45 -45.70
C LYS I 224 -5.98 -16.83 -45.13
N ARG I 225 -5.03 -17.75 -45.29
CA ARG I 225 -5.16 -19.11 -44.79
C ARG I 225 -4.69 -19.20 -43.34
N VAL I 226 -5.33 -20.08 -42.58
CA VAL I 226 -4.89 -20.43 -41.24
C VAL I 226 -3.92 -21.59 -41.34
N GLU I 227 -2.75 -21.45 -40.71
CA GLU I 227 -1.69 -22.42 -40.90
C GLU I 227 -1.18 -22.93 -39.57
N PRO I 228 -0.80 -24.22 -39.49
CA PRO I 228 -0.24 -24.73 -38.24
C PRO I 228 1.08 -24.04 -37.90
N LYS I 229 1.33 -23.93 -36.60
CA LYS I 229 2.55 -23.28 -36.14
C LYS I 229 3.72 -24.27 -36.14
N SER I 230 4.93 -23.72 -36.05
CA SER I 230 6.15 -24.52 -36.04
C SER I 230 7.24 -23.70 -35.37
N CYS I 231 8.48 -24.18 -35.47
CA CYS I 231 9.63 -23.46 -34.94
C CYS I 231 10.92 -23.88 -35.64
N THR J 1 -10.76 -49.88 -5.94
CA THR J 1 -10.33 -48.71 -5.18
C THR J 1 -10.64 -47.42 -5.94
N ASN J 2 -10.25 -46.29 -5.33
CA ASN J 2 -10.39 -44.95 -5.90
C ASN J 2 -11.85 -44.52 -6.00
N LEU J 3 -12.09 -43.22 -5.87
CA LEU J 3 -13.44 -42.69 -5.79
C LEU J 3 -14.18 -42.87 -7.11
N CYS J 4 -15.50 -43.01 -7.02
CA CYS J 4 -16.32 -43.22 -8.20
C CYS J 4 -16.37 -41.93 -9.04
N PRO J 5 -16.34 -42.05 -10.37
CA PRO J 5 -16.34 -40.85 -11.24
C PRO J 5 -17.74 -40.27 -11.43
N PHE J 6 -18.24 -39.63 -10.38
CA PHE J 6 -19.55 -38.98 -10.45
C PHE J 6 -19.50 -37.61 -11.14
N GLY J 7 -18.31 -37.06 -11.38
CA GLY J 7 -18.22 -35.72 -11.93
C GLY J 7 -18.78 -35.62 -13.34
N GLU J 8 -18.45 -36.57 -14.21
CA GLU J 8 -18.86 -36.48 -15.61
C GLU J 8 -20.37 -36.58 -15.78
N VAL J 9 -21.08 -37.11 -14.80
CA VAL J 9 -22.54 -37.16 -14.85
C VAL J 9 -23.17 -35.93 -14.23
N PHE J 10 -22.69 -35.52 -13.04
CA PHE J 10 -23.25 -34.37 -12.35
C PHE J 10 -22.66 -33.06 -12.87
N ASN J 11 -21.33 -32.92 -12.81
CA ASN J 11 -20.68 -31.70 -13.31
C ASN J 11 -20.62 -31.71 -14.83
N ALA J 12 -21.72 -31.96 -15.52
CA ALA J 12 -21.64 -32.11 -16.96
C ALA J 12 -21.79 -30.77 -17.65
N THR J 13 -21.55 -30.77 -18.97
CA THR J 13 -21.76 -29.58 -19.78
C THR J 13 -23.16 -29.55 -20.39
N ARG J 14 -23.58 -30.66 -21.01
CA ARG J 14 -24.88 -30.76 -21.63
C ARG J 14 -25.67 -31.90 -20.97
N PHE J 15 -26.98 -31.73 -20.91
CA PHE J 15 -27.88 -32.77 -20.44
C PHE J 15 -28.89 -33.10 -21.54
N ALA J 16 -29.27 -34.36 -21.61
CA ALA J 16 -30.18 -34.83 -22.65
C ALA J 16 -31.62 -34.42 -22.36
N SER J 17 -32.45 -34.53 -23.39
CA SER J 17 -33.88 -34.36 -23.20
C SER J 17 -34.46 -35.55 -22.45
N VAL J 18 -35.64 -35.34 -21.88
CA VAL J 18 -36.25 -36.38 -21.05
C VAL J 18 -36.60 -37.61 -21.89
N TYR J 19 -37.01 -37.41 -23.14
CA TYR J 19 -37.36 -38.54 -24.00
C TYR J 19 -36.13 -39.27 -24.49
N ALA J 20 -34.95 -38.63 -24.45
CA ALA J 20 -33.71 -39.27 -24.86
C ALA J 20 -32.71 -39.27 -23.72
N TRP J 21 -33.17 -39.67 -22.53
CA TRP J 21 -32.36 -39.61 -21.32
C TRP J 21 -31.09 -40.45 -21.47
N ASN J 22 -30.03 -40.01 -20.82
CA ASN J 22 -28.73 -40.67 -20.92
C ASN J 22 -28.54 -41.65 -19.78
N ARG J 23 -27.88 -42.77 -20.08
CA ARG J 23 -27.56 -43.79 -19.08
C ARG J 23 -26.05 -44.01 -19.05
N LYS J 24 -25.48 -43.98 -17.85
CA LYS J 24 -24.06 -44.24 -17.65
C LYS J 24 -23.89 -45.37 -16.64
N ARG J 25 -23.06 -46.35 -16.98
CA ARG J 25 -22.78 -47.47 -16.09
C ARG J 25 -21.58 -47.15 -15.21
N ILE J 26 -21.72 -47.34 -13.91
CA ILE J 26 -20.66 -47.08 -12.95
C ILE J 26 -20.39 -48.37 -12.18
N SER J 27 -19.11 -48.74 -12.11
CA SER J 27 -18.69 -49.97 -11.46
C SER J 27 -17.20 -49.85 -11.14
N ASN J 28 -16.73 -50.77 -10.29
CA ASN J 28 -15.30 -50.89 -9.96
C ASN J 28 -14.76 -49.61 -9.33
N CYS J 29 -15.50 -49.07 -8.38
CA CYS J 29 -15.03 -47.91 -7.61
C CYS J 29 -15.79 -47.86 -6.30
N VAL J 30 -15.24 -47.11 -5.35
CA VAL J 30 -15.85 -46.89 -4.04
C VAL J 30 -16.60 -45.57 -4.06
N ALA J 31 -17.86 -45.60 -3.63
CA ALA J 31 -18.75 -44.45 -3.70
C ALA J 31 -18.98 -43.89 -2.30
N ASP J 32 -18.76 -42.59 -2.14
CA ASP J 32 -18.99 -41.88 -0.88
C ASP J 32 -20.19 -40.95 -1.10
N TYR J 33 -21.38 -41.43 -0.72
CA TYR J 33 -22.59 -40.64 -0.95
C TYR J 33 -22.62 -39.38 -0.11
N SER J 34 -21.92 -39.36 1.03
CA SER J 34 -21.80 -38.13 1.80
C SER J 34 -21.03 -37.06 1.03
N VAL J 35 -19.94 -37.47 0.37
CA VAL J 35 -19.18 -36.52 -0.43
C VAL J 35 -20.03 -36.02 -1.60
N LEU J 36 -20.79 -36.92 -2.23
CA LEU J 36 -21.68 -36.50 -3.31
C LEU J 36 -22.71 -35.50 -2.81
N TYR J 37 -23.30 -35.76 -1.65
CA TYR J 37 -24.33 -34.87 -1.12
C TYR J 37 -23.75 -33.50 -0.76
N ASN J 38 -22.54 -33.49 -0.20
CA ASN J 38 -21.91 -32.22 0.16
C ASN J 38 -21.22 -31.55 -1.03
N SER J 39 -21.17 -32.20 -2.19
CA SER J 39 -20.48 -31.63 -3.34
C SER J 39 -21.12 -30.33 -3.80
N ALA J 40 -22.43 -30.19 -3.66
CA ALA J 40 -23.14 -28.99 -4.06
C ALA J 40 -24.41 -28.89 -3.22
N SER J 41 -25.29 -27.97 -3.61
CA SER J 41 -26.58 -27.77 -2.95
C SER J 41 -27.67 -28.22 -3.91
N PHE J 42 -28.38 -29.29 -3.54
CA PHE J 42 -29.39 -29.89 -4.38
C PHE J 42 -30.79 -29.50 -3.93
N SER J 43 -31.73 -29.53 -4.88
CA SER J 43 -33.11 -29.22 -4.55
C SER J 43 -33.87 -30.44 -4.05
N THR J 44 -33.49 -31.64 -4.53
CA THR J 44 -34.13 -32.87 -4.09
C THR J 44 -33.09 -33.99 -4.05
N PHE J 45 -33.11 -34.76 -2.97
CA PHE J 45 -32.23 -35.92 -2.81
C PHE J 45 -33.01 -36.95 -1.99
N LYS J 46 -33.69 -37.86 -2.68
CA LYS J 46 -34.59 -38.80 -2.03
C LYS J 46 -34.22 -40.22 -2.43
N CYS J 47 -34.04 -41.09 -1.44
CA CYS J 47 -33.65 -42.47 -1.68
C CYS J 47 -34.83 -43.39 -1.38
N TYR J 48 -35.11 -44.30 -2.31
CA TYR J 48 -36.21 -45.24 -2.22
C TYR J 48 -35.67 -46.65 -2.06
N GLY J 49 -36.24 -47.41 -1.13
CA GLY J 49 -35.91 -48.80 -0.94
C GLY J 49 -34.68 -49.06 -0.11
N VAL J 50 -33.94 -48.03 0.28
CA VAL J 50 -32.72 -48.19 1.05
C VAL J 50 -32.62 -47.05 2.06
N SER J 51 -32.22 -47.38 3.29
CA SER J 51 -32.04 -46.36 4.30
C SER J 51 -30.83 -45.49 3.96
N PRO J 52 -30.96 -44.16 4.09
CA PRO J 52 -29.81 -43.30 3.76
C PRO J 52 -28.69 -43.38 4.78
N THR J 53 -29.00 -43.71 6.04
CA THR J 53 -27.95 -43.87 7.05
C THR J 53 -27.05 -45.05 6.70
N LYS J 54 -27.64 -46.17 6.31
CA LYS J 54 -26.87 -47.35 5.92
C LYS J 54 -26.60 -47.28 4.42
N LEU J 55 -25.73 -46.35 4.05
CA LEU J 55 -25.38 -46.14 2.65
C LEU J 55 -23.91 -46.36 2.36
N ASN J 56 -23.02 -45.89 3.23
CA ASN J 56 -21.59 -46.10 3.07
C ASN J 56 -21.16 -47.50 3.51
N ASP J 57 -22.11 -48.38 3.81
CA ASP J 57 -21.80 -49.72 4.30
C ASP J 57 -22.37 -50.82 3.40
N LEU J 58 -22.84 -50.50 2.20
CA LEU J 58 -23.46 -51.47 1.32
C LEU J 58 -22.53 -51.81 0.16
N CYS J 59 -22.98 -52.75 -0.66
CA CYS J 59 -22.24 -53.18 -1.85
C CYS J 59 -23.25 -53.52 -2.94
N PHE J 60 -22.89 -53.20 -4.18
CA PHE J 60 -23.74 -53.50 -5.32
C PHE J 60 -22.89 -53.98 -6.48
N THR J 61 -23.50 -54.82 -7.33
CA THR J 61 -22.79 -55.28 -8.52
C THR J 61 -22.51 -54.12 -9.48
N ASN J 62 -23.50 -53.26 -9.71
CA ASN J 62 -23.34 -52.12 -10.60
C ASN J 62 -24.26 -51.01 -10.13
N VAL J 63 -24.03 -49.80 -10.67
CA VAL J 63 -25.00 -48.73 -10.53
C VAL J 63 -25.17 -48.06 -11.89
N TYR J 64 -26.35 -47.47 -12.09
CA TYR J 64 -26.67 -46.81 -13.35
C TYR J 64 -27.15 -45.39 -13.05
N ALA J 65 -26.58 -44.42 -13.76
CA ALA J 65 -26.96 -43.02 -13.62
C ALA J 65 -27.72 -42.60 -14.87
N ASP J 66 -29.00 -42.24 -14.70
CA ASP J 66 -29.83 -41.76 -15.78
C ASP J 66 -30.02 -40.26 -15.61
N SER J 67 -29.58 -39.50 -16.61
CA SER J 67 -29.58 -38.05 -16.53
C SER J 67 -30.49 -37.46 -17.60
N PHE J 68 -31.23 -36.42 -17.21
CA PHE J 68 -32.09 -35.70 -18.14
C PHE J 68 -32.49 -34.36 -17.53
N VAL J 69 -33.33 -33.62 -18.26
CA VAL J 69 -33.80 -32.30 -17.86
C VAL J 69 -35.32 -32.28 -17.96
N ILE J 70 -35.97 -31.79 -16.90
CA ILE J 70 -37.43 -31.67 -16.87
C ILE J 70 -37.78 -30.30 -16.30
N ARG J 71 -39.05 -30.05 -16.06
CA ARG J 71 -39.47 -28.85 -15.35
C ARG J 71 -39.79 -29.19 -13.89
N GLY J 72 -39.90 -28.14 -13.07
CA GLY J 72 -40.15 -28.34 -11.66
C GLY J 72 -41.45 -29.07 -11.38
N ASP J 73 -42.52 -28.70 -12.11
CA ASP J 73 -43.82 -29.32 -11.90
C ASP J 73 -43.76 -30.82 -12.12
N GLU J 74 -42.83 -31.30 -12.95
CA GLU J 74 -42.69 -32.71 -13.26
C GLU J 74 -41.76 -33.44 -12.32
N VAL J 75 -41.13 -32.74 -11.37
CA VAL J 75 -40.20 -33.41 -10.46
C VAL J 75 -40.91 -34.47 -9.64
N ARG J 76 -42.19 -34.24 -9.32
CA ARG J 76 -42.94 -35.24 -8.56
C ARG J 76 -43.09 -36.55 -9.34
N GLN J 77 -43.03 -36.50 -10.67
CA GLN J 77 -43.27 -37.69 -11.47
C GLN J 77 -42.09 -38.66 -11.50
N ILE J 78 -40.91 -38.24 -11.05
CA ILE J 78 -39.73 -39.12 -11.02
C ILE J 78 -39.76 -39.84 -9.67
N ALA J 79 -40.56 -40.91 -9.62
CA ALA J 79 -40.74 -41.72 -8.43
C ALA J 79 -41.51 -42.98 -8.80
N PRO J 80 -41.37 -44.07 -8.05
CA PRO J 80 -42.15 -45.28 -8.35
C PRO J 80 -43.64 -45.01 -8.24
N GLY J 81 -44.40 -45.60 -9.17
CA GLY J 81 -45.85 -45.49 -9.13
C GLY J 81 -46.38 -44.08 -9.33
N GLN J 82 -45.82 -43.34 -10.29
CA GLN J 82 -46.27 -41.99 -10.60
C GLN J 82 -46.89 -41.95 -11.99
N THR J 83 -47.82 -41.02 -12.18
CA THR J 83 -48.51 -40.82 -13.44
C THR J 83 -48.24 -39.43 -13.96
N GLY J 84 -48.61 -39.20 -15.21
CA GLY J 84 -48.37 -37.95 -15.90
C GLY J 84 -47.73 -38.17 -17.24
N LYS J 85 -47.48 -37.06 -17.94
CA LYS J 85 -46.89 -37.14 -19.27
C LYS J 85 -45.51 -37.80 -19.22
N ILE J 86 -44.65 -37.33 -18.30
CA ILE J 86 -43.29 -37.83 -18.24
C ILE J 86 -43.25 -39.27 -17.75
N ALA J 87 -44.00 -39.57 -16.69
CA ALA J 87 -43.97 -40.90 -16.10
C ALA J 87 -44.61 -41.97 -16.99
N ASP J 88 -45.33 -41.57 -18.03
CA ASP J 88 -46.00 -42.51 -18.93
C ASP J 88 -45.35 -42.60 -20.29
N TYR J 89 -44.89 -41.49 -20.86
CA TYR J 89 -44.38 -41.48 -22.23
C TYR J 89 -42.88 -41.22 -22.33
N ASN J 90 -42.23 -40.78 -21.26
CA ASN J 90 -40.82 -40.40 -21.34
C ASN J 90 -39.93 -41.28 -20.47
N TYR J 91 -40.21 -41.39 -19.16
CA TYR J 91 -39.34 -42.12 -18.25
C TYR J 91 -40.19 -42.79 -17.19
N LYS J 92 -40.01 -44.10 -17.01
CA LYS J 92 -40.82 -44.88 -16.09
C LYS J 92 -39.90 -45.63 -15.12
N LEU J 93 -40.29 -45.63 -13.84
CA LEU J 93 -39.59 -46.33 -12.78
C LEU J 93 -40.43 -47.50 -12.27
N PRO J 94 -39.81 -48.63 -11.90
CA PRO J 94 -40.57 -49.74 -11.35
C PRO J 94 -41.08 -49.44 -9.96
N ASP J 95 -42.17 -50.12 -9.59
CA ASP J 95 -42.75 -49.93 -8.27
C ASP J 95 -41.79 -50.35 -7.16
N ASP J 96 -40.93 -51.34 -7.44
CA ASP J 96 -39.96 -51.83 -6.47
C ASP J 96 -38.58 -51.21 -6.68
N PHE J 97 -38.55 -49.94 -7.11
CA PHE J 97 -37.29 -49.26 -7.36
C PHE J 97 -36.46 -49.15 -6.09
N THR J 98 -35.18 -49.49 -6.19
CA THR J 98 -34.22 -49.33 -5.11
C THR J 98 -33.08 -48.46 -5.62
N GLY J 99 -33.00 -47.23 -5.12
CA GLY J 99 -32.00 -46.30 -5.62
C GLY J 99 -32.21 -44.94 -5.00
N CYS J 100 -31.71 -43.91 -5.69
CA CYS J 100 -31.84 -42.54 -5.21
C CYS J 100 -32.03 -41.58 -6.37
N VAL J 101 -32.98 -40.65 -6.21
CA VAL J 101 -33.27 -39.62 -7.21
C VAL J 101 -32.71 -38.31 -6.69
N ILE J 102 -31.91 -37.63 -7.52
CA ILE J 102 -31.33 -36.33 -7.19
C ILE J 102 -31.75 -35.36 -8.29
N ALA J 103 -32.07 -34.13 -7.89
CA ALA J 103 -32.49 -33.11 -8.84
C ALA J 103 -32.10 -31.75 -8.30
N TRP J 104 -31.72 -30.85 -9.21
CA TRP J 104 -31.35 -29.50 -8.81
C TRP J 104 -31.79 -28.49 -9.87
N ASN J 105 -32.05 -27.27 -9.42
CA ASN J 105 -32.46 -26.20 -10.32
C ASN J 105 -31.31 -25.84 -11.26
N SER J 106 -31.64 -25.69 -12.54
CA SER J 106 -30.66 -25.36 -13.57
C SER J 106 -31.15 -24.22 -14.45
N ASN J 107 -31.70 -23.18 -13.82
CA ASN J 107 -32.21 -22.04 -14.58
C ASN J 107 -31.08 -21.31 -15.30
N ASN J 108 -29.94 -21.15 -14.63
CA ASN J 108 -28.80 -20.44 -15.20
C ASN J 108 -28.08 -21.23 -16.28
N LEU J 109 -28.59 -22.38 -16.70
CA LEU J 109 -27.89 -23.19 -17.69
C LEU J 109 -28.79 -23.55 -18.86
N ASP J 110 -30.10 -23.66 -18.61
CA ASP J 110 -31.04 -24.14 -19.62
C ASP J 110 -32.16 -23.15 -19.90
N SER J 111 -31.99 -21.89 -19.51
CA SER J 111 -32.97 -20.84 -19.78
C SER J 111 -32.30 -19.73 -20.57
N LYS J 112 -32.86 -19.41 -21.73
CA LYS J 112 -32.36 -18.35 -22.58
C LYS J 112 -33.51 -17.40 -22.92
N VAL J 113 -33.13 -16.17 -23.29
CA VAL J 113 -34.13 -15.18 -23.69
C VAL J 113 -34.81 -15.66 -24.97
N GLY J 114 -36.15 -15.62 -24.96
CA GLY J 114 -36.94 -16.17 -26.04
C GLY J 114 -37.26 -17.64 -25.90
N GLY J 115 -36.85 -18.27 -24.82
CA GLY J 115 -37.15 -19.67 -24.59
C GLY J 115 -36.06 -20.58 -25.13
N ASN J 116 -35.94 -21.75 -24.50
CA ASN J 116 -34.99 -22.79 -24.92
C ASN J 116 -35.79 -23.90 -25.57
N TYR J 117 -35.77 -23.95 -26.90
CA TYR J 117 -36.51 -24.93 -27.67
C TYR J 117 -35.70 -26.18 -27.99
N ASN J 118 -34.45 -26.25 -27.53
CA ASN J 118 -33.63 -27.43 -27.76
C ASN J 118 -34.10 -28.63 -26.95
N TYR J 119 -34.84 -28.41 -25.87
CA TYR J 119 -35.32 -29.48 -25.00
C TYR J 119 -36.74 -29.84 -25.42
N LEU J 120 -36.95 -31.11 -25.77
CA LEU J 120 -38.23 -31.61 -26.22
C LEU J 120 -38.70 -32.74 -25.33
N TYR J 121 -40.00 -33.02 -25.40
CA TYR J 121 -40.56 -34.16 -24.67
C TYR J 121 -41.67 -34.79 -25.49
N ARG J 122 -41.84 -36.09 -25.34
CA ARG J 122 -42.88 -36.80 -26.06
C ARG J 122 -44.25 -36.45 -25.48
N LEU J 123 -45.19 -36.14 -26.37
CA LEU J 123 -46.55 -35.74 -25.97
C LEU J 123 -47.59 -36.81 -26.22
N PHE J 124 -47.54 -37.48 -27.36
CA PHE J 124 -48.52 -38.50 -27.72
C PHE J 124 -47.83 -39.85 -27.86
N ARG J 125 -48.52 -40.90 -27.42
CA ARG J 125 -48.03 -42.26 -27.61
C ARG J 125 -49.22 -43.21 -27.55
N LYS J 126 -49.07 -44.35 -28.24
CA LYS J 126 -50.13 -45.35 -28.27
C LYS J 126 -50.24 -46.12 -26.97
N SER J 127 -49.13 -46.32 -26.27
CA SER J 127 -49.12 -47.13 -25.06
C SER J 127 -48.11 -46.57 -24.07
N ASN J 128 -48.27 -46.95 -22.80
CA ASN J 128 -47.36 -46.51 -21.76
C ASN J 128 -46.01 -47.20 -21.87
N LEU J 129 -44.99 -46.57 -21.29
CA LEU J 129 -43.65 -47.12 -21.30
C LEU J 129 -43.48 -48.14 -20.18
N LYS J 130 -42.80 -49.24 -20.49
CA LYS J 130 -42.39 -50.17 -19.45
C LYS J 130 -41.29 -49.54 -18.60
N PRO J 131 -41.09 -50.03 -17.37
CA PRO J 131 -40.04 -49.46 -16.53
C PRO J 131 -38.67 -49.52 -17.21
N PHE J 132 -37.94 -48.42 -17.10
CA PHE J 132 -36.62 -48.27 -17.71
C PHE J 132 -36.66 -48.50 -19.22
N GLU J 133 -37.70 -47.98 -19.87
CA GLU J 133 -37.80 -47.99 -21.32
C GLU J 133 -37.41 -46.63 -21.88
N ARG J 134 -36.93 -46.64 -23.12
CA ARG J 134 -36.50 -45.43 -23.80
C ARG J 134 -37.06 -45.44 -25.22
N ASP J 135 -37.80 -44.40 -25.57
CA ASP J 135 -38.43 -44.27 -26.89
C ASP J 135 -37.88 -43.04 -27.57
N ILE J 136 -37.17 -43.24 -28.68
CA ILE J 136 -36.63 -42.16 -29.49
C ILE J 136 -37.25 -42.11 -30.88
N SER J 137 -38.36 -42.82 -31.08
CA SER J 137 -39.03 -42.82 -32.37
C SER J 137 -39.66 -41.47 -32.67
N THR J 138 -39.73 -41.14 -33.96
CA THR J 138 -40.30 -39.87 -34.42
C THR J 138 -41.47 -40.08 -35.37
N GLU J 139 -42.10 -41.25 -35.34
CA GLU J 139 -43.21 -41.53 -36.24
C GLU J 139 -44.39 -40.61 -35.94
N ILE J 140 -45.10 -40.23 -37.00
CA ILE J 140 -46.25 -39.36 -36.87
C ILE J 140 -47.37 -40.10 -36.13
N TYR J 141 -47.98 -39.42 -35.16
CA TYR J 141 -49.01 -40.04 -34.32
C TYR J 141 -50.37 -39.93 -35.00
N GLN J 142 -51.08 -41.06 -35.06
CA GLN J 142 -52.41 -41.12 -35.65
C GLN J 142 -53.46 -40.90 -34.58
N ALA J 143 -54.25 -39.84 -34.73
CA ALA J 143 -55.27 -39.47 -33.75
C ALA J 143 -56.67 -39.89 -34.16
N GLY J 144 -57.03 -39.72 -35.44
CA GLY J 144 -58.34 -40.06 -35.93
C GLY J 144 -58.37 -41.41 -36.63
N SER J 145 -59.57 -41.77 -37.11
CA SER J 145 -59.74 -43.03 -37.83
C SER J 145 -59.01 -43.03 -39.17
N THR J 146 -58.76 -41.85 -39.74
CA THR J 146 -58.06 -41.79 -41.02
C THR J 146 -56.59 -42.17 -40.83
N PRO J 147 -56.03 -42.99 -41.71
CA PRO J 147 -54.61 -43.34 -41.61
C PRO J 147 -53.72 -42.15 -41.87
N CYS J 148 -52.52 -42.18 -41.28
CA CYS J 148 -51.58 -41.08 -41.38
C CYS J 148 -50.66 -41.19 -42.59
N ASN J 149 -50.13 -42.40 -42.84
CA ASN J 149 -49.22 -42.67 -43.94
C ASN J 149 -47.95 -41.83 -43.87
N GLY J 150 -47.57 -41.37 -42.68
CA GLY J 150 -46.38 -40.57 -42.50
C GLY J 150 -46.51 -39.11 -42.89
N VAL J 151 -47.71 -38.67 -43.27
CA VAL J 151 -47.94 -37.29 -43.69
C VAL J 151 -48.38 -36.47 -42.48
N GLU J 152 -47.77 -35.30 -42.30
CA GLU J 152 -48.03 -34.46 -41.13
C GLU J 152 -49.19 -33.49 -41.43
N GLY J 153 -50.38 -34.05 -41.48
CA GLY J 153 -51.61 -33.29 -41.55
C GLY J 153 -52.30 -33.21 -40.21
N PHE J 154 -53.59 -32.87 -40.24
CA PHE J 154 -54.34 -32.95 -39.00
C PHE J 154 -54.71 -34.40 -38.71
N ASN J 155 -55.01 -34.68 -37.44
CA ASN J 155 -55.11 -36.02 -36.88
C ASN J 155 -53.81 -36.80 -37.06
N CYS J 156 -52.73 -36.13 -37.44
CA CYS J 156 -51.40 -36.71 -37.63
C CYS J 156 -50.41 -35.76 -36.94
N TYR J 157 -50.20 -35.98 -35.65
CA TYR J 157 -49.43 -35.05 -34.82
C TYR J 157 -47.98 -35.50 -34.71
N PHE J 158 -47.08 -34.53 -34.70
CA PHE J 158 -45.69 -34.80 -34.35
C PHE J 158 -45.63 -35.12 -32.86
N PRO J 159 -44.94 -36.20 -32.46
CA PRO J 159 -45.04 -36.66 -31.07
C PRO J 159 -44.20 -35.88 -30.07
N LEU J 160 -43.34 -34.98 -30.52
CA LEU J 160 -42.45 -34.23 -29.63
C LEU J 160 -42.86 -32.77 -29.57
N GLN J 161 -42.77 -32.19 -28.38
CA GLN J 161 -43.14 -30.81 -28.12
C GLN J 161 -42.00 -30.11 -27.40
N SER J 162 -41.76 -28.85 -27.76
CA SER J 162 -40.74 -28.05 -27.11
C SER J 162 -41.18 -27.60 -25.74
N TYR J 163 -40.19 -27.34 -24.88
CA TYR J 163 -40.46 -26.84 -23.53
C TYR J 163 -40.55 -25.32 -23.49
N GLY J 164 -39.59 -24.63 -24.10
CA GLY J 164 -39.58 -23.17 -24.09
C GLY J 164 -39.27 -22.60 -22.72
N PHE J 165 -38.11 -22.94 -22.17
CA PHE J 165 -37.74 -22.48 -20.83
C PHE J 165 -37.34 -21.01 -20.88
N GLN J 166 -37.99 -20.19 -20.05
CA GLN J 166 -37.70 -18.77 -20.02
C GLN J 166 -37.35 -18.34 -18.60
N PRO J 167 -36.38 -17.44 -18.43
CA PRO J 167 -35.79 -17.21 -17.10
C PRO J 167 -36.73 -16.60 -16.08
N THR J 168 -37.43 -15.53 -16.45
CA THR J 168 -38.21 -14.77 -15.47
C THR J 168 -39.44 -15.50 -14.96
N ASN J 169 -39.68 -16.73 -15.42
CA ASN J 169 -40.84 -17.48 -14.95
C ASN J 169 -40.68 -17.88 -13.49
N GLY J 170 -41.74 -18.48 -12.94
CA GLY J 170 -41.67 -19.04 -11.61
C GLY J 170 -40.92 -20.35 -11.58
N VAL J 171 -40.60 -20.79 -10.36
CA VAL J 171 -39.78 -21.99 -10.20
C VAL J 171 -40.52 -23.25 -10.64
N GLY J 172 -41.84 -23.19 -10.76
CA GLY J 172 -42.59 -24.36 -11.20
C GLY J 172 -42.34 -24.72 -12.64
N TYR J 173 -41.96 -23.76 -13.47
CA TYR J 173 -41.66 -24.00 -14.87
C TYR J 173 -40.16 -23.98 -15.19
N GLN J 174 -39.32 -23.61 -14.23
CA GLN J 174 -37.89 -23.50 -14.50
C GLN J 174 -37.28 -24.87 -14.75
N PRO J 175 -36.26 -24.95 -15.61
CA PRO J 175 -35.63 -26.24 -15.88
C PRO J 175 -34.91 -26.80 -14.66
N TYR J 176 -34.95 -28.12 -14.54
CA TYR J 176 -34.33 -28.85 -13.45
C TYR J 176 -33.56 -30.03 -14.04
N ARG J 177 -32.32 -30.21 -13.58
CA ARG J 177 -31.50 -31.33 -14.00
C ARG J 177 -31.68 -32.48 -13.01
N VAL J 178 -31.96 -33.67 -13.54
CA VAL J 178 -32.31 -34.83 -12.73
C VAL J 178 -31.35 -35.97 -13.06
N VAL J 179 -30.81 -36.61 -12.03
CA VAL J 179 -30.00 -37.81 -12.14
C VAL J 179 -30.59 -38.87 -11.20
N VAL J 180 -30.89 -40.04 -11.76
CA VAL J 180 -31.46 -41.15 -11.02
C VAL J 180 -30.41 -42.25 -10.95
N LEU J 181 -30.08 -42.66 -9.73
CA LEU J 181 -29.11 -43.73 -9.49
C LEU J 181 -29.86 -45.01 -9.15
N SER J 182 -29.68 -46.02 -9.98
CA SER J 182 -30.29 -47.34 -9.79
C SER J 182 -29.23 -48.34 -9.40
N PHE J 183 -29.51 -49.12 -8.35
CA PHE J 183 -28.57 -50.07 -7.81
C PHE J 183 -28.88 -51.47 -8.35
N GLU J 184 -27.84 -52.16 -8.84
CA GLU J 184 -27.98 -53.51 -9.38
C GLU J 184 -27.17 -54.45 -8.51
N LEU J 185 -27.87 -55.36 -7.84
CA LEU J 185 -27.25 -56.38 -6.99
C LEU J 185 -27.61 -57.75 -7.54
N LEU J 186 -26.64 -58.43 -8.12
CA LEU J 186 -26.83 -59.74 -8.73
C LEU J 186 -25.88 -60.74 -8.09
N HIS J 187 -26.01 -62.00 -8.49
CA HIS J 187 -25.09 -63.04 -8.04
C HIS J 187 -23.75 -62.88 -8.75
N ALA J 188 -23.01 -61.84 -8.38
CA ALA J 188 -21.76 -61.47 -9.04
C ALA J 188 -20.94 -60.66 -8.06
N PRO J 189 -19.62 -60.58 -8.25
CA PRO J 189 -18.80 -59.80 -7.33
C PRO J 189 -19.21 -58.32 -7.33
N ALA J 190 -19.51 -57.81 -6.14
CA ALA J 190 -19.91 -56.41 -6.01
C ALA J 190 -18.71 -55.51 -6.28
N THR J 191 -18.87 -54.59 -7.24
CA THR J 191 -17.79 -53.71 -7.64
C THR J 191 -17.94 -52.29 -7.12
N VAL J 192 -19.05 -51.97 -6.46
CA VAL J 192 -19.27 -50.64 -5.89
C VAL J 192 -19.65 -50.81 -4.43
N CYS J 193 -18.84 -50.27 -3.53
CA CYS J 193 -19.08 -50.34 -2.10
C CYS J 193 -18.71 -49.00 -1.47
N GLY J 194 -18.91 -48.90 -0.16
CA GLY J 194 -18.54 -47.72 0.57
C GLY J 194 -17.14 -47.83 1.16
N PRO J 195 -16.64 -46.74 1.74
CA PRO J 195 -15.31 -46.71 2.35
C PRO J 195 -15.30 -47.28 3.76
N SER K 2 -30.86 -10.31 6.34
CA SER K 2 -31.50 -10.08 5.04
C SER K 2 -33.00 -10.36 5.11
N VAL K 3 -33.68 -9.70 6.04
CA VAL K 3 -35.11 -9.91 6.22
C VAL K 3 -35.88 -9.30 5.07
N LEU K 4 -37.05 -9.86 4.78
CA LEU K 4 -37.94 -9.30 3.78
C LEU K 4 -38.63 -8.06 4.33
N THR K 5 -38.65 -6.99 3.54
CA THR K 5 -39.17 -5.71 4.01
C THR K 5 -40.68 -5.66 3.83
N GLN K 6 -41.39 -5.30 4.90
CA GLN K 6 -42.83 -5.14 4.90
C GLN K 6 -43.22 -3.80 5.50
N PRO K 7 -44.34 -3.23 5.07
CA PRO K 7 -44.83 -2.01 5.70
C PRO K 7 -45.28 -2.29 7.12
N PRO K 8 -44.99 -1.39 8.07
CA PRO K 8 -45.41 -1.63 9.45
C PRO K 8 -46.93 -1.66 9.63
N SER K 9 -47.68 -1.01 8.75
CA SER K 9 -49.12 -0.92 8.91
C SER K 9 -49.79 -0.84 7.54
N ALA K 10 -51.10 -1.08 7.53
CA ALA K 10 -51.90 -0.98 6.31
C ALA K 10 -53.33 -0.64 6.74
N SER K 11 -53.70 0.62 6.60
CA SER K 11 -55.00 1.10 7.04
C SER K 11 -56.06 0.94 5.95
N GLY K 12 -57.30 1.20 6.31
CA GLY K 12 -58.39 1.13 5.35
C GLY K 12 -59.76 1.42 5.95
N ALA K 13 -60.59 2.13 5.19
CA ALA K 13 -61.96 2.35 5.60
C ALA K 13 -62.77 1.06 5.42
N PRO K 14 -63.87 0.91 6.15
CA PRO K 14 -64.69 -0.31 6.01
C PRO K 14 -65.15 -0.52 4.57
N GLY K 15 -64.72 -1.65 3.99
CA GLY K 15 -65.06 -1.98 2.63
C GLY K 15 -63.99 -1.69 1.59
N GLN K 16 -62.80 -1.26 2.02
CA GLN K 16 -61.75 -0.85 1.09
C GLN K 16 -61.08 -2.05 0.44
N ARG K 17 -60.10 -1.76 -0.42
CA ARG K 17 -59.18 -2.74 -0.98
C ARG K 17 -57.80 -2.40 -0.44
N VAL K 18 -57.26 -3.29 0.38
CA VAL K 18 -55.99 -3.06 1.08
C VAL K 18 -54.92 -3.95 0.45
N THR K 19 -53.73 -3.39 0.27
CA THR K 19 -52.61 -4.11 -0.32
C THR K 19 -51.44 -4.12 0.65
N ILE K 20 -50.82 -5.29 0.81
CA ILE K 20 -49.63 -5.46 1.64
C ILE K 20 -48.52 -6.01 0.76
N SER K 21 -47.35 -5.37 0.81
CA SER K 21 -46.24 -5.70 -0.06
C SER K 21 -45.13 -6.43 0.71
N CYS K 22 -44.37 -7.24 -0.01
CA CYS K 22 -43.19 -7.91 0.52
C CYS K 22 -42.09 -7.78 -0.51
N THR K 23 -40.98 -7.14 -0.13
CA THR K 23 -39.86 -6.91 -1.02
C THR K 23 -38.73 -7.87 -0.70
N GLY K 24 -38.24 -8.56 -1.73
CA GLY K 24 -37.17 -9.52 -1.54
C GLY K 24 -35.93 -9.22 -2.35
N SER K 25 -35.06 -10.21 -2.50
CA SER K 25 -33.84 -10.09 -3.26
C SER K 25 -33.99 -10.77 -4.62
N SER K 26 -32.89 -10.86 -5.37
CA SER K 26 -32.84 -11.70 -6.56
C SER K 26 -32.62 -13.16 -6.22
N SER K 27 -32.38 -13.48 -4.94
CA SER K 27 -32.10 -14.84 -4.52
C SER K 27 -33.30 -15.56 -3.92
N ASN K 28 -34.33 -14.83 -3.48
CA ASN K 28 -35.50 -15.47 -2.88
C ASN K 28 -36.75 -15.27 -3.73
N ILE K 29 -37.16 -14.03 -3.98
CA ILE K 29 -38.39 -13.80 -4.74
C ILE K 29 -38.06 -13.55 -6.20
N GLY K 30 -36.91 -12.94 -6.46
CA GLY K 30 -36.49 -12.62 -7.81
C GLY K 30 -35.94 -13.83 -8.53
N ALA K 31 -36.13 -15.00 -7.95
CA ALA K 31 -35.67 -16.23 -8.56
C ALA K 31 -36.79 -17.25 -8.77
N GLY K 32 -38.03 -16.87 -8.52
CA GLY K 32 -39.15 -17.76 -8.77
C GLY K 32 -39.61 -18.59 -7.59
N HIS K 33 -38.91 -18.52 -6.46
CA HIS K 33 -39.35 -19.25 -5.27
C HIS K 33 -40.72 -18.74 -4.83
N TYR K 34 -41.59 -19.67 -4.46
CA TYR K 34 -42.97 -19.33 -4.12
C TYR K 34 -43.05 -18.66 -2.76
N VAL K 35 -43.91 -17.64 -2.67
CA VAL K 35 -44.12 -16.86 -1.46
C VAL K 35 -45.37 -17.36 -0.76
N SER K 36 -45.33 -17.43 0.56
CA SER K 36 -46.47 -17.86 1.36
C SER K 36 -46.92 -16.74 2.27
N TRP K 37 -48.23 -16.54 2.36
CA TRP K 37 -48.83 -15.50 3.19
C TRP K 37 -49.57 -16.14 4.34
N TYR K 38 -49.23 -15.73 5.57
CA TYR K 38 -49.81 -16.23 6.81
C TYR K 38 -50.45 -15.09 7.58
N GLN K 39 -51.51 -15.43 8.32
CA GLN K 39 -52.25 -14.48 9.14
C GLN K 39 -52.17 -14.88 10.61
N GLN K 40 -51.92 -13.91 11.48
CA GLN K 40 -51.84 -14.11 12.92
C GLN K 40 -52.81 -13.16 13.60
N LEU K 41 -53.82 -13.74 14.25
CA LEU K 41 -54.74 -12.99 15.09
C LEU K 41 -54.09 -12.71 16.45
N PRO K 42 -54.60 -11.72 17.19
CA PRO K 42 -54.01 -11.41 18.49
C PRO K 42 -54.02 -12.58 19.47
N GLY K 43 -52.84 -13.08 19.81
CA GLY K 43 -52.68 -14.14 20.78
C GLY K 43 -52.77 -15.55 20.24
N THR K 44 -53.11 -15.73 18.97
CA THR K 44 -53.30 -17.05 18.38
C THR K 44 -52.12 -17.42 17.49
N ALA K 45 -52.10 -18.68 17.09
CA ALA K 45 -51.07 -19.21 16.19
C ALA K 45 -51.30 -18.71 14.76
N PRO K 46 -50.23 -18.61 13.97
CA PRO K 46 -50.39 -18.18 12.59
C PRO K 46 -51.23 -19.15 11.78
N LYS K 47 -51.91 -18.61 10.77
CA LYS K 47 -52.78 -19.37 9.89
C LYS K 47 -52.38 -19.13 8.45
N LEU K 48 -52.24 -20.22 7.69
CA LEU K 48 -51.85 -20.09 6.28
C LEU K 48 -52.99 -19.50 5.46
N LEU K 49 -52.68 -18.49 4.65
CA LEU K 49 -53.64 -17.87 3.76
C LEU K 49 -53.35 -18.14 2.28
N ILE K 50 -52.13 -17.87 1.83
CA ILE K 50 -51.79 -17.96 0.42
C ILE K 50 -50.54 -18.82 0.24
N HIS K 51 -50.56 -19.70 -0.75
CA HIS K 51 -49.40 -20.49 -1.11
C HIS K 51 -49.20 -20.47 -2.62
N GLU K 52 -47.95 -20.65 -3.04
CA GLU K 52 -47.55 -20.57 -4.45
C GLU K 52 -47.89 -19.23 -5.08
N ASN K 53 -47.96 -18.19 -4.24
CA ASN K 53 -48.16 -16.79 -4.60
C ASN K 53 -49.56 -16.52 -5.11
N ASP K 54 -50.34 -17.56 -5.38
CA ASP K 54 -51.63 -17.36 -6.03
C ASP K 54 -52.77 -18.21 -5.48
N LYS K 55 -52.49 -19.35 -4.86
CA LYS K 55 -53.54 -20.32 -4.58
C LYS K 55 -54.11 -20.14 -3.17
N ARG K 56 -55.40 -20.42 -3.05
CA ARG K 56 -56.13 -20.27 -1.81
C ARG K 56 -56.58 -21.63 -1.29
N PRO K 57 -56.16 -22.05 -0.10
CA PRO K 57 -56.71 -23.29 0.47
C PRO K 57 -58.20 -23.15 0.72
N SER K 58 -58.90 -24.29 0.65
CA SER K 58 -60.32 -24.30 0.93
C SER K 58 -60.57 -23.82 2.36
N GLY K 59 -61.61 -23.02 2.53
CA GLY K 59 -61.93 -22.42 3.81
C GLY K 59 -61.42 -21.01 3.98
N VAL K 60 -60.47 -20.60 3.15
CA VAL K 60 -59.98 -19.23 3.15
C VAL K 60 -60.88 -18.40 2.25
N SER K 61 -61.26 -17.21 2.72
CA SER K 61 -62.16 -16.35 1.97
C SER K 61 -61.51 -15.92 0.65
N ASP K 62 -62.34 -15.74 -0.37
CA ASP K 62 -61.86 -15.39 -1.70
C ASP K 62 -61.59 -13.90 -1.86
N ARG K 63 -61.82 -13.10 -0.81
CA ARG K 63 -61.42 -11.69 -0.84
C ARG K 63 -59.91 -11.51 -0.72
N PHE K 64 -59.18 -12.58 -0.41
CA PHE K 64 -57.73 -12.54 -0.34
C PHE K 64 -57.14 -13.04 -1.64
N SER K 65 -56.18 -12.30 -2.19
CA SER K 65 -55.52 -12.66 -3.43
C SER K 65 -54.04 -12.37 -3.31
N GLY K 66 -53.24 -13.01 -4.17
CA GLY K 66 -51.81 -12.81 -4.16
C GLY K 66 -51.27 -12.66 -5.56
N SER K 67 -50.10 -12.01 -5.63
CA SER K 67 -49.45 -11.81 -6.92
C SER K 67 -47.95 -11.64 -6.69
N ARG K 68 -47.17 -11.89 -7.75
CA ARG K 68 -45.74 -11.69 -7.74
C ARG K 68 -45.32 -10.90 -8.97
N SER K 69 -44.46 -9.91 -8.78
CA SER K 69 -43.88 -9.16 -9.90
C SER K 69 -42.42 -8.88 -9.56
N GLY K 70 -41.52 -9.34 -10.43
CA GLY K 70 -40.09 -9.14 -10.18
C GLY K 70 -39.67 -9.80 -8.89
N ALA K 71 -39.09 -9.00 -7.99
CA ALA K 71 -38.67 -9.47 -6.68
C ALA K 71 -39.63 -9.03 -5.58
N SER K 72 -40.88 -8.71 -5.93
CA SER K 72 -41.86 -8.25 -4.96
C SER K 72 -43.10 -9.11 -5.03
N ALA K 73 -43.79 -9.23 -3.89
CA ALA K 73 -45.03 -9.98 -3.79
C ALA K 73 -46.08 -9.09 -3.13
N SER K 74 -47.34 -9.34 -3.46
CA SER K 74 -48.43 -8.52 -2.97
C SER K 74 -49.60 -9.38 -2.53
N LEU K 75 -50.19 -9.03 -1.39
CA LEU K 75 -51.40 -9.65 -0.87
C LEU K 75 -52.50 -8.60 -0.81
N THR K 76 -53.63 -8.90 -1.44
CA THR K 76 -54.73 -7.95 -1.59
C THR K 76 -55.96 -8.47 -0.86
N ILE K 77 -56.57 -7.61 -0.05
CA ILE K 77 -57.81 -7.92 0.67
C ILE K 77 -58.89 -6.99 0.15
N THR K 78 -59.96 -7.58 -0.38
CA THR K 78 -61.09 -6.82 -0.89
C THR K 78 -62.24 -6.87 0.10
N GLY K 79 -63.02 -5.79 0.15
CA GLY K 79 -64.12 -5.70 1.09
C GLY K 79 -63.64 -5.79 2.52
N LEU K 80 -62.92 -4.77 2.97
CA LEU K 80 -62.31 -4.79 4.29
C LEU K 80 -63.38 -4.94 5.38
N GLN K 81 -63.11 -5.83 6.33
CA GLN K 81 -64.01 -6.11 7.43
C GLN K 81 -63.31 -5.76 8.75
N SER K 82 -64.12 -5.53 9.78
CA SER K 82 -63.57 -5.24 11.09
C SER K 82 -62.87 -6.46 11.70
N GLY K 83 -63.28 -7.66 11.28
CA GLY K 83 -62.67 -8.88 11.77
C GLY K 83 -61.36 -9.26 11.12
N ASP K 84 -60.94 -8.52 10.10
CA ASP K 84 -59.68 -8.77 9.43
C ASP K 84 -58.51 -8.08 10.09
N GLU K 85 -58.74 -7.43 11.24
CA GLU K 85 -57.69 -6.70 11.96
C GLU K 85 -56.74 -7.71 12.58
N ALA K 86 -55.63 -8.00 11.90
CA ALA K 86 -54.66 -8.96 12.38
C ALA K 86 -53.30 -8.61 11.79
N ASP K 87 -52.30 -9.41 12.12
CA ASP K 87 -50.96 -9.26 11.55
C ASP K 87 -50.78 -10.24 10.39
N TYR K 88 -49.95 -9.85 9.43
CA TYR K 88 -49.73 -10.67 8.25
C TYR K 88 -48.24 -10.78 7.95
N TYR K 89 -47.81 -11.99 7.58
CA TYR K 89 -46.42 -12.27 7.30
C TYR K 89 -46.27 -12.96 5.95
N CYS K 90 -45.14 -12.73 5.31
CA CYS K 90 -44.79 -13.38 4.05
C CYS K 90 -43.49 -14.16 4.24
N SER K 91 -43.43 -15.34 3.66
CA SER K 91 -42.32 -16.28 3.85
C SER K 91 -41.83 -16.78 2.50
N VAL K 92 -40.50 -16.80 2.35
CA VAL K 92 -39.85 -17.24 1.12
C VAL K 92 -38.67 -18.14 1.51
N TRP K 93 -38.17 -18.88 0.53
CA TRP K 93 -36.94 -19.67 0.69
C TRP K 93 -35.82 -19.03 -0.11
N ASP K 94 -34.64 -18.96 0.50
CA ASP K 94 -33.45 -18.40 -0.11
C ASP K 94 -32.41 -19.47 -0.36
N ARG K 95 -31.52 -19.20 -1.31
CA ARG K 95 -30.48 -20.17 -1.65
C ARG K 95 -29.47 -20.36 -0.53
N SER K 96 -29.36 -19.41 0.40
CA SER K 96 -28.38 -19.53 1.46
C SER K 96 -28.95 -19.36 2.85
N LEU K 97 -29.94 -18.48 3.03
CA LEU K 97 -30.47 -18.18 4.36
C LEU K 97 -31.71 -19.01 4.71
N ASN K 98 -32.09 -19.96 3.86
CA ASN K 98 -33.19 -20.90 4.13
C ASN K 98 -34.50 -20.12 4.24
N THR K 99 -35.31 -20.35 5.25
CA THR K 99 -36.63 -19.73 5.33
C THR K 99 -36.53 -18.32 5.89
N LEU K 100 -37.19 -17.37 5.24
CA LEU K 100 -37.25 -15.98 5.67
C LEU K 100 -38.69 -15.55 5.81
N PHE K 101 -38.97 -14.80 6.87
CA PHE K 101 -40.28 -14.20 7.11
C PHE K 101 -40.19 -12.68 6.97
N GLY K 102 -41.35 -12.05 6.92
CA GLY K 102 -41.42 -10.60 6.85
C GLY K 102 -41.45 -9.96 8.22
N GLY K 103 -41.35 -8.63 8.22
CA GLY K 103 -41.37 -7.90 9.48
C GLY K 103 -42.74 -7.84 10.13
N GLY K 104 -43.80 -8.06 9.36
CA GLY K 104 -45.15 -8.05 9.90
C GLY K 104 -45.88 -6.75 9.63
N THR K 105 -47.08 -6.86 9.06
CA THR K 105 -47.92 -5.71 8.75
C THR K 105 -49.19 -5.79 9.59
N ARG K 106 -49.52 -4.70 10.27
CA ARG K 106 -50.70 -4.63 11.13
C ARG K 106 -51.81 -3.91 10.37
N VAL K 107 -52.96 -4.57 10.26
CA VAL K 107 -54.10 -4.05 9.51
C VAL K 107 -55.10 -3.44 10.49
N THR K 108 -55.53 -2.21 10.19
CA THR K 108 -56.47 -1.49 11.04
C THR K 108 -57.65 -1.01 10.20
N VAL K 109 -58.82 -0.97 10.82
CA VAL K 109 -60.02 -0.39 10.21
C VAL K 109 -60.24 0.97 10.85
N LEU K 110 -60.20 2.02 10.03
CA LEU K 110 -60.11 3.39 10.53
C LEU K 110 -61.46 3.83 11.06
N GLY K 111 -61.55 4.04 12.37
CA GLY K 111 -62.63 4.77 13.00
C GLY K 111 -62.26 6.18 13.40
N GLN K 112 -61.14 6.70 12.91
CA GLN K 112 -60.58 7.98 13.30
C GLN K 112 -59.55 8.38 12.25
N PRO K 113 -59.45 9.65 11.90
CA PRO K 113 -58.41 10.08 10.95
C PRO K 113 -57.01 9.92 11.53
N LYS K 114 -56.02 9.93 10.64
CA LYS K 114 -54.64 9.66 11.02
C LYS K 114 -54.14 10.69 12.04
N ALA K 115 -53.34 10.22 12.98
CA ALA K 115 -52.73 11.06 14.01
C ALA K 115 -51.21 11.02 13.88
N ALA K 116 -50.60 12.21 13.91
CA ALA K 116 -49.15 12.32 13.82
C ALA K 116 -48.51 12.05 15.18
N PRO K 117 -47.41 11.31 15.22
CA PRO K 117 -46.79 10.99 16.51
C PRO K 117 -46.05 12.18 17.10
N SER K 118 -46.34 12.47 18.36
CA SER K 118 -45.60 13.46 19.13
C SER K 118 -44.47 12.76 19.89
N VAL K 119 -43.25 13.28 19.74
CA VAL K 119 -42.04 12.63 20.24
C VAL K 119 -41.32 13.57 21.18
N THR K 120 -40.88 13.04 22.32
CA THR K 120 -40.08 13.78 23.29
C THR K 120 -38.88 12.94 23.69
N LEU K 121 -37.69 13.53 23.64
CA LEU K 121 -36.45 12.82 23.92
C LEU K 121 -35.79 13.41 25.15
N PHE K 122 -35.34 12.54 26.06
CA PHE K 122 -34.70 12.92 27.29
C PHE K 122 -33.30 12.33 27.38
N PRO K 123 -32.28 13.15 27.60
CA PRO K 123 -30.90 12.66 27.71
C PRO K 123 -30.62 12.15 29.11
N PRO K 124 -29.48 11.48 29.32
CA PRO K 124 -29.18 10.97 30.66
C PRO K 124 -28.99 12.11 31.67
N SER K 125 -29.44 11.87 32.90
CA SER K 125 -29.29 12.83 33.97
C SER K 125 -27.90 12.72 34.59
N SER K 126 -27.48 13.80 35.26
CA SER K 126 -26.15 13.83 35.87
C SER K 126 -26.03 12.81 37.00
N GLU K 127 -27.11 12.59 37.74
CA GLU K 127 -27.12 11.55 38.77
C GLU K 127 -26.86 10.19 38.16
N GLU K 128 -27.55 9.89 37.05
CA GLU K 128 -27.28 8.66 36.32
C GLU K 128 -25.84 8.61 35.84
N LEU K 129 -25.26 9.76 35.48
CA LEU K 129 -23.85 9.80 35.11
C LEU K 129 -22.97 9.38 36.27
N GLN K 130 -23.26 9.86 37.48
CA GLN K 130 -22.54 9.41 38.66
C GLN K 130 -22.77 7.94 38.95
N ALA K 131 -23.88 7.37 38.46
CA ALA K 131 -24.18 5.95 38.67
C ALA K 131 -23.56 5.05 37.60
N ASN K 132 -22.63 5.56 36.80
CA ASN K 132 -21.99 4.81 35.72
C ASN K 132 -23.04 4.24 34.76
N LYS K 133 -24.06 5.05 34.48
CA LYS K 133 -25.13 4.65 33.57
C LYS K 133 -25.51 5.85 32.71
N ALA K 134 -26.07 5.56 31.54
CA ALA K 134 -26.51 6.61 30.63
C ALA K 134 -27.57 6.02 29.71
N THR K 135 -28.81 6.47 29.87
CA THR K 135 -29.93 5.94 29.10
C THR K 135 -30.67 7.07 28.42
N LEU K 136 -30.87 6.94 27.11
CA LEU K 136 -31.67 7.88 26.35
C LEU K 136 -33.11 7.40 26.35
N VAL K 137 -34.05 8.31 26.64
CA VAL K 137 -35.46 7.96 26.80
C VAL K 137 -36.25 8.68 25.72
N CYS K 138 -36.81 7.93 24.77
CA CYS K 138 -37.63 8.49 23.71
C CYS K 138 -39.08 8.08 23.94
N LEU K 139 -39.98 9.06 23.94
CA LEU K 139 -41.39 8.82 24.22
C LEU K 139 -42.22 9.27 23.04
N ILE K 140 -43.10 8.40 22.55
CA ILE K 140 -43.97 8.67 21.41
C ILE K 140 -45.40 8.53 21.88
N SER K 141 -46.26 9.46 21.47
CA SER K 141 -47.66 9.39 21.88
C SER K 141 -48.53 10.10 20.85
N ASP K 142 -49.83 9.83 20.93
CA ASP K 142 -50.83 10.55 20.14
C ASP K 142 -50.71 10.26 18.65
N PHE K 143 -50.49 8.99 18.31
CA PHE K 143 -50.42 8.55 16.92
C PHE K 143 -51.45 7.46 16.67
N TYR K 144 -51.90 7.37 15.41
CA TYR K 144 -52.94 6.44 15.01
C TYR K 144 -52.86 6.20 13.51
N PRO K 145 -52.93 4.94 13.05
CA PRO K 145 -53.09 3.70 13.82
C PRO K 145 -51.84 3.30 14.59
N GLY K 146 -51.97 2.30 15.46
CA GLY K 146 -50.89 1.91 16.35
C GLY K 146 -49.83 1.03 15.72
N ALA K 147 -48.97 1.61 14.89
CA ALA K 147 -47.86 0.88 14.29
C ALA K 147 -46.82 1.88 13.83
N VAL K 148 -45.63 1.83 14.42
CA VAL K 148 -44.54 2.74 14.10
C VAL K 148 -43.24 1.95 14.06
N THR K 149 -42.21 2.56 13.49
CA THR K 149 -40.86 2.01 13.47
C THR K 149 -39.89 3.02 14.08
N VAL K 150 -38.91 2.52 14.83
CA VAL K 150 -37.99 3.36 15.60
C VAL K 150 -36.58 3.16 15.07
N ALA K 151 -35.83 4.27 14.99
CA ALA K 151 -34.43 4.24 14.57
C ALA K 151 -33.63 5.21 15.41
N TRP K 152 -32.53 4.72 15.99
CA TRP K 152 -31.63 5.54 16.78
C TRP K 152 -30.37 5.85 15.98
N LYS K 153 -29.90 7.09 16.09
CA LYS K 153 -28.74 7.55 15.34
C LYS K 153 -27.75 8.17 16.31
N ALA K 154 -26.52 7.66 16.32
CA ALA K 154 -25.41 8.33 16.99
C ALA K 154 -24.78 9.28 15.97
N ASP K 155 -24.87 10.58 16.24
CA ASP K 155 -24.49 11.62 15.30
C ASP K 155 -25.24 11.45 13.99
N SER K 156 -24.62 10.81 13.00
CA SER K 156 -25.24 10.58 11.70
C SER K 156 -25.20 9.13 11.27
N SER K 157 -24.88 8.21 12.19
CA SER K 157 -24.78 6.80 11.88
C SER K 157 -25.72 5.99 12.76
N PRO K 158 -26.33 4.92 12.25
CA PRO K 158 -27.35 4.20 13.03
C PRO K 158 -26.77 3.49 14.23
N VAL K 159 -27.68 3.06 15.11
CA VAL K 159 -27.34 2.29 16.30
C VAL K 159 -28.18 1.03 16.30
N LYS K 160 -27.54 -0.13 16.48
CA LYS K 160 -28.21 -1.41 16.44
C LYS K 160 -28.28 -2.13 17.76
N ALA K 161 -27.42 -1.78 18.73
CA ALA K 161 -27.33 -2.50 19.99
C ALA K 161 -27.79 -1.62 21.15
N GLY K 162 -28.41 -2.27 22.14
CA GLY K 162 -28.84 -1.57 23.33
C GLY K 162 -30.14 -0.80 23.19
N VAL K 163 -31.02 -1.22 22.28
CA VAL K 163 -32.28 -0.55 22.02
C VAL K 163 -33.42 -1.47 22.46
N GLU K 164 -34.29 -0.97 23.32
CA GLU K 164 -35.47 -1.71 23.75
C GLU K 164 -36.69 -0.81 23.58
N THR K 165 -37.63 -1.25 22.75
CA THR K 165 -38.82 -0.47 22.42
C THR K 165 -40.06 -1.20 22.89
N THR K 166 -41.02 -0.45 23.43
CA THR K 166 -42.25 -1.02 23.96
C THR K 166 -43.31 -1.18 22.87
N THR K 167 -44.25 -2.08 23.13
CA THR K 167 -45.36 -2.29 22.22
C THR K 167 -46.34 -1.12 22.29
N PRO K 168 -47.04 -0.82 21.19
CA PRO K 168 -48.00 0.29 21.21
C PRO K 168 -49.16 0.06 22.17
N SER K 169 -49.22 0.86 23.23
CA SER K 169 -50.31 0.78 24.20
C SER K 169 -51.48 1.65 23.75
N LYS K 170 -52.58 1.55 24.49
CA LYS K 170 -53.83 2.20 24.10
C LYS K 170 -54.21 3.20 25.19
N GLN K 171 -54.19 4.49 24.83
CA GLN K 171 -54.40 5.57 25.79
C GLN K 171 -55.89 5.79 26.05
N SER K 172 -56.18 6.71 26.97
CA SER K 172 -57.57 7.09 27.24
C SER K 172 -58.20 7.78 26.03
N ASN K 173 -57.45 8.65 25.36
CA ASN K 173 -57.95 9.40 24.22
C ASN K 173 -58.05 8.56 22.94
N ASN K 174 -57.92 7.24 23.05
CA ASN K 174 -58.04 6.30 21.93
C ASN K 174 -56.97 6.50 20.87
N LYS K 175 -55.84 7.11 21.24
CA LYS K 175 -54.67 7.21 20.38
C LYS K 175 -53.49 6.51 21.05
N TYR K 176 -52.60 5.96 20.23
CA TYR K 176 -51.60 5.03 20.73
C TYR K 176 -50.36 5.76 21.25
N ALA K 177 -49.59 5.04 22.06
CA ALA K 177 -48.36 5.55 22.64
C ALA K 177 -47.36 4.40 22.77
N ALA K 178 -46.09 4.77 22.88
CA ALA K 178 -45.00 3.81 23.00
C ALA K 178 -43.77 4.53 23.52
N SER K 179 -42.75 3.75 23.88
CA SER K 179 -41.52 4.31 24.39
C SER K 179 -40.34 3.43 23.97
N SER K 180 -39.17 4.06 23.91
CA SER K 180 -37.93 3.39 23.54
C SER K 180 -36.82 3.84 24.48
N TYR K 181 -35.93 2.91 24.81
CA TYR K 181 -34.81 3.18 25.70
C TYR K 181 -33.52 2.73 25.03
N LEU K 182 -32.53 3.61 25.03
CA LEU K 182 -31.21 3.33 24.47
C LEU K 182 -30.18 3.31 25.58
N SER K 183 -29.40 2.23 25.63
CA SER K 183 -28.39 2.03 26.67
C SER K 183 -27.00 2.27 26.09
N LEU K 184 -26.21 3.07 26.79
CA LEU K 184 -24.84 3.36 26.35
C LEU K 184 -24.02 3.82 27.54
N THR K 185 -22.70 3.72 27.39
CA THR K 185 -21.78 4.15 28.44
C THR K 185 -21.63 5.68 28.42
N PRO K 186 -21.26 6.28 29.55
CA PRO K 186 -21.04 7.73 29.57
C PRO K 186 -19.98 8.20 28.59
N GLU K 187 -18.93 7.40 28.38
CA GLU K 187 -17.90 7.77 27.41
C GLU K 187 -18.47 7.79 25.99
N GLN K 188 -19.32 6.81 25.65
CA GLN K 188 -19.99 6.84 24.35
C GLN K 188 -20.91 8.05 24.24
N TRP K 189 -21.52 8.47 25.36
CA TRP K 189 -22.34 9.69 25.35
C TRP K 189 -21.49 10.92 25.04
N LYS K 190 -20.31 11.01 25.67
CA LYS K 190 -19.45 12.17 25.47
C LYS K 190 -18.68 12.13 24.15
N SER K 191 -18.51 10.94 23.55
CA SER K 191 -17.77 10.83 22.31
C SER K 191 -18.62 11.10 21.08
N HIS K 192 -19.91 11.34 21.24
CA HIS K 192 -20.81 11.68 20.14
C HIS K 192 -21.35 13.08 20.36
N ARG K 193 -21.31 13.90 19.31
CA ARG K 193 -21.79 15.27 19.43
C ARG K 193 -23.31 15.35 19.57
N SER K 194 -24.03 14.31 19.15
CA SER K 194 -25.49 14.32 19.22
C SER K 194 -26.02 12.90 19.13
N TYR K 195 -27.26 12.74 19.56
CA TYR K 195 -28.00 11.49 19.43
C TYR K 195 -29.42 11.81 18.98
N SER K 196 -29.95 11.00 18.07
CA SER K 196 -31.22 11.27 17.42
C SER K 196 -32.15 10.07 17.55
N CYS K 197 -33.41 10.35 17.84
CA CYS K 197 -34.49 9.38 17.84
C CYS K 197 -35.43 9.72 16.71
N GLN K 198 -35.67 8.77 15.80
CA GLN K 198 -36.47 9.04 14.61
C GLN K 198 -37.52 7.95 14.44
N VAL K 199 -38.77 8.37 14.27
CA VAL K 199 -39.91 7.46 14.24
C VAL K 199 -40.60 7.60 12.88
N THR K 200 -40.88 6.47 12.25
CA THR K 200 -41.52 6.42 10.93
C THR K 200 -42.89 5.78 11.05
N HIS K 201 -43.89 6.47 10.50
CA HIS K 201 -45.28 5.99 10.49
C HIS K 201 -45.90 6.36 9.14
N GLU K 202 -46.40 5.35 8.43
CA GLU K 202 -47.12 5.53 7.17
C GLU K 202 -46.30 6.36 6.17
N GLY K 203 -44.98 6.15 6.18
CA GLY K 203 -44.11 6.83 5.25
C GLY K 203 -43.70 8.23 5.64
N SER K 204 -43.96 8.66 6.87
CA SER K 204 -43.56 9.97 7.35
C SER K 204 -42.68 9.82 8.58
N THR K 205 -41.66 10.66 8.68
CA THR K 205 -40.64 10.54 9.72
C THR K 205 -40.66 11.76 10.64
N VAL K 206 -40.45 11.51 11.93
CA VAL K 206 -40.37 12.54 12.95
C VAL K 206 -39.04 12.38 13.70
N GLU K 207 -38.32 13.48 13.87
CA GLU K 207 -36.98 13.48 14.45
C GLU K 207 -36.96 14.25 15.77
N LYS K 208 -36.12 13.79 16.69
CA LYS K 208 -35.80 14.55 17.90
C LYS K 208 -34.35 14.26 18.28
N THR K 209 -33.55 15.31 18.42
CA THR K 209 -32.11 15.16 18.62
C THR K 209 -31.67 15.93 19.86
N VAL K 210 -30.77 15.32 20.64
CA VAL K 210 -30.19 15.93 21.82
C VAL K 210 -28.67 15.90 21.69
N ALA K 211 -28.00 16.74 22.47
CA ALA K 211 -26.56 16.85 22.45
C ALA K 211 -26.01 16.92 23.86
N PRO K 212 -24.80 16.39 24.09
CA PRO K 212 -24.19 16.51 25.43
C PRO K 212 -23.91 17.93 25.85
N THR K 213 -23.68 18.84 24.91
CA THR K 213 -23.31 20.22 25.23
C THR K 213 -24.56 21.02 25.61
N GLU K 214 -25.13 20.66 26.76
CA GLU K 214 -26.32 21.32 27.26
C GLU K 214 -25.99 22.69 27.84
N GLU L 1 -59.62 -34.73 13.62
CA GLU L 1 -59.01 -33.45 14.01
C GLU L 1 -57.48 -33.54 13.95
N VAL L 2 -56.91 -33.04 12.86
CA VAL L 2 -55.46 -33.03 12.70
C VAL L 2 -54.85 -32.01 13.66
N GLN L 3 -53.94 -32.48 14.53
CA GLN L 3 -53.40 -31.62 15.57
C GLN L 3 -51.89 -31.79 15.67
N LEU L 4 -51.23 -30.70 16.03
CA LEU L 4 -49.84 -30.68 16.46
C LEU L 4 -49.80 -30.00 17.82
N VAL L 5 -49.23 -30.69 18.82
CA VAL L 5 -49.23 -30.20 20.19
C VAL L 5 -47.79 -30.15 20.70
N GLU L 6 -47.39 -28.99 21.21
CA GLU L 6 -46.09 -28.83 21.83
C GLU L 6 -46.21 -28.79 23.35
N SER L 7 -45.13 -29.16 24.03
CA SER L 7 -45.11 -29.18 25.47
C SER L 7 -43.67 -29.17 25.95
N GLY L 8 -43.50 -28.81 27.22
CA GLY L 8 -42.21 -28.89 27.87
C GLY L 8 -41.47 -27.59 28.09
N GLY L 9 -42.15 -26.45 28.06
CA GLY L 9 -41.51 -25.16 28.25
C GLY L 9 -41.54 -24.67 29.68
N GLY L 10 -41.39 -23.37 29.84
CA GLY L 10 -41.43 -22.77 31.16
C GLY L 10 -40.28 -21.84 31.46
N LEU L 11 -39.91 -21.74 32.74
CA LEU L 11 -38.86 -20.84 33.20
C LEU L 11 -37.54 -21.58 33.28
N VAL L 12 -36.52 -21.05 32.61
CA VAL L 12 -35.18 -21.64 32.58
C VAL L 12 -34.18 -20.58 33.02
N GLN L 13 -33.15 -21.03 33.73
CA GLN L 13 -32.06 -20.15 34.10
C GLN L 13 -31.11 -19.96 32.92
N PRO L 14 -30.46 -18.79 32.82
CA PRO L 14 -29.51 -18.57 31.72
C PRO L 14 -28.36 -19.57 31.77
N GLY L 15 -28.22 -20.35 30.70
CA GLY L 15 -27.22 -21.38 30.59
C GLY L 15 -27.71 -22.79 30.77
N GLY L 16 -28.96 -22.97 31.20
CA GLY L 16 -29.52 -24.29 31.42
C GLY L 16 -29.90 -24.98 30.14
N SER L 17 -30.68 -26.05 30.28
CA SER L 17 -31.12 -26.85 29.15
C SER L 17 -32.60 -27.15 29.29
N LEU L 18 -33.26 -27.39 28.15
CA LEU L 18 -34.68 -27.71 28.14
C LEU L 18 -35.04 -28.42 26.85
N ARG L 19 -35.94 -29.39 26.95
CA ARG L 19 -36.41 -30.14 25.78
C ARG L 19 -37.88 -29.84 25.54
N LEU L 20 -38.21 -29.47 24.30
CA LEU L 20 -39.58 -29.25 23.88
C LEU L 20 -40.02 -30.39 22.98
N SER L 21 -41.18 -30.97 23.26
CA SER L 21 -41.70 -32.09 22.49
C SER L 21 -42.91 -31.65 21.68
N CYS L 22 -42.98 -32.12 20.44
CA CYS L 22 -44.10 -31.82 19.55
C CYS L 22 -44.64 -33.13 19.01
N SER L 23 -45.88 -33.45 19.35
CA SER L 23 -46.53 -34.69 18.95
C SER L 23 -47.68 -34.38 17.99
N ALA L 24 -47.82 -35.23 16.98
CA ALA L 24 -48.85 -35.08 15.97
C ALA L 24 -49.97 -36.09 16.18
N SER L 25 -51.13 -35.80 15.59
CA SER L 25 -52.26 -36.72 15.67
C SER L 25 -53.19 -36.44 14.50
N GLY L 26 -53.30 -37.39 13.57
CA GLY L 26 -54.27 -37.28 12.50
C GLY L 26 -53.73 -37.43 11.09
N PHE L 27 -52.45 -37.72 10.94
CA PHE L 27 -51.85 -37.86 9.62
C PHE L 27 -50.58 -38.69 9.72
N ARG L 28 -50.10 -39.15 8.57
CA ARG L 28 -48.86 -39.92 8.51
C ARG L 28 -47.69 -39.02 8.86
N PHE L 29 -47.14 -39.22 10.06
CA PHE L 29 -46.12 -38.31 10.58
C PHE L 29 -44.79 -38.46 9.85
N SER L 30 -44.49 -39.65 9.33
CA SER L 30 -43.18 -39.92 8.75
C SER L 30 -43.02 -39.39 7.34
N ASP L 31 -44.02 -38.68 6.80
CA ASP L 31 -43.98 -38.20 5.43
C ASP L 31 -43.79 -36.70 5.31
N TYR L 32 -43.72 -35.97 6.42
CA TYR L 32 -43.66 -34.51 6.38
C TYR L 32 -42.39 -34.01 7.05
N TRP L 33 -41.82 -32.95 6.48
CA TRP L 33 -40.74 -32.22 7.14
C TRP L 33 -41.32 -31.36 8.26
N ILE L 34 -40.56 -31.23 9.34
CA ILE L 34 -41.04 -30.57 10.55
C ILE L 34 -40.19 -29.34 10.82
N ASN L 35 -40.83 -28.20 11.03
CA ASN L 35 -40.16 -26.93 11.26
C ASN L 35 -40.50 -26.37 12.63
N TRP L 36 -39.52 -25.73 13.23
CA TRP L 36 -39.67 -24.98 14.48
C TRP L 36 -39.49 -23.51 14.19
N VAL L 37 -40.47 -22.70 14.60
CA VAL L 37 -40.50 -21.26 14.41
C VAL L 37 -40.79 -20.58 15.75
N ARG L 38 -39.94 -19.64 16.14
CA ARG L 38 -40.13 -18.96 17.41
C ARG L 38 -40.50 -17.50 17.21
N GLN L 39 -41.16 -16.94 18.23
CA GLN L 39 -41.60 -15.54 18.19
C GLN L 39 -41.34 -14.92 19.56
N ALA L 40 -40.51 -13.88 19.58
CA ALA L 40 -40.26 -13.15 20.82
C ALA L 40 -41.50 -12.33 21.20
N PRO L 41 -41.67 -12.02 22.48
CA PRO L 41 -42.85 -11.25 22.92
C PRO L 41 -42.94 -9.92 22.18
N GLY L 42 -44.01 -9.77 21.40
CA GLY L 42 -44.22 -8.55 20.65
C GLY L 42 -43.33 -8.36 19.45
N LYS L 43 -42.76 -9.44 18.92
CA LYS L 43 -41.86 -9.37 17.78
C LYS L 43 -42.40 -10.27 16.65
N GLY L 44 -41.61 -10.40 15.59
CA GLY L 44 -42.02 -11.16 14.43
C GLY L 44 -41.74 -12.64 14.58
N LEU L 45 -41.87 -13.35 13.46
CA LEU L 45 -41.68 -14.80 13.43
C LEU L 45 -40.31 -15.11 12.83
N GLU L 46 -39.51 -15.87 13.59
CA GLU L 46 -38.17 -16.26 13.16
C GLU L 46 -38.12 -17.77 12.99
N TRP L 47 -37.70 -18.21 11.81
CA TRP L 47 -37.50 -19.64 11.58
C TRP L 47 -36.31 -20.12 12.40
N VAL L 48 -36.52 -21.17 13.17
CA VAL L 48 -35.46 -21.76 13.99
C VAL L 48 -34.82 -22.95 13.30
N GLY L 49 -35.63 -23.88 12.79
CA GLY L 49 -35.00 -25.02 12.13
C GLY L 49 -36.00 -25.93 11.46
N PHE L 50 -35.46 -26.94 10.78
CA PHE L 50 -36.31 -27.96 10.18
C PHE L 50 -35.57 -29.29 10.15
N ILE L 51 -36.36 -30.36 10.07
CA ILE L 51 -35.87 -31.73 9.98
C ILE L 51 -36.64 -32.45 8.88
N LYS L 52 -35.91 -33.26 8.10
CA LYS L 52 -36.47 -33.96 6.96
C LYS L 52 -37.08 -35.29 7.39
N THR L 53 -37.41 -36.14 6.42
CA THR L 53 -38.04 -37.42 6.69
C THR L 53 -36.97 -38.51 6.83
N LYS L 54 -37.42 -39.76 6.95
CA LYS L 54 -36.49 -40.87 7.13
C LYS L 54 -35.68 -41.12 5.86
N ALA L 55 -36.37 -41.41 4.75
CA ALA L 55 -35.69 -41.71 3.50
C ALA L 55 -35.33 -40.43 2.76
N ASP L 56 -34.65 -39.51 3.44
CA ASP L 56 -34.24 -38.23 2.86
C ASP L 56 -32.81 -37.98 3.28
N PHE L 57 -31.88 -38.03 2.33
CA PHE L 57 -30.47 -37.86 2.65
C PHE L 57 -30.20 -36.42 3.07
N GLY L 58 -29.65 -36.26 4.25
CA GLY L 58 -29.34 -34.95 4.78
C GLY L 58 -29.59 -34.88 6.28
N THR L 59 -29.04 -33.85 6.90
CA THR L 59 -29.16 -33.61 8.33
C THR L 59 -29.98 -32.34 8.58
N PRO L 60 -30.60 -32.21 9.75
CA PRO L 60 -31.42 -31.02 10.03
C PRO L 60 -30.62 -29.74 9.92
N ALA L 61 -31.25 -28.70 9.39
CA ALA L 61 -30.64 -27.38 9.26
C ALA L 61 -31.15 -26.46 10.36
N TYR L 62 -30.27 -25.57 10.81
CA TYR L 62 -30.55 -24.70 11.93
C TYR L 62 -30.24 -23.26 11.57
N ALA L 63 -30.83 -22.33 12.32
CA ALA L 63 -30.55 -20.92 12.14
C ALA L 63 -29.14 -20.60 12.64
N GLU L 64 -28.56 -19.53 12.07
CA GLU L 64 -27.18 -19.19 12.40
C GLU L 64 -27.03 -18.80 13.87
N SER L 65 -28.02 -18.10 14.42
CA SER L 65 -27.91 -17.62 15.79
C SER L 65 -27.98 -18.74 16.81
N VAL L 66 -28.42 -19.93 16.42
CA VAL L 66 -28.57 -21.05 17.35
C VAL L 66 -27.81 -22.28 16.89
N LYS L 67 -27.06 -22.21 15.79
CA LYS L 67 -26.31 -23.36 15.32
C LYS L 67 -25.24 -23.76 16.32
N GLY L 68 -25.25 -25.04 16.71
CA GLY L 68 -24.36 -25.53 17.74
C GLY L 68 -24.93 -25.51 19.13
N ARG L 69 -26.05 -24.82 19.35
CA ARG L 69 -26.72 -24.77 20.65
C ARG L 69 -28.08 -25.44 20.65
N PHE L 70 -28.77 -25.47 19.51
CA PHE L 70 -30.08 -26.08 19.39
C PHE L 70 -29.96 -27.34 18.54
N SER L 71 -30.67 -28.40 18.94
CA SER L 71 -30.67 -29.65 18.19
C SER L 71 -32.12 -30.09 17.97
N ILE L 72 -32.37 -30.69 16.81
CA ILE L 72 -33.69 -31.18 16.45
C ILE L 72 -33.58 -32.65 16.09
N SER L 73 -34.42 -33.48 16.71
CA SER L 73 -34.48 -34.90 16.40
C SER L 73 -35.94 -35.31 16.24
N ARG L 74 -36.15 -36.50 15.67
CA ARG L 74 -37.51 -37.00 15.50
C ARG L 74 -37.58 -38.47 15.88
N ASP L 75 -38.77 -38.90 16.28
CA ASP L 75 -39.05 -40.29 16.64
C ASP L 75 -40.36 -40.66 15.98
N ASP L 76 -40.29 -41.53 14.96
CA ASP L 76 -41.48 -41.91 14.22
C ASP L 76 -42.34 -42.90 14.98
N SER L 77 -41.75 -43.80 15.75
CA SER L 77 -42.54 -44.75 16.53
C SER L 77 -43.42 -44.06 17.55
N LYS L 78 -43.08 -42.83 17.95
CA LYS L 78 -43.89 -42.05 18.87
C LYS L 78 -44.50 -40.82 18.22
N ASN L 79 -44.19 -40.57 16.95
CA ASN L 79 -44.70 -39.39 16.23
C ASN L 79 -44.38 -38.10 16.97
N THR L 80 -43.11 -37.93 17.32
CA THR L 80 -42.72 -36.79 18.15
C THR L 80 -41.39 -36.21 17.69
N VAL L 81 -41.37 -34.88 17.53
CA VAL L 81 -40.15 -34.15 17.22
C VAL L 81 -39.68 -33.43 18.48
N TYR L 82 -38.40 -33.59 18.79
CA TYR L 82 -37.80 -33.02 19.99
C TYR L 82 -36.86 -31.89 19.61
N LEU L 83 -37.00 -30.77 20.30
CA LEU L 83 -36.11 -29.62 20.20
C LEU L 83 -35.36 -29.49 21.51
N GLN L 84 -34.06 -29.80 21.48
CA GLN L 84 -33.20 -29.73 22.66
C GLN L 84 -32.46 -28.40 22.61
N MET L 85 -32.62 -27.59 23.67
CA MET L 85 -32.00 -26.28 23.78
C MET L 85 -30.99 -26.32 24.91
N ASN L 86 -29.74 -26.02 24.60
CA ASN L 86 -28.65 -26.07 25.55
C ASN L 86 -27.88 -24.76 25.52
N SER L 87 -27.22 -24.44 26.64
CA SER L 87 -26.49 -23.19 26.81
C SER L 87 -27.39 -22.00 26.50
N LEU L 88 -28.56 -21.99 27.12
CA LEU L 88 -29.59 -21.01 26.82
C LEU L 88 -29.17 -19.61 27.24
N LYS L 89 -29.67 -18.62 26.52
CA LYS L 89 -29.45 -17.22 26.82
C LYS L 89 -30.79 -16.52 27.02
N THR L 90 -30.73 -15.30 27.57
CA THR L 90 -31.95 -14.52 27.74
C THR L 90 -32.57 -14.14 26.40
N GLU L 91 -31.79 -14.16 25.32
CA GLU L 91 -32.30 -13.83 24.00
C GLU L 91 -33.19 -14.93 23.43
N ASP L 92 -33.30 -16.06 24.11
CA ASP L 92 -34.10 -17.20 23.63
C ASP L 92 -35.50 -17.23 24.23
N THR L 93 -35.89 -16.20 24.98
CA THR L 93 -37.23 -16.14 25.56
C THR L 93 -38.24 -15.86 24.46
N ALA L 94 -39.12 -16.83 24.19
CA ALA L 94 -40.05 -16.71 23.07
C ALA L 94 -41.10 -17.80 23.16
N VAL L 95 -42.10 -17.70 22.29
CA VAL L 95 -43.10 -18.74 22.10
C VAL L 95 -42.70 -19.55 20.87
N TYR L 96 -42.63 -20.86 21.02
CA TYR L 96 -42.15 -21.75 19.98
C TYR L 96 -43.31 -22.52 19.38
N TYR L 97 -43.37 -22.56 18.05
CA TYR L 97 -44.41 -23.25 17.30
C TYR L 97 -43.78 -24.37 16.48
N CYS L 98 -44.47 -25.50 16.45
CA CYS L 98 -44.08 -26.67 15.67
C CYS L 98 -45.05 -26.83 14.52
N THR L 99 -44.53 -26.88 13.29
CA THR L 99 -45.36 -26.92 12.10
C THR L 99 -44.82 -27.94 11.12
N ARG L 100 -45.63 -28.27 10.12
CA ARG L 100 -45.27 -29.24 9.10
C ARG L 100 -45.19 -28.56 7.74
N ASP L 101 -44.44 -29.18 6.83
CA ASP L 101 -44.17 -28.60 5.52
C ASP L 101 -44.92 -29.39 4.45
N ARG L 102 -46.00 -28.80 3.93
CA ARG L 102 -46.61 -29.28 2.71
C ARG L 102 -45.98 -28.56 1.51
N GLY L 103 -46.30 -29.04 0.33
CA GLY L 103 -45.65 -28.53 -0.89
C GLY L 103 -44.37 -29.26 -1.17
N ILE L 104 -43.55 -29.46 -0.13
CA ILE L 104 -42.44 -30.40 -0.23
C ILE L 104 -42.96 -31.81 -0.44
N LEU L 105 -44.12 -32.13 0.13
CA LEU L 105 -44.73 -33.44 -0.07
C LEU L 105 -45.22 -33.61 -1.50
N GLU L 106 -45.76 -32.55 -2.10
CA GLU L 106 -46.31 -32.64 -3.45
C GLU L 106 -45.27 -32.39 -4.53
N TRP L 107 -44.53 -31.28 -4.42
CA TRP L 107 -43.60 -30.91 -5.47
C TRP L 107 -42.20 -31.49 -5.28
N LEU L 108 -41.84 -31.89 -4.05
CA LEU L 108 -40.56 -32.53 -3.76
C LEU L 108 -39.37 -31.65 -4.14
N ILE L 109 -39.53 -30.33 -4.03
CA ILE L 109 -38.44 -29.40 -4.27
C ILE L 109 -38.47 -28.34 -3.17
N ILE L 110 -37.28 -27.98 -2.67
CA ILE L 110 -37.17 -27.04 -1.57
C ILE L 110 -37.69 -25.66 -1.96
N GLU L 111 -37.70 -25.34 -3.25
CA GLU L 111 -38.12 -24.02 -3.70
C GLU L 111 -39.62 -23.80 -3.63
N ALA L 112 -40.40 -24.85 -3.37
CA ALA L 112 -41.85 -24.76 -3.26
C ALA L 112 -42.27 -25.41 -1.95
N GLY L 113 -42.72 -24.59 -1.00
CA GLY L 113 -43.14 -25.13 0.28
C GLY L 113 -43.97 -24.13 1.05
N TRP L 114 -44.78 -24.65 1.96
CA TRP L 114 -45.62 -23.84 2.82
C TRP L 114 -45.98 -24.65 4.07
N PHE L 115 -46.31 -23.94 5.13
CA PHE L 115 -46.69 -24.55 6.41
C PHE L 115 -48.20 -24.40 6.56
N ASP L 116 -48.92 -25.52 6.45
CA ASP L 116 -50.38 -25.52 6.54
C ASP L 116 -50.90 -25.83 7.94
N VAL L 117 -50.22 -26.69 8.68
CA VAL L 117 -50.66 -27.10 10.02
C VAL L 117 -49.64 -26.57 11.03
N TRP L 118 -50.13 -25.92 12.07
CA TRP L 118 -49.30 -25.31 13.10
C TRP L 118 -49.66 -25.92 14.46
N GLY L 119 -49.08 -25.34 15.50
CA GLY L 119 -49.38 -25.74 16.86
C GLY L 119 -49.68 -24.54 17.73
N PRO L 120 -50.26 -24.78 18.91
CA PRO L 120 -50.59 -23.66 19.81
C PRO L 120 -49.38 -22.85 20.24
N GLY L 121 -48.21 -23.48 20.36
CA GLY L 121 -47.02 -22.76 20.81
C GLY L 121 -46.81 -22.89 22.30
N VAL L 122 -45.54 -22.90 22.69
CA VAL L 122 -45.14 -23.10 24.08
C VAL L 122 -44.17 -22.00 24.47
N LEU L 123 -44.39 -21.41 25.65
CA LEU L 123 -43.60 -20.28 26.11
C LEU L 123 -42.35 -20.75 26.85
N VAL L 124 -41.22 -20.11 26.53
CA VAL L 124 -39.95 -20.36 27.20
C VAL L 124 -39.40 -19.01 27.65
N THR L 125 -39.18 -18.85 28.95
CA THR L 125 -38.69 -17.60 29.53
C THR L 125 -37.37 -17.88 30.23
N VAL L 126 -36.31 -17.18 29.81
CA VAL L 126 -34.98 -17.38 30.35
C VAL L 126 -34.59 -16.10 31.08
N SER L 127 -34.47 -16.19 32.41
CA SER L 127 -34.09 -15.05 33.23
C SER L 127 -33.75 -15.53 34.62
N SER L 128 -32.82 -14.81 35.26
CA SER L 128 -32.46 -15.04 36.66
C SER L 128 -32.91 -13.86 37.52
N ALA L 129 -34.10 -13.33 37.23
CA ALA L 129 -34.58 -12.12 37.87
C ALA L 129 -34.82 -12.36 39.37
N SER L 130 -34.79 -11.26 40.11
CA SER L 130 -35.03 -11.27 41.55
C SER L 130 -35.57 -9.91 41.97
N THR L 131 -36.17 -9.87 43.14
CA THR L 131 -36.73 -8.63 43.66
C THR L 131 -35.64 -7.56 43.75
N LYS L 132 -35.93 -6.37 43.23
CA LYS L 132 -34.96 -5.29 43.21
C LYS L 132 -35.68 -3.96 43.35
N GLY L 133 -35.10 -3.06 44.13
CA GLY L 133 -35.61 -1.73 44.28
C GLY L 133 -35.33 -0.88 43.05
N PRO L 134 -36.22 0.07 42.76
CA PRO L 134 -36.03 0.92 41.59
C PRO L 134 -35.02 2.02 41.83
N SER L 135 -34.53 2.59 40.73
CA SER L 135 -33.71 3.79 40.75
C SER L 135 -34.47 4.92 40.06
N VAL L 136 -34.61 6.04 40.75
CA VAL L 136 -35.39 7.17 40.29
C VAL L 136 -34.46 8.31 39.93
N PHE L 137 -34.58 8.81 38.71
CA PHE L 137 -33.74 9.92 38.25
C PHE L 137 -34.61 11.01 37.65
N PRO L 138 -34.47 12.25 38.08
CA PRO L 138 -35.26 13.34 37.50
C PRO L 138 -34.75 13.74 36.11
N LEU L 139 -35.62 14.43 35.38
CA LEU L 139 -35.33 14.89 34.03
C LEU L 139 -35.66 16.38 33.95
N ALA L 140 -34.74 17.16 33.41
CA ALA L 140 -34.91 18.61 33.36
C ALA L 140 -35.14 19.08 31.92
N PRO L 141 -35.91 20.15 31.73
CA PRO L 141 -36.11 20.71 30.40
C PRO L 141 -35.03 21.72 30.05
N SER L 142 -34.69 21.79 28.76
CA SER L 142 -33.71 22.76 28.31
C SER L 142 -34.28 23.80 27.34
N SER L 143 -34.74 23.38 26.17
CA SER L 143 -35.23 24.34 25.18
C SER L 143 -36.41 23.76 24.40
N LYS L 144 -37.35 23.11 25.08
CA LYS L 144 -38.42 22.39 24.42
C LYS L 144 -39.77 23.09 24.57
N SER L 145 -39.77 24.41 24.45
CA SER L 145 -41.01 25.19 24.49
C SER L 145 -41.28 25.86 23.15
N GLY L 149 -46.38 27.43 24.84
CA GLY L 149 -45.14 27.60 25.56
C GLY L 149 -45.07 26.82 26.86
N THR L 150 -45.25 25.50 26.77
CA THR L 150 -45.20 24.63 27.92
C THR L 150 -43.87 23.88 27.99
N ALA L 151 -43.59 23.31 29.15
CA ALA L 151 -42.38 22.53 29.37
C ALA L 151 -42.76 21.13 29.82
N ALA L 152 -41.80 20.21 29.71
CA ALA L 152 -42.02 18.80 30.05
C ALA L 152 -41.05 18.39 31.14
N LEU L 153 -41.59 18.13 32.33
CA LEU L 153 -40.83 17.55 33.42
C LEU L 153 -41.05 16.05 33.44
N GLY L 154 -40.25 15.34 34.22
CA GLY L 154 -40.47 13.91 34.36
C GLY L 154 -39.44 13.27 35.25
N CYS L 155 -39.69 12.01 35.56
CA CYS L 155 -38.74 11.20 36.30
C CYS L 155 -38.79 9.77 35.78
N LEU L 156 -37.62 9.14 35.75
CA LEU L 156 -37.41 7.80 35.19
C LEU L 156 -37.21 6.81 36.33
N VAL L 157 -37.93 5.70 36.27
CA VAL L 157 -37.86 4.62 37.23
C VAL L 157 -37.27 3.42 36.50
N LYS L 158 -36.06 3.03 36.87
CA LYS L 158 -35.30 2.02 36.15
C LYS L 158 -34.96 0.85 37.05
N ASP L 159 -34.95 -0.35 36.47
CA ASP L 159 -34.38 -1.53 37.13
C ASP L 159 -35.12 -1.85 38.44
N TYR L 160 -36.40 -2.14 38.30
CA TYR L 160 -37.22 -2.57 39.42
C TYR L 160 -37.89 -3.89 39.08
N PHE L 161 -38.21 -4.66 40.12
CA PHE L 161 -38.81 -5.97 39.93
C PHE L 161 -39.50 -6.39 41.22
N PRO L 162 -40.69 -7.00 41.15
CA PRO L 162 -41.47 -7.16 39.92
C PRO L 162 -42.55 -6.09 39.77
N GLU L 163 -43.44 -6.28 38.80
CA GLU L 163 -44.58 -5.40 38.66
C GLU L 163 -45.52 -5.54 39.86
N PRO L 164 -46.24 -4.47 40.23
CA PRO L 164 -46.17 -3.13 39.65
C PRO L 164 -45.49 -2.11 40.55
N VAL L 165 -45.30 -0.90 40.03
CA VAL L 165 -44.78 0.23 40.79
C VAL L 165 -45.71 1.41 40.51
N THR L 166 -45.82 2.31 41.49
CA THR L 166 -46.73 3.44 41.36
C THR L 166 -45.96 4.75 41.43
N VAL L 167 -46.35 5.70 40.59
CA VAL L 167 -45.70 7.01 40.48
C VAL L 167 -46.76 8.09 40.55
N SER L 168 -46.54 9.07 41.43
CA SER L 168 -47.41 10.22 41.57
C SER L 168 -46.56 11.49 41.57
N TRP L 169 -47.23 12.64 41.59
CA TRP L 169 -46.53 13.92 41.57
C TRP L 169 -47.07 14.82 42.66
N ASN L 170 -46.16 15.41 43.44
CA ASN L 170 -46.51 16.34 44.52
C ASN L 170 -47.54 15.73 45.48
N SER L 171 -47.32 14.46 45.82
CA SER L 171 -48.19 13.72 46.74
C SER L 171 -49.64 13.70 46.24
N GLY L 172 -49.80 13.56 44.93
CA GLY L 172 -51.11 13.45 44.33
C GLY L 172 -51.84 14.76 44.12
N ALA L 173 -51.24 15.89 44.50
CA ALA L 173 -51.90 17.18 44.30
C ALA L 173 -51.94 17.58 42.83
N LEU L 174 -50.89 17.27 42.07
CA LEU L 174 -50.79 17.62 40.66
C LEU L 174 -51.18 16.41 39.81
N THR L 175 -52.37 16.45 39.23
CA THR L 175 -52.86 15.39 38.37
C THR L 175 -53.10 15.81 36.93
N SER L 176 -53.17 17.10 36.65
CA SER L 176 -53.41 17.58 35.29
C SER L 176 -52.10 17.61 34.52
N GLY L 177 -52.10 17.00 33.33
CA GLY L 177 -50.93 16.98 32.48
C GLY L 177 -49.95 15.86 32.75
N VAL L 178 -50.24 14.98 33.70
CA VAL L 178 -49.35 13.87 34.01
C VAL L 178 -49.63 12.73 33.04
N HIS L 179 -48.56 12.04 32.61
CA HIS L 179 -48.68 10.94 31.68
C HIS L 179 -47.60 9.92 32.04
N THR L 180 -48.04 8.72 32.43
CA THR L 180 -47.13 7.63 32.79
C THR L 180 -47.15 6.59 31.67
N PHE L 181 -45.99 6.35 31.06
CA PHE L 181 -45.89 5.39 29.99
C PHE L 181 -45.79 3.96 30.54
N PRO L 182 -46.20 2.97 29.75
CA PRO L 182 -46.03 1.57 30.18
C PRO L 182 -44.55 1.21 30.30
N ALA L 183 -44.31 0.02 30.83
CA ALA L 183 -42.96 -0.42 31.14
C ALA L 183 -42.34 -1.19 29.98
N VAL L 184 -41.03 -1.33 30.03
CA VAL L 184 -40.26 -2.09 29.06
C VAL L 184 -39.57 -3.25 29.77
N LEU L 185 -39.57 -4.42 29.14
CA LEU L 185 -38.97 -5.62 29.72
C LEU L 185 -37.67 -5.90 28.96
N GLN L 186 -36.56 -5.38 29.50
CA GLN L 186 -35.26 -5.55 28.86
C GLN L 186 -34.77 -6.98 29.04
N SER L 187 -33.69 -7.31 28.31
CA SER L 187 -33.15 -8.67 28.34
C SER L 187 -32.69 -9.09 29.72
N SER L 188 -32.40 -8.13 30.61
CA SER L 188 -32.08 -8.46 31.98
C SER L 188 -33.27 -8.99 32.76
N GLY L 189 -34.48 -8.90 32.20
CA GLY L 189 -35.67 -9.32 32.92
C GLY L 189 -36.19 -8.30 33.90
N LEU L 190 -35.81 -7.04 33.77
CA LEU L 190 -36.20 -5.99 34.70
C LEU L 190 -37.03 -4.95 33.98
N TYR L 191 -37.88 -4.26 34.73
CA TYR L 191 -38.78 -3.27 34.17
C TYR L 191 -38.24 -1.85 34.36
N SER L 192 -38.78 -0.95 33.55
CA SER L 192 -38.42 0.46 33.60
C SER L 192 -39.51 1.27 32.92
N LEU L 193 -39.84 2.41 33.50
CA LEU L 193 -40.87 3.28 32.93
C LEU L 193 -40.57 4.72 33.29
N SER L 194 -41.05 5.64 32.44
CA SER L 194 -40.83 7.07 32.61
C SER L 194 -42.18 7.77 32.78
N SER L 195 -42.24 8.71 33.71
CA SER L 195 -43.45 9.50 33.93
C SER L 195 -43.13 10.96 33.62
N VAL L 196 -43.93 11.55 32.73
CA VAL L 196 -43.68 12.91 32.23
C VAL L 196 -44.93 13.76 32.45
N VAL L 197 -44.74 14.95 33.00
CA VAL L 197 -45.82 15.89 33.23
C VAL L 197 -45.58 17.14 32.39
N THR L 198 -46.65 17.68 31.83
CA THR L 198 -46.61 18.92 31.07
C THR L 198 -46.98 20.06 32.00
N VAL L 199 -46.10 21.04 32.14
CA VAL L 199 -46.28 22.12 33.09
C VAL L 199 -46.11 23.45 32.36
N PRO L 200 -46.66 24.53 32.92
CA PRO L 200 -46.36 25.86 32.38
C PRO L 200 -44.87 26.18 32.52
N SER L 201 -44.33 26.90 31.52
CA SER L 201 -42.91 27.23 31.55
C SER L 201 -42.62 28.34 32.55
N SER L 202 -43.56 29.26 32.77
CA SER L 202 -43.32 30.35 33.70
C SER L 202 -43.39 29.89 35.15
N SER L 203 -44.15 28.83 35.43
CA SER L 203 -44.30 28.34 36.79
C SER L 203 -43.13 27.49 37.25
N LEU L 204 -42.16 27.21 36.38
CA LEU L 204 -41.03 26.39 36.76
C LEU L 204 -40.18 27.05 37.85
N GLY L 205 -40.07 28.38 37.82
CA GLY L 205 -39.26 29.07 38.81
C GLY L 205 -39.89 29.22 40.17
N THR L 206 -41.23 29.11 40.26
CA THR L 206 -41.93 29.31 41.51
C THR L 206 -42.52 28.04 42.11
N GLN L 207 -42.94 27.09 41.29
CA GLN L 207 -43.56 25.86 41.76
C GLN L 207 -42.54 24.74 41.83
N THR L 208 -42.55 24.00 42.93
CA THR L 208 -41.66 22.86 43.14
C THR L 208 -42.38 21.59 42.73
N TYR L 209 -41.72 20.79 41.88
CA TYR L 209 -42.29 19.55 41.35
C TYR L 209 -41.49 18.38 41.89
N ILE L 210 -42.18 17.47 42.59
CA ILE L 210 -41.57 16.29 43.19
C ILE L 210 -42.32 15.06 42.70
N CYS L 211 -41.58 14.08 42.20
CA CYS L 211 -42.17 12.81 41.78
C CYS L 211 -41.96 11.78 42.89
N ASN L 212 -43.03 11.07 43.23
CA ASN L 212 -43.04 10.09 44.31
C ASN L 212 -43.20 8.70 43.70
N VAL L 213 -42.25 7.83 43.96
CA VAL L 213 -42.25 6.47 43.44
C VAL L 213 -42.36 5.51 44.62
N ASN L 214 -43.39 4.67 44.60
CA ASN L 214 -43.62 3.69 45.65
C ASN L 214 -43.62 2.30 45.01
N HIS L 215 -42.80 1.42 45.58
CA HIS L 215 -42.60 0.05 45.11
C HIS L 215 -42.91 -0.87 46.29
N LYS L 216 -44.09 -1.49 46.24
CA LYS L 216 -44.54 -2.37 47.32
C LYS L 216 -43.65 -3.61 47.49
N PRO L 217 -43.29 -4.35 46.44
CA PRO L 217 -42.55 -5.61 46.68
C PRO L 217 -41.24 -5.44 47.42
N SER L 218 -40.57 -4.29 47.27
CA SER L 218 -39.29 -4.06 47.95
C SER L 218 -39.41 -3.02 49.06
N ASN L 219 -40.62 -2.54 49.34
CA ASN L 219 -40.84 -1.50 50.36
C ASN L 219 -39.97 -0.27 50.07
N THR L 220 -39.88 0.11 48.80
CA THR L 220 -38.99 1.17 48.37
C THR L 220 -39.81 2.40 48.02
N LYS L 221 -39.70 3.45 48.83
CA LYS L 221 -40.45 4.69 48.63
C LYS L 221 -39.46 5.84 48.51
N VAL L 222 -39.43 6.49 47.35
CA VAL L 222 -38.46 7.53 47.06
C VAL L 222 -39.18 8.75 46.49
N ASP L 223 -38.89 9.92 47.06
CA ASP L 223 -39.44 11.19 46.59
C ASP L 223 -38.30 12.04 46.07
N LYS L 224 -38.39 12.50 44.82
CA LYS L 224 -37.30 13.22 44.20
C LYS L 224 -37.78 14.49 43.51
N ARG L 225 -37.03 15.58 43.70
CA ARG L 225 -37.31 16.83 43.01
C ARG L 225 -36.84 16.77 41.56
N VAL L 226 -37.51 17.54 40.72
CA VAL L 226 -37.03 17.81 39.36
C VAL L 226 -36.39 19.19 39.40
N GLU L 227 -35.08 19.25 39.18
CA GLU L 227 -34.32 20.47 39.42
C GLU L 227 -33.46 20.79 38.21
N PRO L 228 -33.53 22.02 37.69
CA PRO L 228 -32.57 22.43 36.66
C PRO L 228 -31.15 22.39 37.22
N LYS L 229 -30.21 21.96 36.40
CA LYS L 229 -28.85 21.70 36.87
C LYS L 229 -27.92 21.73 35.67
N SER L 230 -26.66 21.30 35.89
CA SER L 230 -25.60 21.16 34.89
C SER L 230 -24.99 22.52 34.55
N CYS L 231 -23.66 22.55 34.40
CA CYS L 231 -22.94 23.78 34.10
C CYS L 231 -22.59 23.87 32.62
#